data_6T1W
#
_entry.id   6T1W
#
_cell.length_a   158.840
_cell.length_b   142.530
_cell.length_c   116.420
_cell.angle_alpha   90.000
_cell.angle_beta   102.610
_cell.angle_gamma   90.000
#
_symmetry.space_group_name_H-M   'C 1 2 1'
#
loop_
_entity.id
_entity.type
_entity.pdbx_description
1 polymer 'Outer membrane protein assembly factor BamA'
2 polymer 'Outer membrane lipoprotein RcsF'
#
loop_
_entity_poly.entity_id
_entity_poly.type
_entity_poly.pdbx_seq_one_letter_code
_entity_poly.pdbx_strand_id
1 'polypeptide(L)'
;MAMKKLLIASLLFSSATVYGAEGFVVKDIHFEGLQRVAVGAALLSMPVRTGDTVNDEDISNTIRALFATGNFEDVRVLRD
GDTLLVQVKERPTIASITFSGNKSVKDDMLKQNLEASGVRVGESLDRTTIADIEKGLEDFYYSVGKYSASVKAVVTPLPR
NRVDLKLVFQEGVSAEIQQINIVGNHAFTTDELISHFQLRDEVPWWNVVGDRKYQKQKLAGDLETLRSYYLDRGYARFNI
DSTQVSLTPDKKGIYVTVNITEGDQYKLSGVEVSGNLAGHSAEIEQLTKIEPGELYNGTKVTKMEDDIKKLLGRYGYAYP
RVQSMPEINDADKTVKLRVNVDAGNRFYVRKIRFEGNDTSKDAVLRREMRQMEGAWLGSDLVDQGKERLNRLGFFETVDT
DTQRVPGSPDQVDVVYKVKERNTGSFNFGIGYGTESGVSFQAGVQQDNWLGTGYAVGINGTKNDYQTYAELSVTNPYFTV
DGVSLGGRLFYNDFQADDADLSDYTNKSYGTDVTLGFPINEYNSLRAGLGYVHNSLSNMQPQVAMWRYLYSMGEHPSTSD
QDNSFKTDDFTFNYGWTYNKLDRGYFPTDGSRVNLTGKVTIPGSDNEYYKVTLDTATYVPIDDDHKWVVLGRTRWGYGDG
LGGKEMPFYENFYAGGSSTVRGFQSNTIGPKAVYFPHQASNYDPDYDYECATQDGAKDLCKSDDAVGGNAMAVASLEFIT
PTPFISDKYANSVRTSFFWDMGTVWDTNWDSSQYSGYPDYSDPSNIRMSAGIALQWMSPLGPLVFSYAQPFKKYDGDKAE
QFQFNIGKTW
;
A,B
2 'polypeptide(L)'
;MRALPICLVALMLSGCSMLSRSPVEPVQSTAPQPKAEPAKPKAPRATPVRIYTNAEELVGKPFRDLGEVSGDSCQASNQD
SPPSIPTARKRMQINASKMKANAVLLHSCEVTSGTPGCYRQAVCIGSALNITAK
;
C,D
#
# COMPACT_ATOMS: atom_id res chain seq x y z
N PHE A 24 -84.53 -13.19 -78.89
CA PHE A 24 -84.96 -14.48 -78.37
C PHE A 24 -85.82 -14.32 -77.12
N VAL A 25 -87.07 -14.79 -77.20
CA VAL A 25 -88.00 -14.71 -76.08
C VAL A 25 -87.66 -15.78 -75.06
N VAL A 26 -87.42 -15.35 -73.81
CA VAL A 26 -87.12 -16.23 -72.68
C VAL A 26 -88.39 -16.42 -71.84
N LYS A 27 -88.92 -17.64 -71.80
CA LYS A 27 -90.11 -17.90 -70.98
C LYS A 27 -89.73 -18.74 -69.73
N ASP A 28 -88.46 -19.19 -69.66
CA ASP A 28 -87.88 -19.92 -68.52
C ASP A 28 -86.39 -19.74 -68.41
N ILE A 29 -85.93 -19.65 -67.17
CA ILE A 29 -84.52 -19.54 -66.83
C ILE A 29 -84.18 -20.55 -65.77
N HIS A 30 -83.10 -21.29 -65.98
CA HIS A 30 -82.65 -22.17 -64.92
C HIS A 30 -81.15 -22.13 -64.77
N PHE A 31 -80.71 -22.32 -63.53
CA PHE A 31 -79.33 -22.25 -63.09
C PHE A 31 -78.87 -23.61 -62.56
N GLU A 32 -77.69 -24.03 -63.00
CA GLU A 32 -77.10 -25.31 -62.68
C GLU A 32 -75.75 -25.21 -61.99
N GLY A 33 -75.61 -25.89 -60.86
CA GLY A 33 -74.38 -25.91 -60.09
C GLY A 33 -74.36 -24.96 -58.90
N LEU A 34 -75.49 -24.22 -58.68
CA LEU A 34 -75.60 -23.28 -57.55
C LEU A 34 -75.69 -24.03 -56.24
N GLN A 35 -74.94 -23.59 -55.22
CA GLN A 35 -74.85 -24.23 -53.92
C GLN A 35 -74.95 -23.19 -52.83
N ARG A 36 -73.84 -22.46 -52.59
CA ARG A 36 -73.61 -21.40 -51.60
C ARG A 36 -74.13 -20.01 -51.99
N VAL A 37 -74.63 -19.91 -53.25
CA VAL A 37 -75.26 -18.78 -53.92
C VAL A 37 -76.65 -19.20 -54.37
N ALA A 38 -77.63 -18.52 -53.81
CA ALA A 38 -79.04 -18.76 -53.99
C ALA A 38 -79.44 -18.23 -55.31
N VAL A 39 -80.63 -18.63 -55.71
CA VAL A 39 -81.22 -18.22 -56.97
C VAL A 39 -81.38 -16.73 -57.02
N GLY A 40 -82.04 -16.17 -55.99
CA GLY A 40 -82.33 -14.76 -55.81
C GLY A 40 -81.21 -13.85 -56.19
N ALA A 41 -80.00 -14.21 -55.78
CA ALA A 41 -78.77 -13.49 -56.07
C ALA A 41 -78.58 -13.43 -57.57
N ALA A 42 -78.36 -14.59 -58.16
CA ALA A 42 -78.16 -14.72 -59.57
C ALA A 42 -79.28 -14.03 -60.38
N LEU A 43 -80.57 -14.34 -60.10
CA LEU A 43 -81.77 -13.89 -60.83
C LEU A 43 -81.71 -12.44 -61.39
N LEU A 44 -81.27 -11.51 -60.54
CA LEU A 44 -81.20 -10.07 -60.76
C LEU A 44 -79.78 -9.60 -61.09
N SER A 45 -78.75 -10.23 -60.46
CA SER A 45 -77.36 -9.85 -60.71
C SER A 45 -76.84 -10.50 -62.02
N MET A 46 -77.67 -10.33 -63.06
CA MET A 46 -77.57 -10.68 -64.47
C MET A 46 -78.66 -9.85 -65.18
N PRO A 47 -78.31 -9.16 -66.27
CA PRO A 47 -79.27 -8.29 -66.96
C PRO A 47 -80.52 -8.96 -67.51
N VAL A 48 -80.39 -10.18 -68.03
CA VAL A 48 -81.53 -10.92 -68.58
C VAL A 48 -82.47 -11.38 -67.45
N ARG A 49 -83.77 -11.56 -67.76
CA ARG A 49 -84.81 -12.01 -66.83
C ARG A 49 -85.90 -12.75 -67.61
N THR A 50 -86.73 -13.55 -66.91
CA THR A 50 -87.83 -14.31 -67.53
C THR A 50 -88.83 -13.33 -68.16
N GLY A 51 -89.10 -13.53 -69.44
CA GLY A 51 -90.02 -12.68 -70.21
C GLY A 51 -89.31 -11.67 -71.09
N ASP A 52 -87.97 -11.61 -71.02
CA ASP A 52 -87.16 -10.66 -71.81
C ASP A 52 -86.69 -11.20 -73.17
N THR A 53 -86.46 -10.28 -74.13
CA THR A 53 -85.98 -10.62 -75.47
C THR A 53 -84.46 -10.49 -75.43
N VAL A 54 -83.76 -11.57 -75.82
CA VAL A 54 -82.30 -11.67 -75.72
C VAL A 54 -81.56 -11.80 -77.05
N ASN A 55 -80.42 -11.10 -77.17
CA ASN A 55 -79.53 -11.16 -78.32
C ASN A 55 -78.18 -11.64 -77.81
N ASP A 56 -77.20 -11.77 -78.71
CA ASP A 56 -75.85 -12.19 -78.34
C ASP A 56 -75.08 -11.09 -77.57
N GLU A 57 -75.53 -9.82 -77.64
CA GLU A 57 -74.96 -8.71 -76.87
C GLU A 57 -75.24 -9.00 -75.37
N ASP A 58 -76.48 -9.42 -75.08
CA ASP A 58 -76.95 -9.75 -73.75
C ASP A 58 -76.32 -11.04 -73.24
N ILE A 59 -75.58 -11.79 -74.08
CA ILE A 59 -74.86 -12.99 -73.66
C ILE A 59 -73.59 -12.61 -72.93
N SER A 60 -72.72 -11.81 -73.60
CA SER A 60 -71.42 -11.39 -73.11
C SER A 60 -71.47 -10.13 -72.24
N ASN A 61 -72.67 -9.85 -71.79
CA ASN A 61 -73.01 -8.88 -70.78
C ASN A 61 -73.42 -9.75 -69.59
N THR A 62 -74.37 -10.70 -69.78
CA THR A 62 -74.84 -11.62 -68.73
C THR A 62 -73.70 -12.40 -68.16
N ILE A 63 -72.91 -13.04 -69.03
CA ILE A 63 -71.74 -13.83 -68.63
C ILE A 63 -70.74 -12.96 -67.87
N ARG A 64 -70.33 -11.83 -68.46
CA ARG A 64 -69.34 -10.92 -67.87
C ARG A 64 -69.88 -10.34 -66.54
N ALA A 65 -71.22 -10.21 -66.42
CA ALA A 65 -71.90 -9.74 -65.23
C ALA A 65 -71.85 -10.83 -64.13
N LEU A 66 -72.26 -12.09 -64.45
CA LEU A 66 -72.20 -13.21 -63.51
C LEU A 66 -70.76 -13.55 -63.15
N PHE A 67 -69.81 -13.35 -64.09
CA PHE A 67 -68.39 -13.56 -63.84
C PHE A 67 -67.94 -12.50 -62.89
N ALA A 68 -68.42 -11.27 -63.12
CA ALA A 68 -68.14 -10.12 -62.27
C ALA A 68 -68.93 -10.17 -60.95
N THR A 69 -69.54 -11.36 -60.57
CA THR A 69 -70.18 -11.57 -59.24
C THR A 69 -69.03 -11.96 -58.27
N GLY A 70 -67.94 -12.54 -58.85
CA GLY A 70 -66.71 -12.99 -58.18
C GLY A 70 -66.95 -14.16 -57.24
N ASN A 71 -67.97 -14.98 -57.62
CA ASN A 71 -68.45 -16.13 -56.86
C ASN A 71 -68.46 -17.45 -57.69
N PHE A 72 -68.04 -17.39 -58.98
CA PHE A 72 -68.10 -18.56 -59.85
C PHE A 72 -66.77 -19.06 -60.44
N GLU A 73 -66.38 -20.31 -60.14
CA GLU A 73 -65.14 -20.85 -60.69
C GLU A 73 -65.14 -20.73 -62.22
N ASP A 74 -66.30 -20.95 -62.82
CA ASP A 74 -66.48 -20.87 -64.27
C ASP A 74 -67.97 -20.60 -64.58
N VAL A 75 -68.29 -20.01 -65.78
CA VAL A 75 -69.66 -19.67 -66.23
C VAL A 75 -69.89 -19.96 -67.71
N ARG A 76 -71.10 -20.49 -68.00
CA ARG A 76 -71.61 -20.76 -69.34
C ARG A 76 -73.13 -20.46 -69.36
N VAL A 77 -73.52 -19.37 -70.03
CA VAL A 77 -74.91 -18.95 -70.13
C VAL A 77 -75.36 -19.15 -71.55
N LEU A 78 -76.26 -20.10 -71.81
CA LEU A 78 -76.69 -20.22 -73.20
C LEU A 78 -78.15 -20.66 -73.35
N ARG A 79 -78.61 -20.52 -74.59
CA ARG A 79 -79.96 -20.77 -75.02
C ARG A 79 -80.30 -22.22 -75.33
N ASP A 80 -81.43 -22.64 -74.78
CA ASP A 80 -82.12 -23.88 -75.05
C ASP A 80 -83.32 -23.39 -75.91
N GLY A 81 -83.93 -24.28 -76.71
CA GLY A 81 -85.03 -23.97 -77.62
C GLY A 81 -85.93 -22.83 -77.18
N ASP A 82 -86.46 -22.95 -75.96
CA ASP A 82 -87.31 -21.95 -75.33
C ASP A 82 -86.67 -21.47 -74.02
N THR A 83 -85.96 -22.36 -73.30
CA THR A 83 -85.32 -22.08 -72.01
C THR A 83 -83.95 -21.35 -72.13
N LEU A 84 -83.62 -20.53 -71.14
CA LEU A 84 -82.30 -19.90 -71.09
C LEU A 84 -81.55 -20.54 -69.92
N LEU A 85 -80.53 -21.37 -70.22
CA LEU A 85 -79.86 -22.07 -69.13
C LEU A 85 -78.46 -21.57 -68.75
N VAL A 86 -78.24 -21.46 -67.42
CA VAL A 86 -77.04 -21.00 -66.74
C VAL A 86 -76.30 -22.18 -66.16
N GLN A 87 -75.13 -22.48 -66.71
CA GLN A 87 -74.26 -23.56 -66.24
C GLN A 87 -73.06 -22.97 -65.54
N VAL A 88 -73.04 -23.16 -64.21
CA VAL A 88 -72.13 -22.60 -63.22
C VAL A 88 -71.30 -23.63 -62.45
N LYS A 89 -70.15 -23.16 -61.96
CA LYS A 89 -69.25 -23.89 -61.10
C LYS A 89 -68.92 -22.84 -60.03
N GLU A 90 -69.23 -23.08 -58.76
CA GLU A 90 -68.98 -22.03 -57.78
C GLU A 90 -67.55 -22.09 -57.34
N ARG A 91 -66.99 -20.95 -56.89
CA ARG A 91 -65.61 -20.92 -56.43
C ARG A 91 -65.46 -21.76 -55.17
N PRO A 92 -64.27 -22.30 -54.92
CA PRO A 92 -64.10 -23.11 -53.72
C PRO A 92 -64.01 -22.23 -52.48
N THR A 93 -64.84 -22.49 -51.47
CA THR A 93 -64.83 -21.69 -50.26
C THR A 93 -63.73 -22.14 -49.30
N ILE A 94 -62.87 -21.23 -48.89
CA ILE A 94 -61.78 -21.52 -47.97
C ILE A 94 -62.37 -21.95 -46.61
N ALA A 95 -61.84 -23.09 -46.10
CA ALA A 95 -62.20 -23.72 -44.84
C ALA A 95 -61.14 -23.44 -43.81
N SER A 96 -59.88 -23.31 -44.25
CA SER A 96 -58.76 -23.02 -43.36
C SER A 96 -57.55 -22.68 -44.16
N ILE A 97 -56.66 -21.87 -43.55
CA ILE A 97 -55.39 -21.49 -44.17
C ILE A 97 -54.31 -21.89 -43.18
N THR A 98 -53.57 -22.92 -43.57
CA THR A 98 -52.51 -23.55 -42.77
C THR A 98 -51.09 -23.18 -43.25
N PHE A 99 -50.13 -23.00 -42.32
CA PHE A 99 -48.76 -22.63 -42.72
C PHE A 99 -47.71 -23.55 -42.13
N SER A 100 -46.75 -23.91 -43.00
CA SER A 100 -45.63 -24.81 -42.70
C SER A 100 -44.33 -24.28 -43.26
N GLY A 101 -43.32 -24.21 -42.40
CA GLY A 101 -41.99 -23.75 -42.77
C GLY A 101 -41.68 -22.32 -42.36
N ASN A 102 -42.70 -21.60 -41.87
CA ASN A 102 -42.54 -20.23 -41.42
C ASN A 102 -42.02 -20.18 -39.96
N LYS A 103 -40.69 -20.30 -39.81
CA LYS A 103 -40.02 -20.25 -38.50
C LYS A 103 -40.05 -18.83 -37.95
N SER A 104 -39.73 -17.84 -38.80
CA SER A 104 -39.66 -16.45 -38.40
C SER A 104 -41.04 -15.82 -38.12
N VAL A 105 -41.84 -15.58 -39.17
CA VAL A 105 -43.15 -14.93 -39.12
C VAL A 105 -44.18 -15.73 -38.33
N LYS A 106 -44.84 -15.04 -37.38
CA LYS A 106 -45.91 -15.64 -36.59
C LYS A 106 -47.05 -16.06 -37.50
N ASP A 107 -47.69 -17.17 -37.16
CA ASP A 107 -48.81 -17.73 -37.91
C ASP A 107 -50.01 -16.74 -37.99
N ASP A 108 -50.27 -15.98 -36.90
CA ASP A 108 -51.33 -14.97 -36.87
C ASP A 108 -50.96 -13.76 -37.73
N MET A 109 -49.68 -13.35 -37.67
CA MET A 109 -49.09 -12.23 -38.42
C MET A 109 -49.24 -12.52 -39.92
N LEU A 110 -48.90 -13.75 -40.29
CA LEU A 110 -48.99 -14.25 -41.64
C LEU A 110 -50.47 -14.31 -42.10
N LYS A 111 -51.36 -14.68 -41.17
CA LYS A 111 -52.79 -14.70 -41.43
C LYS A 111 -53.26 -13.27 -41.64
N GLN A 112 -52.76 -12.35 -40.79
CA GLN A 112 -53.08 -10.92 -40.82
C GLN A 112 -52.84 -10.32 -42.19
N ASN A 113 -51.65 -10.58 -42.80
CA ASN A 113 -51.30 -10.10 -44.15
C ASN A 113 -52.30 -10.61 -45.19
N LEU A 114 -52.65 -11.88 -45.06
CA LEU A 114 -53.55 -12.54 -45.98
C LEU A 114 -54.96 -11.99 -45.95
N GLU A 115 -55.50 -11.76 -44.73
CA GLU A 115 -56.84 -11.19 -44.49
C GLU A 115 -56.99 -9.84 -45.18
N ALA A 116 -55.90 -9.05 -45.18
CA ALA A 116 -55.86 -7.74 -45.81
C ALA A 116 -55.89 -7.88 -47.33
N SER A 117 -55.08 -8.81 -47.89
CA SER A 117 -55.02 -9.08 -49.34
C SER A 117 -56.41 -9.41 -49.94
N GLY A 118 -57.23 -10.12 -49.16
CA GLY A 118 -58.58 -10.57 -49.51
C GLY A 118 -58.87 -12.04 -49.20
N VAL A 119 -57.81 -12.79 -48.91
CA VAL A 119 -57.85 -14.21 -48.59
C VAL A 119 -57.98 -14.41 -47.08
N ARG A 120 -59.13 -14.94 -46.69
CA ARG A 120 -59.43 -15.32 -45.32
C ARG A 120 -60.47 -16.43 -45.33
N VAL A 121 -60.56 -17.18 -44.24
CA VAL A 121 -61.51 -18.27 -44.07
C VAL A 121 -62.93 -17.72 -44.28
N GLY A 122 -63.70 -18.41 -45.09
CA GLY A 122 -65.04 -17.97 -45.43
C GLY A 122 -65.05 -17.33 -46.80
N GLU A 123 -63.94 -16.69 -47.18
CA GLU A 123 -63.87 -16.10 -48.50
C GLU A 123 -63.72 -17.25 -49.46
N SER A 124 -64.24 -17.06 -50.67
CA SER A 124 -64.18 -18.03 -51.77
C SER A 124 -62.93 -17.65 -52.60
N LEU A 125 -61.96 -18.60 -52.75
CA LEU A 125 -60.67 -18.32 -53.38
C LEU A 125 -60.70 -18.23 -54.89
N ASP A 126 -59.88 -17.31 -55.36
CA ASP A 126 -59.69 -17.10 -56.76
C ASP A 126 -58.42 -17.82 -57.13
N ARG A 127 -58.61 -18.97 -57.76
CA ARG A 127 -57.55 -19.87 -58.20
C ARG A 127 -56.62 -19.25 -59.26
N THR A 128 -56.83 -17.96 -59.60
CA THR A 128 -56.01 -17.21 -60.54
C THR A 128 -55.02 -16.31 -59.78
N THR A 129 -55.31 -16.02 -58.52
CA THR A 129 -54.53 -15.12 -57.71
C THR A 129 -53.52 -15.76 -56.80
N ILE A 130 -53.48 -17.11 -56.73
CA ILE A 130 -52.52 -17.86 -55.89
C ILE A 130 -51.09 -17.36 -56.13
N ALA A 131 -50.75 -17.17 -57.42
CA ALA A 131 -49.47 -16.65 -57.88
C ALA A 131 -49.25 -15.29 -57.23
N ASP A 132 -50.28 -14.43 -57.30
CA ASP A 132 -50.27 -13.09 -56.76
C ASP A 132 -50.20 -13.10 -55.23
N ILE A 133 -50.81 -14.10 -54.61
CA ILE A 133 -50.76 -14.29 -53.16
C ILE A 133 -49.31 -14.64 -52.82
N GLU A 134 -48.70 -15.53 -53.64
CA GLU A 134 -47.31 -15.95 -53.47
C GLU A 134 -46.37 -14.77 -53.56
N LYS A 135 -46.46 -13.98 -54.66
CA LYS A 135 -45.66 -12.78 -54.84
C LYS A 135 -45.75 -11.91 -53.59
N GLY A 136 -46.99 -11.73 -53.11
CA GLY A 136 -47.34 -10.92 -51.94
C GLY A 136 -46.72 -11.36 -50.63
N LEU A 137 -46.85 -12.65 -50.30
CA LEU A 137 -46.26 -13.17 -49.08
C LEU A 137 -44.74 -13.07 -49.20
N GLU A 138 -44.22 -13.41 -50.40
CA GLU A 138 -42.80 -13.31 -50.71
C GLU A 138 -42.35 -11.88 -50.47
N ASP A 139 -43.19 -10.90 -50.91
CA ASP A 139 -42.99 -9.46 -50.75
C ASP A 139 -42.88 -9.12 -49.27
N PHE A 140 -43.83 -9.61 -48.44
CA PHE A 140 -43.80 -9.36 -47.01
C PHE A 140 -42.52 -9.86 -46.40
N TYR A 141 -42.03 -11.01 -46.86
CA TYR A 141 -40.87 -11.64 -46.31
C TYR A 141 -39.59 -10.80 -46.30
N TYR A 142 -39.60 -9.61 -46.88
CA TYR A 142 -38.47 -8.72 -46.76
C TYR A 142 -38.42 -8.10 -45.36
N SER A 143 -39.53 -8.15 -44.59
CA SER A 143 -39.66 -7.60 -43.22
C SER A 143 -38.44 -7.86 -42.34
N VAL A 144 -37.91 -9.08 -42.43
CA VAL A 144 -36.71 -9.51 -41.75
C VAL A 144 -35.80 -10.08 -42.87
N GLY A 145 -34.52 -10.35 -42.56
CA GLY A 145 -33.42 -10.81 -43.41
C GLY A 145 -33.61 -11.58 -44.71
N LYS A 146 -34.74 -12.26 -44.88
CA LYS A 146 -35.04 -13.10 -46.03
C LYS A 146 -35.53 -12.30 -47.25
N TYR A 147 -34.58 -11.76 -48.02
CA TYR A 147 -34.89 -10.99 -49.21
C TYR A 147 -35.26 -11.85 -50.42
N SER A 148 -35.33 -13.17 -50.23
CA SER A 148 -35.69 -14.15 -51.24
C SER A 148 -35.98 -15.46 -50.55
N ALA A 149 -37.03 -16.12 -51.00
CA ALA A 149 -37.51 -17.38 -50.46
C ALA A 149 -38.55 -17.88 -51.45
N SER A 150 -39.12 -19.07 -51.21
CA SER A 150 -40.16 -19.62 -52.09
C SER A 150 -41.37 -20.11 -51.30
N VAL A 151 -42.53 -19.58 -51.64
CA VAL A 151 -43.77 -19.92 -50.97
C VAL A 151 -44.65 -20.74 -51.90
N LYS A 152 -45.07 -21.91 -51.44
CA LYS A 152 -45.86 -22.81 -52.24
C LYS A 152 -47.24 -23.06 -51.70
N ALA A 153 -48.19 -22.99 -52.62
CA ALA A 153 -49.60 -23.19 -52.39
C ALA A 153 -50.09 -24.61 -52.61
N VAL A 154 -50.54 -25.18 -51.53
CA VAL A 154 -51.19 -26.46 -51.53
C VAL A 154 -52.66 -26.09 -51.47
N VAL A 155 -53.44 -26.47 -52.46
CA VAL A 155 -54.86 -26.11 -52.42
C VAL A 155 -55.76 -27.30 -52.37
N THR A 156 -55.60 -28.07 -51.29
CA THR A 156 -56.25 -29.33 -50.97
C THR A 156 -57.76 -29.25 -50.97
N PRO A 157 -58.49 -30.13 -51.69
CA PRO A 157 -59.97 -30.01 -51.66
C PRO A 157 -60.57 -30.70 -50.45
N LEU A 158 -61.81 -30.31 -50.13
CA LEU A 158 -62.53 -30.86 -48.99
C LEU A 158 -63.98 -31.18 -49.29
N PRO A 159 -64.82 -31.29 -48.19
CA PRO A 159 -66.20 -31.66 -48.52
C PRO A 159 -66.96 -30.66 -49.38
N ARG A 160 -68.12 -31.09 -49.85
CA ARG A 160 -68.98 -30.26 -50.67
C ARG A 160 -68.15 -29.56 -51.72
N ASN A 161 -67.78 -28.31 -51.44
CA ASN A 161 -66.96 -27.52 -52.35
C ASN A 161 -66.19 -26.52 -51.54
N ARG A 162 -65.49 -27.05 -50.57
CA ARG A 162 -64.64 -26.34 -49.64
C ARG A 162 -63.16 -26.64 -49.94
N VAL A 163 -62.25 -25.86 -49.37
CA VAL A 163 -60.86 -26.02 -49.71
C VAL A 163 -59.97 -25.59 -48.57
N ASP A 164 -58.84 -26.27 -48.42
CA ASP A 164 -57.85 -25.97 -47.42
C ASP A 164 -56.64 -25.48 -48.20
N LEU A 165 -56.27 -24.23 -47.97
CA LEU A 165 -55.13 -23.67 -48.66
C LEU A 165 -53.94 -23.65 -47.73
N LYS A 166 -53.09 -24.65 -47.88
CA LYS A 166 -51.88 -24.83 -47.11
C LYS A 166 -50.73 -24.08 -47.80
N LEU A 167 -49.86 -23.46 -46.99
CA LEU A 167 -48.74 -22.68 -47.49
C LEU A 167 -47.40 -23.13 -46.92
N VAL A 168 -46.54 -23.66 -47.81
CA VAL A 168 -45.20 -24.16 -47.48
C VAL A 168 -44.17 -23.11 -47.81
N PHE A 169 -43.46 -22.67 -46.77
CA PHE A 169 -42.44 -21.62 -46.82
C PHE A 169 -41.02 -22.17 -46.85
N GLN A 170 -40.26 -21.82 -47.92
CA GLN A 170 -38.85 -22.20 -48.07
C GLN A 170 -38.02 -20.95 -47.73
N GLU A 171 -37.89 -20.67 -46.42
CA GLU A 171 -37.24 -19.47 -45.95
C GLU A 171 -35.82 -19.69 -45.50
N GLY A 172 -34.94 -19.01 -46.19
CA GLY A 172 -33.54 -18.98 -45.87
C GLY A 172 -33.21 -17.60 -45.37
N VAL A 173 -32.25 -17.49 -44.46
CA VAL A 173 -31.84 -16.20 -43.91
C VAL A 173 -30.46 -15.81 -44.45
N ALA A 175 -29.34 -12.71 -44.87
CA ALA A 175 -28.66 -11.42 -44.99
C ALA A 175 -27.17 -11.61 -45.06
N GLU A 176 -26.50 -10.83 -45.92
CA GLU A 176 -25.04 -10.89 -46.11
C GLU A 176 -24.42 -9.53 -46.39
N ILE A 177 -23.15 -9.34 -46.02
CA ILE A 177 -22.41 -8.08 -46.23
C ILE A 177 -20.86 -8.20 -46.26
N GLN A 178 -20.22 -7.45 -47.19
CA GLN A 178 -18.77 -7.38 -47.37
C GLN A 178 -18.18 -6.04 -47.83
N GLN A 179 -18.99 -5.18 -48.49
CA GLN A 179 -18.54 -3.90 -49.03
C GLN A 179 -19.35 -2.76 -48.39
N ILE A 180 -18.61 -1.85 -47.72
CA ILE A 180 -19.08 -0.62 -47.06
C ILE A 180 -18.27 0.51 -47.73
N ASN A 181 -18.92 1.28 -48.63
CA ASN A 181 -18.24 2.33 -49.38
C ASN A 181 -18.80 3.73 -49.16
N ILE A 182 -17.89 4.71 -49.22
CA ILE A 182 -18.18 6.12 -49.04
C ILE A 182 -17.83 6.90 -50.30
N VAL A 183 -18.79 7.68 -50.79
CA VAL A 183 -18.66 8.54 -51.97
C VAL A 183 -18.84 10.01 -51.51
N GLY A 184 -18.09 10.93 -52.12
CA GLY A 184 -18.16 12.35 -51.79
C GLY A 184 -17.15 12.76 -50.72
N ASN A 185 -16.15 11.89 -50.49
CA ASN A 185 -15.08 12.10 -49.54
C ASN A 185 -13.82 12.49 -50.27
N HIS A 186 -13.37 13.71 -50.04
CA HIS A 186 -12.16 14.24 -50.66
C HIS A 186 -11.14 14.54 -49.59
N ALA A 187 -11.62 14.73 -48.34
CA ALA A 187 -10.82 15.04 -47.16
C ALA A 187 -10.14 13.79 -46.62
N PHE A 188 -10.72 12.61 -46.86
CA PHE A 188 -10.18 11.34 -46.38
C PHE A 188 -10.40 10.24 -47.40
N THR A 189 -9.44 9.31 -47.50
CA THR A 189 -9.56 8.15 -48.39
C THR A 189 -10.60 7.24 -47.76
N THR A 190 -11.28 6.39 -48.55
CA THR A 190 -12.27 5.46 -47.97
C THR A 190 -11.58 4.50 -46.96
N ASP A 191 -10.43 3.92 -47.32
CA ASP A 191 -9.63 3.01 -46.49
C ASP A 191 -9.26 3.65 -45.15
N GLU A 192 -8.83 4.93 -45.18
CA GLU A 192 -8.43 5.76 -44.05
C GLU A 192 -9.59 5.96 -43.07
N LEU A 193 -10.83 5.87 -43.58
CA LEU A 193 -12.04 5.98 -42.79
C LEU A 193 -12.33 4.59 -42.19
N ILE A 194 -12.11 3.52 -43.00
CA ILE A 194 -12.28 2.11 -42.59
C ILE A 194 -11.29 1.75 -41.45
N SER A 195 -10.41 2.69 -41.06
CA SER A 195 -9.43 2.55 -39.99
C SER A 195 -10.07 2.18 -38.64
N HIS A 196 -11.27 2.67 -38.38
CA HIS A 196 -11.95 2.42 -37.12
C HIS A 196 -12.69 1.09 -37.05
N GLN A 215 -22.01 -8.79 -36.39
CA GLN A 215 -23.15 -8.98 -37.28
C GLN A 215 -23.79 -7.65 -37.71
N LYS A 216 -23.98 -7.47 -39.02
CA LYS A 216 -24.55 -6.25 -39.59
C LYS A 216 -25.96 -6.51 -40.15
N GLN A 217 -26.99 -6.15 -39.36
CA GLN A 217 -28.41 -6.30 -39.71
C GLN A 217 -29.11 -4.93 -39.64
N LYS A 218 -28.66 -4.11 -38.66
CA LYS A 218 -29.10 -2.76 -38.35
C LYS A 218 -27.94 -1.98 -37.70
N LEU A 219 -27.53 -0.87 -38.38
CA LEU A 219 -26.45 0.06 -38.03
C LEU A 219 -26.95 1.52 -37.97
N ALA A 220 -27.17 2.03 -36.73
CA ALA A 220 -27.66 3.38 -36.44
C ALA A 220 -26.66 4.21 -35.61
N GLY A 221 -26.20 3.65 -34.48
CA GLY A 221 -25.21 4.28 -33.61
C GLY A 221 -23.87 4.45 -34.31
N ASP A 222 -23.52 3.45 -35.14
CA ASP A 222 -22.30 3.38 -35.96
C ASP A 222 -22.25 4.53 -36.98
N LEU A 223 -23.41 4.87 -37.57
CA LEU A 223 -23.53 5.99 -38.51
C LEU A 223 -23.23 7.30 -37.79
N GLU A 224 -23.70 7.44 -36.54
CA GLU A 224 -23.45 8.61 -35.72
C GLU A 224 -21.97 8.69 -35.32
N THR A 225 -21.34 7.52 -35.08
CA THR A 225 -19.92 7.47 -34.75
C THR A 225 -19.12 7.96 -35.94
N LEU A 226 -19.44 7.50 -37.18
CA LEU A 226 -18.68 7.99 -38.34
C LEU A 226 -19.07 9.42 -38.73
N ARG A 227 -20.22 9.92 -38.26
CA ARG A 227 -20.61 11.32 -38.46
C ARG A 227 -19.64 12.17 -37.60
N SER A 228 -19.43 11.74 -36.33
CA SER A 228 -18.53 12.38 -35.37
C SER A 228 -17.09 12.41 -35.86
N TYR A 229 -16.66 11.42 -36.69
CA TYR A 229 -15.32 11.40 -37.28
C TYR A 229 -15.05 12.74 -37.95
N TYR A 230 -16.01 13.25 -38.72
CA TYR A 230 -15.87 14.54 -39.38
C TYR A 230 -15.97 15.71 -38.41
N LEU A 231 -16.95 15.68 -37.46
CA LEU A 231 -17.09 16.78 -36.49
C LEU A 231 -15.86 16.96 -35.60
N ASP A 232 -15.11 15.87 -35.35
CA ASP A 232 -13.88 15.89 -34.54
C ASP A 232 -12.71 16.57 -35.25
N ARG A 233 -12.76 16.65 -36.59
CA ARG A 233 -11.72 17.24 -37.42
C ARG A 233 -12.05 18.69 -37.89
N GLY A 234 -13.09 19.29 -37.32
CA GLY A 234 -13.46 20.67 -37.65
C GLY A 234 -14.57 20.86 -38.66
N TYR A 235 -15.12 19.76 -39.21
CA TYR A 235 -16.16 19.82 -40.22
C TYR A 235 -17.55 20.00 -39.58
N ALA A 236 -17.80 21.21 -39.04
CA ALA A 236 -19.08 21.54 -38.42
C ALA A 236 -20.20 21.58 -39.43
N ARG A 237 -19.90 21.94 -40.69
CA ARG A 237 -20.88 21.96 -41.76
C ARG A 237 -20.79 20.69 -42.61
N PHE A 238 -20.67 19.57 -41.91
CA PHE A 238 -20.67 18.24 -42.49
C PHE A 238 -22.11 17.72 -42.39
N ASN A 239 -22.62 17.09 -43.47
CA ASN A 239 -23.96 16.52 -43.47
C ASN A 239 -23.99 15.23 -44.26
N ILE A 240 -24.79 14.25 -43.78
CA ILE A 240 -25.01 12.98 -44.48
C ILE A 240 -26.32 13.15 -45.27
N ASP A 241 -26.20 13.22 -46.59
CA ASP A 241 -27.35 13.41 -47.46
C ASP A 241 -28.16 12.14 -47.61
N SER A 242 -27.50 10.98 -47.83
CA SER A 242 -28.23 9.72 -47.96
C SER A 242 -27.40 8.48 -47.65
N THR A 243 -28.09 7.33 -47.40
CA THR A 243 -27.51 6.00 -47.11
C THR A 243 -28.30 4.92 -47.87
N GLN A 244 -27.69 4.35 -48.93
CA GLN A 244 -28.30 3.33 -49.78
C GLN A 244 -27.84 1.92 -49.47
N VAL A 245 -28.79 0.98 -49.47
CA VAL A 245 -28.54 -0.44 -49.25
C VAL A 245 -28.80 -1.17 -50.57
N SER A 246 -27.72 -1.40 -51.33
CA SER A 246 -27.75 -2.09 -52.62
C SER A 246 -27.78 -3.61 -52.39
N LEU A 247 -28.28 -4.38 -53.38
CA LEU A 247 -28.43 -5.83 -53.24
C LEU A 247 -28.23 -6.65 -54.52
N THR A 248 -27.62 -7.85 -54.39
CA THR A 248 -27.38 -8.81 -55.47
C THR A 248 -28.59 -9.79 -55.62
N PRO A 249 -28.71 -10.62 -56.69
CA PRO A 249 -29.92 -11.44 -56.91
C PRO A 249 -30.48 -12.23 -55.73
N ASP A 250 -29.61 -12.85 -54.94
CA ASP A 250 -30.03 -13.67 -53.81
C ASP A 250 -30.30 -12.83 -52.54
N LYS A 251 -30.96 -13.41 -51.55
CA LYS A 251 -31.23 -12.69 -50.29
C LYS A 251 -29.96 -12.48 -49.46
N LYS A 252 -28.88 -13.13 -49.89
CA LYS A 252 -27.57 -13.09 -49.26
C LYS A 252 -26.51 -12.37 -50.14
N GLY A 253 -26.49 -11.04 -50.02
CA GLY A 253 -25.57 -10.16 -50.73
C GLY A 253 -26.00 -8.71 -50.62
N ILE A 254 -25.42 -7.96 -49.67
CA ILE A 254 -25.75 -6.54 -49.39
C ILE A 254 -24.51 -5.64 -49.52
N TYR A 255 -24.73 -4.44 -50.09
CA TYR A 255 -23.72 -3.40 -50.27
C TYR A 255 -24.24 -2.09 -49.62
N VAL A 256 -23.41 -1.46 -48.79
CA VAL A 256 -23.78 -0.22 -48.08
C VAL A 256 -23.04 0.99 -48.67
N THR A 257 -23.81 1.93 -49.22
CA THR A 257 -23.28 3.17 -49.76
C THR A 257 -23.77 4.32 -48.89
N VAL A 258 -22.84 5.11 -48.37
CA VAL A 258 -23.18 6.28 -47.56
C VAL A 258 -22.62 7.50 -48.29
N ASN A 259 -23.53 8.38 -48.73
CA ASN A 259 -23.19 9.59 -49.48
C ASN A 259 -23.06 10.78 -48.53
N ILE A 260 -22.08 11.65 -48.79
CA ILE A 260 -21.76 12.75 -47.89
C ILE A 260 -21.61 14.11 -48.60
N THR A 261 -21.77 15.20 -47.81
CA THR A 261 -21.54 16.61 -48.16
C THR A 261 -20.62 17.22 -47.07
N GLU A 262 -19.30 17.26 -47.37
CA GLU A 262 -18.26 17.77 -46.46
C GLU A 262 -17.89 19.24 -46.69
N GLN A 265 -16.34 22.70 -45.38
CA GLN A 265 -15.27 22.80 -44.38
C GLN A 265 -15.41 24.06 -43.55
N TYR A 266 -15.06 24.00 -42.24
CA TYR A 266 -15.17 25.09 -41.22
C TYR A 266 -14.11 24.95 -40.08
N LYS A 267 -14.03 25.98 -39.17
CA LYS A 267 -13.19 26.06 -37.94
C LYS A 267 -13.75 27.03 -36.86
N LEU A 268 -13.07 27.11 -35.69
CA LEU A 268 -13.46 27.95 -34.56
C LEU A 268 -13.07 29.40 -34.73
N SER A 269 -13.96 30.34 -34.34
CA SER A 269 -13.75 31.80 -34.39
C SER A 269 -13.52 32.43 -33.00
N GLY A 270 -14.16 31.85 -31.97
CA GLY A 270 -14.04 32.35 -30.61
C GLY A 270 -15.20 31.97 -29.73
N VAL A 271 -15.03 32.11 -28.41
CA VAL A 271 -16.04 31.81 -27.39
C VAL A 271 -16.41 33.10 -26.67
N GLU A 272 -17.72 33.32 -26.52
CA GLU A 272 -18.24 34.54 -25.87
C GLU A 272 -19.23 34.16 -24.79
N VAL A 273 -18.88 34.43 -23.54
CA VAL A 273 -19.71 34.13 -22.37
C VAL A 273 -20.57 35.34 -21.99
N SER A 274 -21.88 35.13 -21.71
CA SER A 274 -22.83 36.19 -21.33
C SER A 274 -24.02 35.68 -20.52
N GLY A 275 -24.25 36.24 -19.33
CA GLY A 275 -25.35 35.87 -18.46
C GLY A 275 -25.17 36.25 -17.00
N ASN A 276 -26.07 35.74 -16.12
CA ASN A 276 -26.03 35.98 -14.68
C ASN A 276 -24.94 35.07 -14.07
N LEU A 277 -23.68 35.33 -14.46
CA LEU A 277 -22.45 34.59 -14.09
C LEU A 277 -22.25 34.30 -12.60
N ALA A 278 -23.02 34.98 -11.72
CA ALA A 278 -22.94 34.86 -10.26
C ALA A 278 -21.58 35.34 -9.69
N GLY A 279 -20.89 36.18 -10.46
CA GLY A 279 -19.60 36.77 -10.09
C GLY A 279 -18.39 35.89 -10.26
N HIS A 280 -18.58 34.67 -10.79
CA HIS A 280 -17.48 33.72 -11.02
C HIS A 280 -16.86 33.91 -12.40
N SER A 281 -17.01 35.12 -12.98
CA SER A 281 -16.49 35.51 -14.29
C SER A 281 -14.99 35.26 -14.39
N ALA A 282 -14.27 35.39 -13.26
CA ALA A 282 -12.83 35.18 -13.15
C ALA A 282 -12.44 33.73 -13.44
N GLU A 283 -13.27 32.78 -12.98
CA GLU A 283 -13.03 31.34 -13.15
C GLU A 283 -13.42 30.80 -14.51
N ILE A 284 -14.55 31.29 -15.07
CA ILE A 284 -15.13 30.82 -16.33
C ILE A 284 -14.19 31.03 -17.51
N GLU A 285 -13.38 32.10 -17.49
CA GLU A 285 -12.42 32.39 -18.56
C GLU A 285 -11.39 31.26 -18.70
N GLN A 286 -11.07 30.58 -17.57
CA GLN A 286 -10.14 29.46 -17.52
C GLN A 286 -10.77 28.23 -18.16
N LEU A 287 -12.09 28.05 -17.98
CA LEU A 287 -12.85 26.94 -18.55
C LEU A 287 -13.00 27.08 -20.07
N THR A 288 -13.21 28.33 -20.55
CA THR A 288 -13.42 28.66 -21.96
C THR A 288 -12.14 29.06 -22.69
N LYS A 289 -10.99 28.59 -22.17
CA LYS A 289 -9.69 28.84 -22.77
C LYS A 289 -9.64 28.15 -24.14
N ILE A 290 -9.06 28.85 -25.14
CA ILE A 290 -8.93 28.34 -26.50
C ILE A 290 -7.51 28.49 -27.04
N GLU A 291 -7.07 27.46 -27.77
CA GLU A 291 -5.76 27.39 -28.40
C GLU A 291 -5.87 27.95 -29.83
N PRO A 292 -4.89 28.76 -30.33
CA PRO A 292 -4.98 29.25 -31.71
C PRO A 292 -4.82 28.10 -32.73
N GLY A 293 -5.63 28.14 -33.77
CA GLY A 293 -5.65 27.10 -34.78
C GLY A 293 -6.49 25.92 -34.34
N GLU A 294 -7.57 26.21 -33.57
CA GLU A 294 -8.46 25.18 -33.10
C GLU A 294 -9.56 24.93 -34.10
N LEU A 295 -9.62 23.67 -34.56
CA LEU A 295 -10.60 23.14 -35.49
C LEU A 295 -11.81 22.83 -34.62
N TYR A 296 -12.99 23.26 -35.07
CA TYR A 296 -14.23 23.13 -34.30
C TYR A 296 -14.62 21.69 -33.93
N ASN A 297 -15.19 21.51 -32.70
CA ASN A 297 -15.66 20.23 -32.17
C ASN A 297 -16.78 20.46 -31.15
N GLY A 298 -17.97 19.93 -31.47
CA GLY A 298 -19.19 20.08 -30.66
C GLY A 298 -19.25 19.34 -29.35
N THR A 299 -18.40 18.32 -29.16
CA THR A 299 -18.37 17.54 -27.92
C THR A 299 -17.48 18.19 -26.87
N LYS A 300 -16.34 18.74 -27.31
CA LYS A 300 -15.39 19.47 -26.45
C LYS A 300 -16.09 20.71 -25.86
N VAL A 301 -16.95 21.35 -26.67
CA VAL A 301 -17.79 22.50 -26.28
C VAL A 301 -18.72 22.03 -25.17
N THR A 302 -19.44 20.91 -25.39
CA THR A 302 -20.36 20.33 -24.42
C THR A 302 -19.62 20.04 -23.13
N LYS A 303 -18.38 19.52 -23.21
CA LYS A 303 -17.51 19.24 -22.05
C LYS A 303 -17.35 20.54 -21.23
N MET A 304 -17.05 21.67 -21.89
CA MET A 304 -16.93 22.99 -21.28
C MET A 304 -18.27 23.45 -20.69
N GLU A 305 -19.38 23.29 -21.47
CA GLU A 305 -20.75 23.62 -21.04
C GLU A 305 -21.08 22.89 -19.73
N ASP A 306 -20.63 21.61 -19.60
CA ASP A 306 -20.84 20.77 -18.40
C ASP A 306 -19.89 21.18 -17.30
N ASP A 307 -18.67 21.62 -17.64
CA ASP A 307 -17.68 22.05 -16.65
C ASP A 307 -18.14 23.32 -15.95
N ILE A 308 -18.68 24.29 -16.72
CA ILE A 308 -19.26 25.53 -16.19
C ILE A 308 -20.44 25.17 -15.28
N LYS A 309 -21.29 24.24 -15.78
CA LYS A 309 -22.45 23.72 -15.08
C LYS A 309 -22.04 23.01 -13.78
N LYS A 310 -20.88 22.33 -13.79
CA LYS A 310 -20.34 21.63 -12.62
C LYS A 310 -19.83 22.64 -11.59
N LEU A 311 -19.10 23.68 -12.06
CA LEU A 311 -18.55 24.74 -11.21
C LEU A 311 -19.67 25.45 -10.47
N LEU A 312 -20.69 25.88 -11.22
CA LEU A 312 -21.86 26.55 -10.65
C LEU A 312 -22.67 25.61 -9.77
N GLY A 313 -22.50 24.30 -9.96
CA GLY A 313 -23.13 23.28 -9.14
C GLY A 313 -22.41 23.18 -7.82
N ARG A 314 -21.06 23.26 -7.87
CA ARG A 314 -20.16 23.23 -6.71
C ARG A 314 -20.43 24.43 -5.79
N TYR A 315 -20.85 25.57 -6.38
CA TYR A 315 -21.12 26.81 -5.67
C TYR A 315 -22.56 26.91 -5.10
N GLY A 316 -23.30 25.80 -5.10
CA GLY A 316 -24.61 25.73 -4.47
C GLY A 316 -25.82 25.86 -5.37
N TYR A 317 -25.64 26.32 -6.61
CA TYR A 317 -26.76 26.47 -7.55
C TYR A 317 -27.15 25.11 -8.09
N ALA A 318 -28.39 24.67 -7.80
CA ALA A 318 -28.89 23.36 -8.19
C ALA A 318 -29.03 23.13 -9.68
N TYR A 319 -29.65 24.09 -10.38
CA TYR A 319 -29.91 23.95 -11.81
C TYR A 319 -29.21 25.01 -12.68
N PRO A 320 -27.86 25.03 -12.74
CA PRO A 320 -27.21 26.00 -13.63
C PRO A 320 -27.47 25.65 -15.09
N ARG A 321 -27.86 26.65 -15.88
CA ARG A 321 -28.15 26.46 -17.29
C ARG A 321 -27.06 27.06 -18.15
N VAL A 322 -26.55 26.27 -19.09
CA VAL A 322 -25.53 26.72 -20.04
C VAL A 322 -26.00 26.33 -21.44
N GLN A 323 -26.27 27.34 -22.27
CA GLN A 323 -26.73 27.15 -23.64
C GLN A 323 -25.68 27.74 -24.56
N SER A 324 -25.54 27.18 -25.76
CA SER A 324 -24.59 27.72 -26.72
C SER A 324 -25.18 27.70 -28.12
N MET A 325 -25.14 28.86 -28.77
CA MET A 325 -25.64 29.04 -30.13
C MET A 325 -24.48 29.42 -31.04
N PRO A 326 -24.26 28.66 -32.13
CA PRO A 326 -23.16 28.97 -33.03
C PRO A 326 -23.55 29.99 -34.10
N GLU A 327 -22.77 31.08 -34.18
CA GLU A 327 -22.97 32.11 -35.19
C GLU A 327 -22.17 31.67 -36.44
N ILE A 328 -22.89 31.17 -37.46
CA ILE A 328 -22.30 30.65 -38.68
C ILE A 328 -21.79 31.76 -39.58
N ASN A 329 -20.49 31.71 -39.87
CA ASN A 329 -19.89 32.68 -40.75
C ASN A 329 -19.31 31.92 -41.96
N ASP A 330 -20.09 31.84 -43.06
CA ASP A 330 -19.58 31.20 -44.29
C ASP A 330 -18.53 32.09 -44.96
N ALA A 331 -18.64 33.42 -44.72
CA ALA A 331 -17.71 34.43 -45.21
C ALA A 331 -16.30 34.09 -44.74
N ASP A 332 -16.09 33.97 -43.42
CA ASP A 332 -14.80 33.63 -42.82
C ASP A 332 -14.58 32.13 -42.87
N LYS A 333 -15.66 31.37 -43.06
CA LYS A 333 -15.66 29.91 -43.05
C LYS A 333 -15.22 29.42 -41.67
N THR A 334 -15.73 30.09 -40.62
CA THR A 334 -15.45 29.81 -39.20
C THR A 334 -16.65 30.17 -38.31
N VAL A 335 -17.04 29.29 -37.39
CA VAL A 335 -18.16 29.53 -36.47
C VAL A 335 -17.71 30.25 -35.19
N LYS A 336 -18.52 31.25 -34.77
CA LYS A 336 -18.32 32.04 -33.56
C LYS A 336 -19.32 31.58 -32.50
N LEU A 337 -18.83 30.95 -31.44
CA LEU A 337 -19.68 30.37 -30.40
C LEU A 337 -20.19 31.35 -29.35
N ARG A 338 -21.52 31.53 -29.33
CA ARG A 338 -22.18 32.37 -28.34
C ARG A 338 -22.71 31.52 -27.21
N VAL A 339 -22.14 31.68 -26.02
CA VAL A 339 -22.54 30.89 -24.85
C VAL A 339 -23.34 31.71 -23.85
N ASN A 340 -24.59 31.30 -23.63
CA ASN A 340 -25.48 31.92 -22.66
C ASN A 340 -25.51 31.10 -21.38
N VAL A 341 -24.91 31.64 -20.31
CA VAL A 341 -24.93 31.02 -18.98
C VAL A 341 -26.18 31.60 -18.28
N ASP A 342 -26.82 30.84 -17.39
CA ASP A 342 -28.02 31.25 -16.67
C ASP A 342 -28.07 30.55 -15.30
N ALA A 343 -27.12 30.91 -14.40
CA ALA A 343 -27.03 30.34 -13.05
C ALA A 343 -28.35 30.55 -12.31
N GLY A 344 -28.92 29.45 -11.81
CA GLY A 344 -30.19 29.45 -11.10
C GLY A 344 -30.05 29.88 -9.65
N PHE A 347 -27.34 25.16 -0.28
CA PHE A 347 -28.69 24.95 0.22
C PHE A 347 -28.73 23.75 1.20
N TYR A 348 -29.86 23.01 1.34
CA TYR A 348 -29.98 21.93 2.32
C TYR A 348 -30.49 20.59 1.79
N VAL A 349 -30.13 19.49 2.50
CA VAL A 349 -30.51 18.11 2.18
C VAL A 349 -31.40 17.50 3.28
N ARG A 350 -32.71 17.27 2.97
CA ARG A 350 -33.63 16.63 3.92
C ARG A 350 -33.30 15.13 4.03
N LYS A 351 -33.12 14.48 2.88
CA LYS A 351 -32.83 13.05 2.82
C LYS A 351 -31.66 12.72 1.92
N ILE A 352 -30.97 11.64 2.27
CA ILE A 352 -29.94 11.01 1.46
C ILE A 352 -30.49 9.60 1.30
N ARG A 353 -31.10 9.35 0.15
CA ARG A 353 -31.78 8.08 -0.12
C ARG A 353 -30.88 7.07 -0.80
N PHE A 354 -31.26 5.79 -0.65
CA PHE A 354 -30.60 4.60 -1.14
C PHE A 354 -31.63 3.70 -1.81
N GLU A 355 -31.49 3.48 -3.12
CA GLU A 355 -32.40 2.62 -3.85
C GLU A 355 -31.65 1.67 -4.76
N GLY A 356 -32.22 0.47 -4.92
CA GLY A 356 -31.65 -0.58 -5.75
C GLY A 356 -30.87 -1.59 -4.95
N ASN A 357 -30.75 -1.35 -3.63
CA ASN A 357 -30.05 -2.23 -2.70
C ASN A 357 -30.96 -3.40 -2.26
N ASP A 358 -31.21 -4.34 -3.17
CA ASP A 358 -32.05 -5.52 -2.91
C ASP A 358 -31.27 -6.68 -2.31
N THR A 359 -29.98 -6.48 -2.03
CA THR A 359 -29.08 -7.47 -1.43
C THR A 359 -28.36 -6.92 -0.19
N SER A 360 -27.94 -5.65 -0.24
CA SER A 360 -27.24 -5.00 0.86
C SER A 360 -28.28 -4.24 1.69
N LYS A 361 -28.49 -4.64 2.96
CA LYS A 361 -29.47 -3.99 3.84
C LYS A 361 -29.21 -2.49 3.93
N ASP A 362 -30.25 -1.72 4.28
CA ASP A 362 -30.17 -0.25 4.38
C ASP A 362 -29.48 0.41 5.61
N ALA A 363 -28.26 -0.12 5.99
CA ALA A 363 -27.39 0.35 7.08
C ALA A 363 -25.87 0.38 6.82
N VAL A 364 -25.36 -0.54 5.97
CA VAL A 364 -23.94 -0.68 5.64
C VAL A 364 -23.40 0.47 4.78
N LEU A 365 -24.22 0.95 3.84
CA LEU A 365 -23.92 1.99 2.87
C LEU A 365 -23.90 3.43 3.46
N ARG A 366 -24.40 3.60 4.71
CA ARG A 366 -24.54 4.87 5.45
C ARG A 366 -23.22 5.67 5.71
N ARG A 367 -22.03 5.15 5.25
CA ARG A 367 -20.72 5.78 5.49
C ARG A 367 -19.95 6.26 4.24
N GLU A 368 -20.21 5.65 3.08
CA GLU A 368 -19.44 5.89 1.87
C GLU A 368 -19.71 7.24 1.15
N MET A 369 -19.37 8.39 1.82
CA MET A 369 -19.48 9.73 1.21
C MET A 369 -18.68 10.83 1.96
N ARG A 370 -18.85 12.11 1.54
CA ARG A 370 -18.15 13.27 2.10
C ARG A 370 -19.07 14.40 2.64
N GLN A 371 -20.38 14.11 2.94
CA GLN A 371 -21.36 15.06 3.51
C GLN A 371 -22.62 14.38 4.12
N MET A 372 -23.10 14.87 5.29
CA MET A 372 -24.23 14.33 6.08
C MET A 372 -25.65 14.82 5.67
N GLU A 373 -26.66 14.02 6.06
CA GLU A 373 -28.09 14.26 5.91
C GLU A 373 -28.50 15.32 6.95
N GLY A 374 -29.54 16.09 6.66
CA GLY A 374 -30.00 17.16 7.54
C GLY A 374 -28.94 18.24 7.63
N ALA A 375 -28.24 18.47 6.51
CA ALA A 375 -27.17 19.44 6.39
C ALA A 375 -27.05 20.02 4.98
N TRP A 376 -26.16 21.04 4.85
CA TRP A 376 -25.80 21.81 3.65
C TRP A 376 -25.35 20.91 2.50
N LEU A 377 -25.64 21.32 1.25
CA LEU A 377 -25.23 20.52 0.08
C LEU A 377 -23.93 21.04 -0.53
N GLY A 378 -23.05 20.11 -0.85
CA GLY A 378 -21.78 20.37 -1.49
C GLY A 378 -21.67 19.48 -2.71
N SER A 379 -21.89 20.06 -3.91
CA SER A 379 -21.83 19.31 -5.16
C SER A 379 -20.48 18.63 -5.39
N ASP A 380 -19.38 19.20 -4.88
CA ASP A 380 -18.06 18.55 -5.00
C ASP A 380 -17.98 17.38 -4.03
N LEU A 381 -18.55 17.53 -2.82
CA LEU A 381 -18.58 16.49 -1.77
C LEU A 381 -19.37 15.28 -2.23
N VAL A 382 -20.30 15.49 -3.17
CA VAL A 382 -21.11 14.44 -3.79
C VAL A 382 -20.23 13.69 -4.80
N ASP A 383 -19.34 14.41 -5.50
CA ASP A 383 -18.41 13.83 -6.49
C ASP A 383 -17.25 13.09 -5.83
N GLN A 384 -16.75 13.63 -4.69
CA GLN A 384 -15.66 13.03 -3.92
C GLN A 384 -16.08 11.65 -3.42
N GLY A 385 -17.28 11.56 -2.86
CA GLY A 385 -17.84 10.33 -2.33
C GLY A 385 -18.60 9.50 -3.34
N LYS A 386 -18.63 9.95 -4.61
CA LYS A 386 -19.32 9.28 -5.71
C LYS A 386 -18.65 7.93 -6.00
N GLU A 387 -17.33 7.95 -6.26
CA GLU A 387 -16.50 6.78 -6.54
C GLU A 387 -16.52 5.75 -5.43
N ARG A 388 -16.66 6.20 -4.16
CA ARG A 388 -16.66 5.38 -2.95
C ARG A 388 -17.65 4.22 -2.99
N LEU A 389 -18.73 4.35 -3.77
CA LEU A 389 -19.70 3.27 -3.93
C LEU A 389 -19.19 2.29 -4.98
N ASN A 390 -18.58 2.82 -6.06
CA ASN A 390 -18.03 1.98 -7.14
C ASN A 390 -16.83 1.18 -6.67
N ARG A 391 -15.92 1.81 -5.89
CA ARG A 391 -14.68 1.21 -5.38
C ARG A 391 -14.89 -0.08 -4.58
N LEU A 392 -16.03 -0.19 -3.89
CA LEU A 392 -16.35 -1.36 -3.07
C LEU A 392 -16.48 -2.63 -3.90
N GLY A 393 -17.00 -2.49 -5.12
CA GLY A 393 -17.23 -3.62 -6.01
C GLY A 393 -18.38 -4.48 -5.49
N PHE A 394 -19.31 -3.85 -4.74
CA PHE A 394 -20.48 -4.49 -4.14
C PHE A 394 -21.69 -4.44 -5.06
N PHE A 395 -21.63 -3.56 -6.07
CA PHE A 395 -22.71 -3.31 -7.02
C PHE A 395 -22.16 -3.39 -8.46
N GLU A 396 -22.88 -2.85 -9.46
CA GLU A 396 -22.47 -2.84 -10.86
C GLU A 396 -22.52 -1.46 -11.48
N THR A 397 -23.70 -0.79 -11.44
CA THR A 397 -23.87 0.57 -11.97
C THR A 397 -24.38 1.49 -10.87
N VAL A 398 -23.83 2.73 -10.78
CA VAL A 398 -24.20 3.73 -9.75
C VAL A 398 -24.37 5.13 -10.37
N ASP A 399 -25.49 5.82 -10.05
CA ASP A 399 -25.83 7.19 -10.52
C ASP A 399 -26.50 8.05 -9.41
N THR A 400 -26.47 9.39 -9.56
CA THR A 400 -27.06 10.36 -8.62
C THR A 400 -28.30 11.05 -9.22
N ASP A 401 -29.25 11.47 -8.36
CA ASP A 401 -30.44 12.25 -8.72
C ASP A 401 -30.78 13.24 -7.61
N THR A 402 -30.95 14.51 -7.95
CA THR A 402 -31.30 15.55 -6.98
C THR A 402 -32.76 15.98 -7.21
N GLN A 403 -33.65 15.60 -6.27
CA GLN A 403 -35.08 15.91 -6.32
C GLN A 403 -35.50 16.94 -5.24
N ARG A 404 -36.37 17.90 -5.60
CA ARG A 404 -36.86 18.94 -4.67
C ARG A 404 -37.75 18.34 -3.57
N VAL A 405 -37.50 18.74 -2.31
CA VAL A 405 -38.30 18.27 -1.16
C VAL A 405 -39.73 18.83 -1.28
N PRO A 406 -40.77 17.98 -1.07
CA PRO A 406 -42.17 18.49 -1.16
C PRO A 406 -42.50 19.60 -0.16
N GLY A 407 -42.92 20.75 -0.69
CA GLY A 407 -43.28 21.93 0.09
C GLY A 407 -42.09 22.59 0.79
N SER A 408 -41.02 22.87 0.02
CA SER A 408 -39.79 23.51 0.51
C SER A 408 -39.12 24.34 -0.60
N PRO A 409 -38.72 25.60 -0.33
CA PRO A 409 -38.14 26.44 -1.40
C PRO A 409 -36.62 26.40 -1.51
N ASP A 410 -35.96 25.56 -0.71
CA ASP A 410 -34.49 25.49 -0.66
C ASP A 410 -33.95 24.08 -0.40
N GLN A 411 -34.80 23.17 0.13
CA GLN A 411 -34.40 21.80 0.43
C GLN A 411 -34.52 20.79 -0.72
N VAL A 412 -33.51 19.91 -0.85
CA VAL A 412 -33.40 18.88 -1.89
C VAL A 412 -32.95 17.51 -1.36
N ASP A 413 -33.61 16.42 -1.81
CA ASP A 413 -33.29 15.02 -1.46
C ASP A 413 -32.29 14.47 -2.49
N VAL A 414 -31.08 14.10 -2.05
CA VAL A 414 -30.07 13.50 -2.94
C VAL A 414 -30.24 11.98 -2.92
N VAL A 415 -30.52 11.40 -4.10
CA VAL A 415 -30.80 9.98 -4.27
C VAL A 415 -29.74 9.27 -5.10
N TYR A 416 -29.09 8.28 -4.50
CA TYR A 416 -28.07 7.48 -5.16
C TYR A 416 -28.65 6.13 -5.49
N LYS A 417 -28.62 5.78 -6.78
CA LYS A 417 -29.16 4.53 -7.32
C LYS A 417 -27.99 3.57 -7.49
N VAL A 418 -28.08 2.41 -6.81
CA VAL A 418 -27.05 1.36 -6.84
C VAL A 418 -27.61 0.06 -7.47
N LYS A 419 -26.91 -0.53 -8.45
CA LYS A 419 -27.37 -1.77 -9.08
C LYS A 419 -26.59 -2.98 -8.61
N ASN A 422 -24.99 -8.04 -8.20
CA ASN A 422 -24.66 -9.42 -7.82
C ASN A 422 -23.52 -9.41 -6.80
N THR A 423 -23.61 -10.23 -5.72
CA THR A 423 -22.57 -10.27 -4.68
C THR A 423 -21.92 -11.67 -4.51
N GLY A 424 -22.63 -12.74 -4.87
CA GLY A 424 -22.11 -14.10 -4.77
C GLY A 424 -21.11 -14.39 -5.87
N SER A 425 -19.87 -14.75 -5.48
CA SER A 425 -18.76 -15.04 -6.42
C SER A 425 -18.11 -16.38 -6.10
N PHE A 426 -18.11 -17.24 -7.11
CA PHE A 426 -17.65 -18.60 -6.97
C PHE A 426 -16.39 -18.83 -7.79
N ASN A 427 -15.30 -19.17 -7.09
CA ASN A 427 -14.00 -19.39 -7.71
C ASN A 427 -13.48 -20.81 -7.47
N PHE A 428 -13.18 -21.52 -8.57
CA PHE A 428 -12.75 -22.91 -8.53
C PHE A 428 -11.52 -23.17 -9.41
N GLY A 429 -10.48 -23.79 -8.82
CA GLY A 429 -9.25 -24.13 -9.50
C GLY A 429 -8.87 -25.60 -9.36
N ILE A 430 -8.08 -26.09 -10.30
CA ILE A 430 -7.54 -27.44 -10.34
C ILE A 430 -6.25 -27.43 -11.13
N GLY A 431 -5.17 -27.80 -10.46
CA GLY A 431 -3.87 -27.79 -11.09
C GLY A 431 -3.04 -29.03 -10.89
N TYR A 432 -1.91 -29.07 -11.58
CA TYR A 432 -0.94 -30.15 -11.45
C TYR A 432 0.47 -29.53 -11.49
N GLY A 433 1.35 -29.94 -10.55
CA GLY A 433 2.71 -29.42 -10.43
C GLY A 433 3.73 -30.39 -9.88
N THR A 434 4.99 -29.92 -9.67
CA THR A 434 6.08 -30.73 -9.10
C THR A 434 6.05 -30.70 -7.58
N GLU A 435 5.53 -29.57 -7.03
CA GLU A 435 5.42 -29.37 -5.60
C GLU A 435 4.14 -30.03 -5.16
N SER A 436 3.01 -29.36 -5.49
CA SER A 436 1.66 -29.68 -5.10
C SER A 436 1.07 -30.99 -5.71
N GLY A 437 1.55 -31.43 -6.89
CA GLY A 437 0.98 -32.61 -7.56
C GLY A 437 -0.39 -32.23 -8.08
N VAL A 438 -1.44 -33.05 -7.84
CA VAL A 438 -2.81 -32.67 -8.24
C VAL A 438 -3.33 -31.81 -7.11
N SER A 439 -3.62 -30.55 -7.42
CA SER A 439 -4.03 -29.54 -6.46
C SER A 439 -5.43 -29.01 -6.67
N PHE A 440 -6.29 -29.23 -5.68
CA PHE A 440 -7.68 -28.81 -5.69
C PHE A 440 -7.81 -27.60 -4.80
N GLN A 441 -8.46 -26.55 -5.29
CA GLN A 441 -8.67 -25.32 -4.52
C GLN A 441 -9.91 -24.61 -4.96
N ALA A 442 -10.73 -24.24 -3.99
CA ALA A 442 -12.02 -23.62 -4.24
C ALA A 442 -12.35 -22.63 -3.17
N GLY A 443 -13.02 -21.55 -3.58
CA GLY A 443 -13.43 -20.49 -2.67
C GLY A 443 -14.77 -19.88 -2.98
N VAL A 444 -15.60 -19.74 -1.96
CA VAL A 444 -16.91 -19.14 -2.11
C VAL A 444 -16.87 -17.78 -1.46
N GLN A 445 -17.26 -16.75 -2.22
CA GLN A 445 -17.25 -15.38 -1.78
C GLN A 445 -18.62 -14.70 -1.80
N GLN A 446 -18.92 -13.95 -0.75
CA GLN A 446 -20.14 -13.15 -0.59
C GLN A 446 -19.73 -11.85 0.08
N ASP A 447 -19.58 -10.81 -0.75
CA ASP A 447 -19.08 -9.49 -0.38
C ASP A 447 -20.02 -8.70 0.54
N ASN A 448 -21.33 -8.87 0.40
CA ASN A 448 -22.35 -8.20 1.23
C ASN A 448 -23.21 -9.29 1.89
N TRP A 449 -22.55 -10.31 2.50
CA TRP A 449 -23.22 -11.45 3.12
C TRP A 449 -24.13 -11.04 4.24
N LEU A 450 -25.43 -11.19 3.98
CA LEU A 450 -26.56 -10.87 4.85
C LEU A 450 -26.48 -9.44 5.37
N GLY A 451 -25.97 -8.55 4.50
CA GLY A 451 -25.83 -7.12 4.78
C GLY A 451 -25.01 -6.82 6.01
N THR A 452 -23.71 -7.15 5.94
CA THR A 452 -22.80 -6.89 7.06
C THR A 452 -21.64 -5.98 6.61
N GLY A 453 -21.43 -5.89 5.29
CA GLY A 453 -20.36 -5.11 4.68
C GLY A 453 -19.07 -5.91 4.59
N TYR A 454 -18.95 -6.91 5.46
CA TYR A 454 -17.83 -7.82 5.52
C TYR A 454 -18.01 -8.87 4.43
N ALA A 455 -16.91 -9.30 3.83
CA ALA A 455 -16.87 -10.29 2.78
C ALA A 455 -16.45 -11.64 3.36
N VAL A 456 -17.24 -12.69 3.11
CA VAL A 456 -16.95 -14.02 3.65
C VAL A 456 -16.41 -14.98 2.60
N GLY A 457 -15.22 -15.48 2.86
CA GLY A 457 -14.55 -16.41 1.96
C GLY A 457 -14.29 -17.76 2.61
N ILE A 458 -14.87 -18.81 2.04
CA ILE A 458 -14.65 -20.16 2.55
C ILE A 458 -13.83 -20.84 1.50
N ASN A 459 -12.53 -20.99 1.79
CA ASN A 459 -11.60 -21.57 0.84
C ASN A 459 -10.93 -22.84 1.35
N GLY A 460 -10.92 -23.83 0.46
CA GLY A 460 -10.33 -25.15 0.68
C GLY A 460 -9.28 -25.45 -0.35
N THR A 461 -8.18 -26.06 0.10
CA THR A 461 -7.01 -26.40 -0.70
C THR A 461 -6.53 -27.80 -0.34
N LYS A 462 -6.11 -28.56 -1.33
CA LYS A 462 -5.54 -29.87 -1.07
C LYS A 462 -4.53 -30.13 -2.14
N ASN A 463 -3.26 -30.23 -1.70
CA ASN A 463 -2.10 -30.50 -2.55
C ASN A 463 -1.86 -32.01 -2.44
N ASP A 464 -0.65 -32.45 -2.75
CA ASP A 464 -0.28 -33.82 -2.50
C ASP A 464 0.03 -33.88 -1.02
N TYR A 465 0.82 -32.90 -0.53
CA TYR A 465 1.16 -32.86 0.87
C TYR A 465 0.17 -32.37 1.93
N GLN A 466 -0.09 -31.09 1.98
CA GLN A 466 -0.90 -30.51 3.00
C GLN A 466 -2.29 -30.32 2.41
N THR A 467 -3.25 -30.24 3.32
CA THR A 467 -4.66 -30.00 3.07
C THR A 467 -5.03 -28.83 3.98
N TYR A 468 -5.54 -27.75 3.39
CA TYR A 468 -5.85 -26.52 4.08
C TYR A 468 -7.28 -26.06 3.85
N ALA A 469 -7.97 -25.75 4.94
CA ALA A 469 -9.32 -25.24 4.84
C ALA A 469 -9.45 -24.06 5.78
N GLU A 470 -9.93 -22.94 5.23
CA GLU A 470 -10.09 -21.71 6.00
C GLU A 470 -11.40 -21.00 5.73
N LEU A 471 -11.88 -20.29 6.77
CA LEU A 471 -13.06 -19.46 6.72
C LEU A 471 -12.57 -18.07 7.06
N SER A 472 -12.87 -17.12 6.17
CA SER A 472 -12.39 -15.76 6.26
C SER A 472 -13.47 -14.72 6.22
N VAL A 473 -13.28 -13.69 7.03
CA VAL A 473 -14.14 -12.54 7.07
C VAL A 473 -13.21 -11.34 6.85
N THR A 474 -13.46 -10.60 5.77
CA THR A 474 -12.62 -9.45 5.42
C THR A 474 -13.42 -8.16 5.17
N ASN A 475 -12.83 -7.04 5.59
CA ASN A 475 -13.36 -5.69 5.40
C ASN A 475 -12.18 -4.91 4.83
N PRO A 476 -12.11 -4.66 3.53
CA PRO A 476 -10.93 -3.97 2.99
C PRO A 476 -10.82 -2.49 3.36
N TYR A 477 -11.93 -1.84 3.75
CA TYR A 477 -11.91 -0.40 4.07
C TYR A 477 -12.55 -0.10 5.43
N PHE A 478 -12.12 -0.78 6.49
CA PHE A 478 -12.69 -0.66 7.82
C PHE A 478 -12.58 0.75 8.43
N THR A 479 -11.48 1.47 8.19
CA THR A 479 -11.35 2.82 8.73
C THR A 479 -10.88 3.82 7.66
N VAL A 480 -10.60 5.07 8.09
CA VAL A 480 -10.18 6.25 7.31
C VAL A 480 -8.96 5.99 6.42
N ASP A 481 -7.98 5.22 6.93
CA ASP A 481 -6.70 4.94 6.27
C ASP A 481 -6.77 3.94 5.11
N GLY A 482 -7.70 3.00 5.21
CA GLY A 482 -7.87 1.90 4.26
C GLY A 482 -7.41 0.61 4.92
N VAL A 483 -7.58 0.55 6.25
CA VAL A 483 -7.18 -0.58 7.09
C VAL A 483 -8.20 -1.72 6.98
N SER A 484 -7.68 -2.97 6.94
CA SER A 484 -8.49 -4.19 6.83
C SER A 484 -8.50 -5.00 8.13
N LEU A 485 -9.41 -5.98 8.23
CA LEU A 485 -9.49 -6.88 9.38
C LEU A 485 -9.46 -8.30 8.87
N GLY A 486 -8.26 -8.84 8.78
CA GLY A 486 -7.93 -10.16 8.25
C GLY A 486 -8.29 -11.34 9.13
N GLY A 487 -9.57 -11.44 9.47
CA GLY A 487 -10.11 -12.52 10.28
C GLY A 487 -10.00 -13.85 9.57
N ARG A 488 -9.49 -14.86 10.27
CA ARG A 488 -9.28 -16.19 9.70
C ARG A 488 -9.45 -17.31 10.72
N LEU A 489 -10.18 -18.36 10.34
CA LEU A 489 -10.38 -19.57 11.12
C LEU A 489 -9.95 -20.71 10.24
N PHE A 490 -9.10 -21.59 10.74
CA PHE A 490 -8.53 -22.58 9.84
C PHE A 490 -8.27 -23.98 10.36
N TYR A 491 -7.87 -24.84 9.42
CA TYR A 491 -7.51 -26.23 9.66
C TYR A 491 -6.50 -26.66 8.61
N ASN A 492 -5.36 -27.16 9.06
CA ASN A 492 -4.28 -27.64 8.21
C ASN A 492 -3.78 -29.04 8.57
N ASP A 493 -3.91 -29.96 7.64
CA ASP A 493 -3.44 -31.31 7.83
C ASP A 493 -2.18 -31.39 6.99
N PHE A 494 -1.01 -31.54 7.63
CA PHE A 494 0.31 -31.58 6.99
C PHE A 494 0.89 -32.99 7.03
N GLN A 495 1.33 -33.48 5.87
CA GLN A 495 1.94 -34.78 5.69
C GLN A 495 3.36 -34.53 5.14
N ALA A 496 4.36 -34.62 6.00
CA ALA A 496 5.75 -34.33 5.66
C ALA A 496 6.33 -35.21 4.57
N ASP A 497 6.00 -36.49 4.61
CA ASP A 497 6.42 -37.51 3.65
C ASP A 497 6.16 -37.11 2.19
N ASP A 498 4.93 -36.65 1.90
CA ASP A 498 4.46 -36.23 0.57
C ASP A 498 5.14 -34.93 0.13
N ALA A 499 5.66 -34.17 1.11
CA ALA A 499 6.40 -32.93 0.90
C ALA A 499 7.89 -33.22 0.67
N ASP A 500 8.21 -34.48 0.32
CA ASP A 500 9.57 -34.95 0.06
C ASP A 500 10.53 -34.73 1.26
N LEU A 501 9.97 -34.72 2.47
CA LEU A 501 10.75 -34.55 3.69
C LEU A 501 10.84 -35.88 4.46
N SER A 502 11.50 -35.82 5.66
CA SER A 502 11.52 -36.95 6.57
C SER A 502 10.08 -37.04 7.12
N ASP A 503 9.64 -38.26 7.40
CA ASP A 503 8.28 -38.52 7.82
C ASP A 503 7.88 -37.94 9.17
N TYR A 504 6.68 -37.34 9.18
CA TYR A 504 5.91 -36.88 10.33
C TYR A 504 4.56 -36.39 9.88
N THR A 505 3.65 -36.18 10.81
CA THR A 505 2.31 -35.72 10.50
C THR A 505 1.92 -34.62 11.43
N ASN A 506 1.36 -33.58 10.88
CA ASN A 506 0.94 -32.47 11.70
C ASN A 506 -0.47 -32.08 11.37
N LYS A 507 -1.39 -32.30 12.30
CA LYS A 507 -2.77 -31.85 12.16
C LYS A 507 -2.94 -30.62 13.06
N SER A 508 -3.29 -29.49 12.46
CA SER A 508 -3.35 -28.24 13.20
C SER A 508 -4.55 -27.42 12.96
N TYR A 509 -4.91 -26.65 13.94
CA TYR A 509 -6.05 -25.77 13.83
C TYR A 509 -5.77 -24.49 14.58
N GLY A 510 -6.58 -23.47 14.34
CA GLY A 510 -6.47 -22.19 15.00
C GLY A 510 -7.15 -21.02 14.33
N THR A 511 -6.78 -19.80 14.75
CA THR A 511 -7.36 -18.56 14.23
C THR A 511 -6.36 -17.43 14.14
N ASP A 512 -6.65 -16.43 13.28
CA ASP A 512 -5.82 -15.24 13.09
C ASP A 512 -6.60 -13.99 12.79
N VAL A 513 -6.23 -12.88 13.43
CA VAL A 513 -6.80 -11.56 13.18
C VAL A 513 -5.64 -10.66 12.83
N THR A 514 -5.62 -10.12 11.61
CA THR A 514 -4.51 -9.31 11.14
C THR A 514 -5.01 -8.01 10.51
N LEU A 515 -4.64 -6.93 11.19
CA LEU A 515 -5.02 -5.56 10.90
C LEU A 515 -3.90 -4.92 10.11
N GLY A 516 -4.17 -4.63 8.85
CA GLY A 516 -3.19 -4.01 7.95
C GLY A 516 -3.47 -2.55 7.67
N PHE A 517 -2.61 -1.64 8.12
CA PHE A 517 -2.83 -0.22 7.90
C PHE A 517 -1.84 0.43 6.99
N PRO A 518 -2.31 0.89 5.80
CA PRO A 518 -1.41 1.48 4.79
C PRO A 518 -0.83 2.84 5.15
N ILE A 519 0.34 3.05 4.54
CA ILE A 519 1.25 4.14 4.80
C ILE A 519 1.61 5.01 3.62
N ASN A 520 1.91 4.39 2.45
CA ASN A 520 2.48 5.13 1.33
C ASN A 520 2.04 4.82 -0.07
N GLU A 521 1.13 3.87 -0.28
CA GLU A 521 0.69 3.40 -1.61
C GLU A 521 1.79 2.52 -2.24
N TYR A 522 3.00 2.57 -1.68
CA TYR A 522 4.09 1.75 -2.12
C TYR A 522 4.43 0.87 -0.91
N ASN A 523 4.22 1.40 0.29
CA ASN A 523 4.51 0.67 1.51
C ASN A 523 3.23 0.40 2.30
N SER A 524 3.04 -0.87 2.67
CA SER A 524 1.89 -1.36 3.43
C SER A 524 2.38 -2.22 4.61
N LEU A 525 1.86 -1.95 5.81
CA LEU A 525 2.24 -2.69 6.99
C LEU A 525 1.08 -3.47 7.56
N ARG A 526 1.32 -4.69 8.00
CA ARG A 526 0.28 -5.53 8.58
C ARG A 526 0.74 -6.05 9.93
N ALA A 527 -0.16 -6.20 10.89
CA ALA A 527 0.16 -6.71 12.23
C ALA A 527 -1.05 -7.38 12.83
N GLY A 528 -0.87 -8.52 13.49
CA GLY A 528 -2.01 -9.25 14.05
C GLY A 528 -1.71 -10.33 15.07
N LEU A 529 -2.77 -10.89 15.65
CA LEU A 529 -2.66 -11.93 16.65
C LEU A 529 -3.24 -13.24 16.19
N GLY A 530 -2.50 -14.30 16.46
CA GLY A 530 -2.90 -15.62 16.04
C GLY A 530 -2.71 -16.72 17.05
N TYR A 531 -3.71 -17.60 17.17
CA TYR A 531 -3.62 -18.77 18.03
C TYR A 531 -3.61 -20.00 17.14
N VAL A 532 -2.74 -20.95 17.47
CA VAL A 532 -2.60 -22.20 16.75
C VAL A 532 -2.45 -23.37 17.70
N HIS A 533 -2.90 -24.52 17.27
CA HIS A 533 -2.74 -25.75 18.00
C HIS A 533 -2.26 -26.84 17.03
N ASN A 534 -1.09 -27.43 17.33
CA ASN A 534 -0.47 -28.45 16.47
C ASN A 534 -0.34 -29.81 17.14
N SER A 535 -1.06 -30.81 16.61
CA SER A 535 -0.95 -32.16 17.16
C SER A 535 -0.06 -33.05 16.30
N LEU A 536 1.23 -33.00 16.56
CA LEU A 536 2.23 -33.79 15.86
C LEU A 536 2.13 -35.28 16.13
N SER A 537 2.33 -36.11 15.10
CA SER A 537 2.22 -37.56 15.23
C SER A 537 2.95 -38.31 14.14
N ASN A 538 3.21 -39.62 14.36
CA ASN A 538 3.83 -40.54 13.40
C ASN A 538 5.20 -40.06 12.88
N MET A 539 6.09 -39.72 13.80
CA MET A 539 7.40 -39.22 13.42
C MET A 539 8.45 -40.33 13.39
N GLN A 540 9.11 -40.54 12.24
CA GLN A 540 10.18 -41.51 12.16
C GLN A 540 11.41 -40.94 12.89
N PRO A 541 11.92 -41.59 14.00
CA PRO A 541 13.01 -41.00 14.79
C PRO A 541 14.30 -40.67 14.08
N GLN A 542 14.67 -39.39 14.15
CA GLN A 542 15.91 -38.82 13.62
C GLN A 542 16.47 -37.84 14.62
N VAL A 543 17.78 -37.59 14.56
CA VAL A 543 18.49 -36.74 15.51
C VAL A 543 17.84 -35.40 15.60
N ALA A 544 17.88 -34.73 14.47
CA ALA A 544 17.40 -33.39 14.24
C ALA A 544 16.04 -33.10 14.90
N MET A 545 15.02 -33.89 14.56
CA MET A 545 13.67 -33.75 15.06
C MET A 545 13.62 -33.91 16.56
N TRP A 546 14.27 -34.96 17.07
CA TRP A 546 14.33 -35.30 18.48
C TRP A 546 14.97 -34.24 19.30
N ARG A 547 16.05 -33.66 18.74
CA ARG A 547 16.80 -32.58 19.36
C ARG A 547 15.81 -31.53 19.85
N TYR A 548 14.85 -31.15 18.98
CA TYR A 548 13.83 -30.16 19.31
C TYR A 548 12.87 -30.67 20.38
N LEU A 549 12.50 -31.96 20.32
CA LEU A 549 11.60 -32.54 21.29
C LEU A 549 12.20 -32.49 22.67
N TYR A 550 13.52 -32.72 22.76
CA TYR A 550 14.26 -32.62 24.02
C TYR A 550 14.29 -31.19 24.54
N SER A 551 14.30 -30.22 23.63
CA SER A 551 14.27 -28.80 23.97
C SER A 551 12.95 -28.45 24.65
N MET A 552 11.87 -29.09 24.20
CA MET A 552 10.54 -28.84 24.74
C MET A 552 10.31 -29.47 26.10
N GLY A 553 11.08 -30.51 26.39
CA GLY A 553 10.94 -31.27 27.62
C GLY A 553 10.25 -32.61 27.37
N GLU A 554 9.97 -32.93 26.08
CA GLU A 554 9.34 -34.20 25.66
C GLU A 554 10.41 -35.21 25.22
N HIS A 555 10.31 -36.43 25.72
CA HIS A 555 11.30 -37.47 25.47
C HIS A 555 10.66 -38.78 25.05
N PRO A 556 10.58 -39.06 23.74
CA PRO A 556 9.96 -40.30 23.29
C PRO A 556 10.96 -41.40 22.92
N SER A 557 10.44 -42.55 22.49
CA SER A 557 11.29 -43.66 22.11
C SER A 557 11.90 -43.38 20.78
N THR A 558 13.17 -43.75 20.62
CA THR A 558 13.93 -43.56 19.40
C THR A 558 14.03 -44.85 18.60
N SER A 559 13.23 -45.83 18.96
CA SER A 559 13.19 -47.09 18.25
C SER A 559 11.74 -47.39 17.84
N ASP A 560 10.82 -46.53 18.24
CA ASP A 560 9.41 -46.67 17.91
C ASP A 560 8.87 -45.49 17.11
N GLN A 561 7.95 -45.77 16.19
CA GLN A 561 7.34 -44.77 15.33
C GLN A 561 6.11 -44.18 16.09
N ASP A 562 5.71 -44.83 17.20
CA ASP A 562 4.56 -44.50 18.04
C ASP A 562 4.84 -43.30 18.91
N ASN A 563 4.37 -42.14 18.46
CA ASN A 563 4.57 -40.90 19.19
C ASN A 563 3.52 -39.87 18.82
N SER A 564 3.30 -38.91 19.75
CA SER A 564 2.34 -37.84 19.61
C SER A 564 2.67 -36.66 20.51
N PHE A 565 2.66 -35.47 19.93
CA PHE A 565 2.95 -34.23 20.64
C PHE A 565 1.91 -33.16 20.32
N LYS A 566 1.38 -32.52 21.36
CA LYS A 566 0.35 -31.48 21.30
C LYS A 566 0.80 -30.14 21.88
N THR A 567 0.76 -29.09 21.08
CA THR A 567 1.12 -27.74 21.51
C THR A 567 0.02 -26.75 21.28
N ASP A 568 0.01 -25.72 22.09
CA ASP A 568 -0.92 -24.60 22.01
C ASP A 568 -0.08 -23.34 22.02
N ASP A 569 -0.08 -22.61 20.89
CA ASP A 569 0.75 -21.42 20.77
C ASP A 569 -0.01 -20.17 20.42
N PHE A 570 0.37 -19.08 21.04
CA PHE A 570 -0.18 -17.77 20.75
C PHE A 570 0.97 -16.98 20.16
N THR A 571 0.72 -16.29 19.02
CA THR A 571 1.76 -15.56 18.31
C THR A 571 1.37 -14.18 17.87
N PHE A 572 2.35 -13.29 17.88
CA PHE A 572 2.18 -11.94 17.37
C PHE A 572 2.89 -11.88 16.02
N ASN A 573 2.13 -11.68 14.96
CA ASN A 573 2.64 -11.63 13.59
C ASN A 573 2.73 -10.20 13.09
N TYR A 574 3.78 -9.91 12.34
CA TYR A 574 3.94 -8.61 11.70
C TYR A 574 4.46 -8.85 10.26
N GLY A 575 4.16 -7.91 9.38
CA GLY A 575 4.59 -7.99 8.00
C GLY A 575 4.65 -6.66 7.28
N TRP A 576 5.88 -6.23 6.91
CA TRP A 576 6.05 -5.00 6.16
C TRP A 576 6.20 -5.35 4.70
N THR A 577 5.73 -4.45 3.85
CA THR A 577 5.78 -4.73 2.45
C THR A 577 5.97 -3.46 1.71
N TYR A 578 6.79 -3.53 0.70
CA TYR A 578 7.07 -2.44 -0.19
C TYR A 578 6.94 -2.96 -1.60
N ASN A 579 6.22 -2.19 -2.41
CA ASN A 579 6.04 -2.49 -3.80
C ASN A 579 6.08 -1.25 -4.66
N LYS A 580 7.01 -1.23 -5.58
CA LYS A 580 7.07 -0.15 -6.52
C LYS A 580 7.11 -0.79 -7.87
N LEU A 581 6.47 -1.94 -8.01
CA LEU A 581 6.40 -2.62 -9.30
C LEU A 581 5.53 -1.85 -10.26
N ASP A 582 5.99 -1.76 -11.49
CA ASP A 582 5.24 -1.13 -12.54
C ASP A 582 3.95 -1.94 -12.87
N ARG A 583 3.97 -3.27 -12.70
CA ARG A 583 2.84 -4.15 -13.00
C ARG A 583 2.87 -5.35 -12.14
N GLY A 584 1.70 -5.74 -11.63
CA GLY A 584 1.55 -6.92 -10.77
C GLY A 584 1.87 -8.21 -11.49
N TYR A 585 1.48 -8.28 -12.78
CA TYR A 585 1.71 -9.45 -13.63
C TYR A 585 2.80 -9.14 -14.65
N PHE A 586 3.80 -10.06 -14.78
CA PHE A 586 4.93 -9.88 -15.70
C PHE A 586 5.58 -8.49 -15.51
N PRO A 587 5.98 -8.15 -14.29
CA PRO A 587 6.59 -6.83 -14.06
C PRO A 587 7.82 -6.60 -14.93
N THR A 588 8.10 -5.35 -15.31
CA THR A 588 9.26 -5.01 -16.14
C THR A 588 10.19 -3.97 -15.50
N ASP A 589 9.80 -3.46 -14.33
CA ASP A 589 10.55 -2.47 -13.58
C ASP A 589 9.98 -2.29 -12.19
N GLY A 590 10.86 -1.91 -11.27
CA GLY A 590 10.53 -1.67 -9.87
C GLY A 590 11.03 -2.78 -8.98
N SER A 591 10.61 -2.78 -7.71
CA SER A 591 11.04 -3.79 -6.72
C SER A 591 10.05 -4.01 -5.64
N ARG A 592 9.95 -5.24 -5.22
CA ARG A 592 9.05 -5.66 -4.17
C ARG A 592 9.76 -6.39 -3.07
N VAL A 593 9.56 -5.90 -1.89
CA VAL A 593 10.16 -6.56 -0.77
C VAL A 593 9.16 -6.90 0.24
N ASN A 594 9.26 -8.06 0.81
CA ASN A 594 8.33 -8.49 1.82
C ASN A 594 9.06 -8.94 3.06
N LEU A 595 8.57 -8.52 4.21
CA LEU A 595 9.11 -8.98 5.47
C LEU A 595 8.00 -9.69 6.23
N THR A 596 8.34 -10.82 6.81
CA THR A 596 7.43 -11.61 7.65
C THR A 596 8.15 -11.85 8.96
N GLY A 597 7.43 -11.70 10.07
CA GLY A 597 8.02 -11.92 11.36
C GLY A 597 7.06 -12.45 12.39
N LYS A 598 7.23 -13.68 12.75
CA LYS A 598 6.39 -14.31 13.74
C LYS A 598 7.18 -14.28 15.03
N VAL A 599 6.48 -14.22 16.15
CA VAL A 599 7.07 -14.25 17.48
C VAL A 599 6.06 -14.83 18.47
N THR A 600 6.51 -15.75 19.30
CA THR A 600 5.66 -16.35 20.31
C THR A 600 5.52 -15.42 21.50
N ILE A 601 4.26 -15.16 21.86
CA ILE A 601 3.92 -14.33 23.01
C ILE A 601 3.74 -15.24 24.24
N PRO A 602 4.39 -14.89 25.38
CA PRO A 602 4.33 -15.73 26.59
C PRO A 602 3.00 -16.41 26.91
N GLY A 603 3.09 -17.67 27.29
CA GLY A 603 1.93 -18.51 27.57
C GLY A 603 1.88 -19.69 26.60
N SER A 604 2.43 -19.48 25.41
CA SER A 604 2.53 -20.51 24.37
C SER A 604 3.51 -21.57 24.84
N ASP A 605 3.21 -22.84 24.53
CA ASP A 605 4.07 -23.96 24.90
C ASP A 605 5.45 -23.79 24.24
N ASN A 606 5.46 -23.43 22.94
CA ASN A 606 6.68 -23.18 22.20
C ASN A 606 7.15 -21.79 22.50
N GLU A 607 8.43 -21.55 22.26
CA GLU A 607 9.05 -20.24 22.50
C GLU A 607 10.08 -20.00 21.41
N TYR A 608 9.68 -19.35 20.32
CA TYR A 608 10.54 -19.07 19.17
C TYR A 608 10.12 -17.84 18.40
N TYR A 609 10.96 -17.43 17.46
CA TYR A 609 10.69 -16.32 16.57
C TYR A 609 11.08 -16.80 15.19
N LYS A 610 10.45 -16.26 14.16
CA LYS A 610 10.77 -16.57 12.78
C LYS A 610 10.74 -15.27 11.99
N VAL A 611 11.65 -15.13 11.05
CA VAL A 611 11.78 -13.89 10.26
C VAL A 611 12.16 -14.25 8.85
N THR A 612 11.41 -13.71 7.86
CA THR A 612 11.78 -13.96 6.49
C THR A 612 11.70 -12.67 5.71
N LEU A 613 12.43 -12.64 4.62
CA LEU A 613 12.47 -11.50 3.73
C LEU A 613 12.60 -11.89 2.27
N ASP A 614 11.61 -11.47 1.52
CA ASP A 614 11.57 -11.68 0.09
C ASP A 614 11.93 -10.39 -0.66
N THR A 615 12.83 -10.50 -1.62
CA THR A 615 13.22 -9.40 -2.50
C THR A 615 13.04 -9.80 -3.92
N ALA A 616 12.43 -8.92 -4.67
CA ALA A 616 12.26 -9.07 -6.10
C ALA A 616 12.58 -7.72 -6.74
N THR A 617 13.46 -7.67 -7.74
CA THR A 617 13.79 -6.39 -8.35
C THR A 617 13.94 -6.51 -9.86
N TYR A 618 13.23 -5.70 -10.60
CA TYR A 618 13.23 -5.76 -12.05
C TYR A 618 13.89 -4.56 -12.55
N VAL A 619 14.80 -4.76 -13.47
CA VAL A 619 15.45 -3.60 -14.08
C VAL A 619 15.40 -3.71 -15.63
N PRO A 620 14.67 -2.78 -16.29
CA PRO A 620 14.56 -2.84 -17.75
C PRO A 620 15.83 -2.40 -18.45
N ILE A 621 16.11 -2.99 -19.61
CA ILE A 621 17.33 -2.75 -20.38
C ILE A 621 17.06 -1.99 -21.67
N ASP A 622 15.92 -2.24 -22.29
CA ASP A 622 15.57 -1.50 -23.50
C ASP A 622 14.42 -0.54 -23.23
N ASP A 623 14.33 0.48 -24.05
CA ASP A 623 13.32 1.52 -23.95
C ASP A 623 11.88 0.97 -24.05
N ASP A 624 11.71 -0.20 -24.72
CA ASP A 624 10.40 -0.86 -24.91
C ASP A 624 10.08 -1.88 -23.81
N HIS A 625 11.01 -2.07 -22.82
CA HIS A 625 10.84 -2.96 -21.67
C HIS A 625 10.55 -4.41 -22.06
N LYS A 626 11.28 -4.90 -23.03
CA LYS A 626 11.16 -6.25 -23.55
C LYS A 626 12.32 -7.09 -23.07
N TRP A 627 13.38 -6.45 -22.57
CA TRP A 627 14.61 -7.07 -22.05
C TRP A 627 14.80 -6.60 -20.63
N VAL A 628 14.68 -7.49 -19.67
CA VAL A 628 14.69 -7.09 -18.28
C VAL A 628 15.70 -7.93 -17.49
N VAL A 629 16.24 -7.38 -16.40
CA VAL A 629 17.15 -8.07 -15.47
C VAL A 629 16.43 -8.22 -14.13
N LEU A 630 16.36 -9.47 -13.63
CA LEU A 630 15.69 -9.76 -12.37
C LEU A 630 16.63 -10.16 -11.28
N GLY A 631 16.28 -9.79 -10.05
CA GLY A 631 17.05 -10.12 -8.85
C GLY A 631 16.17 -10.51 -7.69
N ARG A 632 16.11 -11.82 -7.44
CA ARG A 632 15.27 -12.37 -6.38
C ARG A 632 16.13 -12.79 -5.24
N THR A 633 15.70 -12.51 -3.99
CA THR A 633 16.44 -13.00 -2.81
C THR A 633 15.46 -13.40 -1.72
N ARG A 634 15.73 -14.50 -1.06
CA ARG A 634 14.88 -14.92 0.03
C ARG A 634 15.73 -15.32 1.17
N TRP A 635 15.50 -14.68 2.27
CA TRP A 635 16.23 -14.98 3.48
C TRP A 635 15.23 -15.50 4.51
N GLY A 636 15.73 -16.27 5.47
CA GLY A 636 14.86 -16.81 6.48
C GLY A 636 15.65 -17.28 7.66
N TYR A 637 15.28 -16.85 8.86
CA TYR A 637 15.99 -17.32 10.05
C TYR A 637 15.18 -17.19 11.29
N GLY A 638 14.85 -18.33 11.83
CA GLY A 638 14.11 -18.37 13.07
C GLY A 638 14.91 -19.11 14.10
N ASP A 639 14.51 -18.99 15.34
CA ASP A 639 15.19 -19.70 16.42
C ASP A 639 14.39 -19.78 17.73
N GLY A 640 14.78 -20.73 18.60
CA GLY A 640 14.21 -20.94 19.93
C GLY A 640 14.64 -19.85 20.90
N LEU A 641 13.77 -19.53 21.91
CA LEU A 641 13.99 -18.47 22.91
C LEU A 641 14.26 -18.94 24.37
N GLY A 642 13.41 -19.84 24.89
CA GLY A 642 13.52 -20.30 26.27
C GLY A 642 14.52 -21.41 26.49
N GLY A 643 15.58 -21.37 25.71
CA GLY A 643 16.60 -22.42 25.67
C GLY A 643 16.12 -23.51 24.73
N LYS A 644 14.84 -23.35 24.29
CA LYS A 644 14.10 -24.24 23.41
C LYS A 644 14.58 -24.09 21.97
N GLU A 645 13.88 -24.80 21.07
CA GLU A 645 14.16 -24.73 19.65
C GLU A 645 12.90 -24.45 18.89
N MET A 646 13.07 -23.84 17.73
CA MET A 646 11.96 -23.58 16.86
C MET A 646 11.42 -24.95 16.33
N PRO A 647 10.08 -25.13 16.20
CA PRO A 647 9.54 -26.41 15.73
C PRO A 647 9.95 -26.77 14.32
N PHE A 648 10.12 -28.07 14.09
CA PHE A 648 10.53 -28.62 12.80
C PHE A 648 9.49 -28.46 11.68
N TYR A 649 8.22 -28.24 12.03
CA TYR A 649 7.15 -28.01 11.04
C TYR A 649 7.23 -26.57 10.48
N GLU A 650 7.97 -25.68 11.22
CA GLU A 650 8.22 -24.26 10.93
C GLU A 650 9.60 -24.04 10.30
N ASN A 651 10.27 -25.11 9.83
CA ASN A 651 11.58 -25.03 9.17
C ASN A 651 11.46 -24.37 7.76
N PHE A 652 12.59 -23.88 7.18
CA PHE A 652 12.68 -23.30 5.84
C PHE A 652 13.27 -24.37 4.96
N TYR A 653 12.88 -24.36 3.72
CA TYR A 653 13.39 -25.33 2.76
C TYR A 653 13.50 -24.68 1.41
N ALA A 654 14.52 -25.12 0.69
CA ALA A 654 14.84 -24.60 -0.61
C ALA A 654 14.77 -25.72 -1.64
N GLY A 655 14.72 -25.35 -2.90
CA GLY A 655 14.57 -26.29 -3.99
C GLY A 655 13.11 -26.30 -4.46
N GLY A 656 12.99 -26.66 -5.73
CA GLY A 656 11.74 -26.77 -6.45
C GLY A 656 11.63 -25.69 -7.48
N SER A 657 10.45 -25.54 -8.10
CA SER A 657 10.21 -24.46 -9.09
C SER A 657 10.26 -23.08 -8.38
N SER A 658 9.75 -23.09 -7.13
CA SER A 658 9.59 -22.02 -6.14
C SER A 658 10.85 -21.17 -5.98
N THR A 659 12.01 -21.85 -5.72
CA THR A 659 13.29 -21.25 -5.36
C THR A 659 14.43 -21.48 -6.29
N VAL A 660 15.13 -22.58 -6.01
CA VAL A 660 16.30 -23.06 -6.69
C VAL A 660 15.84 -24.20 -7.56
N ARG A 661 15.51 -23.83 -8.80
CA ARG A 661 15.09 -24.75 -9.86
C ARG A 661 16.24 -25.69 -10.19
N GLY A 662 15.91 -26.88 -10.70
CA GLY A 662 16.91 -27.92 -11.04
C GLY A 662 16.99 -28.99 -9.98
N PHE A 663 16.54 -28.61 -8.76
CA PHE A 663 16.48 -29.48 -7.58
C PHE A 663 15.07 -29.85 -7.26
N GLN A 664 14.92 -31.07 -6.70
CA GLN A 664 13.65 -31.58 -6.23
C GLN A 664 13.21 -30.71 -5.08
N SER A 665 11.90 -30.51 -4.94
CA SER A 665 11.29 -29.68 -3.90
C SER A 665 11.82 -30.01 -2.52
N ASN A 666 12.20 -28.98 -1.77
CA ASN A 666 12.65 -29.04 -0.39
C ASN A 666 13.91 -29.87 -0.15
N THR A 667 14.50 -30.51 -1.19
CA THR A 667 15.70 -31.36 -1.08
C THR A 667 16.96 -30.64 -0.51
N ILE A 668 17.05 -29.30 -0.68
CA ILE A 668 18.18 -28.50 -0.19
C ILE A 668 18.11 -28.40 1.35
N GLY A 669 19.30 -28.43 1.95
CA GLY A 669 19.51 -28.30 3.39
C GLY A 669 19.97 -29.56 4.09
N PRO A 670 19.77 -29.57 5.41
CA PRO A 670 20.15 -30.77 6.20
C PRO A 670 19.31 -31.98 5.86
N LYS A 671 19.91 -33.13 5.98
CA LYS A 671 19.27 -34.39 5.70
C LYS A 671 19.05 -35.07 7.03
N ALA A 672 18.20 -36.07 7.06
CA ALA A 672 17.93 -36.74 8.32
C ALA A 672 19.08 -37.61 8.78
N VAL A 673 19.16 -37.82 10.08
CA VAL A 673 20.10 -38.78 10.65
C VAL A 673 19.21 -39.65 11.50
N TYR A 674 18.70 -40.74 10.91
CA TYR A 674 17.79 -41.67 11.56
C TYR A 674 18.42 -42.49 12.68
N PHE A 675 17.60 -42.88 13.64
CA PHE A 675 18.03 -43.74 14.72
C PHE A 675 17.63 -45.16 14.36
N PRO A 676 18.33 -46.20 14.87
CA PRO A 676 17.85 -47.59 14.62
C PRO A 676 16.48 -47.78 15.28
N HIS A 677 15.47 -48.18 14.48
CA HIS A 677 14.09 -48.35 14.95
C HIS A 677 13.39 -49.55 14.35
N GLN A 678 12.31 -50.00 15.00
CA GLN A 678 11.51 -51.11 14.49
C GLN A 678 10.32 -50.51 13.73
N ALA A 679 10.24 -50.79 12.42
CA ALA A 679 9.15 -50.35 11.54
C ALA A 679 7.88 -51.11 11.90
N SER A 680 6.73 -50.41 11.86
CA SER A 680 5.43 -51.00 12.17
C SER A 680 4.98 -52.06 11.16
N ASN A 681 4.71 -51.63 9.91
CA ASN A 681 4.29 -52.51 8.83
C ASN A 681 5.57 -52.94 8.13
N TYR A 682 6.38 -53.79 8.80
CA TYR A 682 7.59 -54.26 8.18
C TYR A 682 7.35 -55.41 7.23
N ASP A 683 7.88 -55.25 6.01
CA ASP A 683 7.83 -56.23 4.93
C ASP A 683 9.20 -56.24 4.30
N PRO A 684 9.83 -57.41 4.08
CA PRO A 684 11.13 -57.41 3.38
C PRO A 684 10.89 -57.12 1.91
N ASP A 685 11.99 -57.03 1.12
CA ASP A 685 11.96 -56.72 -0.31
C ASP A 685 11.14 -55.43 -0.57
N TYR A 686 11.30 -54.50 0.39
CA TYR A 686 10.72 -53.16 0.52
C TYR A 686 11.77 -52.35 1.28
N ASP A 687 11.95 -51.07 0.88
CA ASP A 687 12.95 -50.20 1.49
C ASP A 687 12.40 -49.34 2.61
N TYR A 688 13.15 -49.32 3.73
CA TYR A 688 12.88 -48.58 4.97
C TYR A 688 14.11 -47.83 5.35
N GLU A 689 13.97 -46.90 6.26
CA GLU A 689 15.12 -46.13 6.66
C GLU A 689 15.54 -46.47 8.06
N CYS A 690 16.77 -47.04 8.20
CA CYS A 690 17.41 -47.37 9.47
C CYS A 690 16.58 -48.30 10.33
N ALA A 691 15.95 -49.28 9.68
CA ALA A 691 15.10 -50.25 10.35
C ALA A 691 15.95 -51.36 10.96
N THR A 692 15.82 -51.59 12.27
CA THR A 692 16.56 -52.65 12.97
C THR A 692 16.32 -53.99 12.32
N GLN A 693 15.09 -54.18 11.83
CA GLN A 693 14.63 -55.40 11.16
C GLN A 693 15.31 -55.60 9.78
N ASP A 694 16.03 -54.59 9.28
CA ASP A 694 16.75 -54.63 8.01
C ASP A 694 18.25 -54.79 8.32
N GLY A 695 18.58 -54.83 9.61
CA GLY A 695 19.95 -54.94 10.07
C GLY A 695 20.55 -53.58 10.38
N ALA A 696 19.86 -52.81 11.22
CA ALA A 696 20.34 -51.49 11.64
C ALA A 696 20.68 -51.51 13.11
N LYS A 697 21.94 -51.17 13.39
CA LYS A 697 22.50 -51.18 14.75
C LYS A 697 23.03 -49.82 15.21
N ASP A 698 23.15 -48.86 14.28
CA ASP A 698 23.66 -47.52 14.58
C ASP A 698 23.00 -46.49 13.68
N LEU A 699 23.22 -45.20 13.98
CA LEU A 699 22.65 -44.08 13.24
C LEU A 699 22.93 -44.13 11.73
N CYS A 700 21.97 -43.64 10.94
CA CYS A 700 22.02 -43.72 9.50
C CYS A 700 22.06 -42.37 8.88
N LYS A 701 23.03 -42.14 8.00
CA LYS A 701 23.10 -40.93 7.19
C LYS A 701 22.02 -41.15 6.08
N SER A 702 21.32 -40.08 5.62
CA SER A 702 20.27 -40.25 4.62
C SER A 702 20.26 -39.20 3.50
N ASP A 703 19.23 -39.28 2.63
CA ASP A 703 18.99 -38.40 1.48
C ASP A 703 17.77 -37.50 1.68
N ASP A 704 16.84 -37.95 2.53
CA ASP A 704 15.60 -37.26 2.87
C ASP A 704 15.88 -35.94 3.55
N ALA A 705 15.28 -34.85 3.02
CA ALA A 705 15.47 -33.52 3.59
C ALA A 705 14.63 -33.33 4.84
N VAL A 706 15.11 -32.44 5.70
CA VAL A 706 14.44 -32.11 6.97
C VAL A 706 14.32 -30.58 7.13
N GLY A 707 15.05 -29.83 6.28
CA GLY A 707 15.10 -28.37 6.34
C GLY A 707 15.84 -27.86 7.56
N GLY A 708 15.69 -26.57 7.87
CA GLY A 708 16.42 -25.98 8.98
C GLY A 708 15.95 -24.63 9.41
N ASN A 709 16.65 -24.03 10.37
CA ASN A 709 16.30 -22.74 10.95
C ASN A 709 16.86 -21.58 10.20
N ALA A 710 17.87 -21.82 9.37
CA ALA A 710 18.54 -20.77 8.62
C ALA A 710 18.59 -21.13 7.15
N MET A 711 18.23 -20.15 6.32
CA MET A 711 18.20 -20.33 4.88
C MET A 711 18.26 -19.01 4.14
N ALA A 712 18.87 -19.08 2.96
CA ALA A 712 19.05 -17.98 2.05
C ALA A 712 19.17 -18.51 0.67
N VAL A 713 18.47 -17.83 -0.19
CA VAL A 713 18.38 -18.13 -1.60
C VAL A 713 18.45 -16.81 -2.38
N ALA A 714 18.99 -16.90 -3.58
CA ALA A 714 19.09 -15.76 -4.45
C ALA A 714 19.08 -16.25 -5.85
N SER A 715 18.58 -15.41 -6.74
CA SER A 715 18.51 -15.67 -8.15
C SER A 715 18.73 -14.42 -8.96
N LEU A 716 19.44 -14.59 -10.04
CA LEU A 716 19.70 -13.50 -10.93
C LEU A 716 19.20 -13.90 -12.35
N GLU A 717 17.99 -13.49 -12.66
CA GLU A 717 17.37 -13.84 -13.93
C GLU A 717 17.61 -12.75 -14.95
N PHE A 718 17.39 -13.10 -16.22
CA PHE A 718 17.48 -12.22 -17.36
C PHE A 718 16.35 -12.52 -18.33
N ILE A 719 15.30 -11.72 -18.23
CA ILE A 719 14.11 -11.82 -19.03
C ILE A 719 14.38 -11.32 -20.43
N THR A 720 13.90 -12.03 -21.45
CA THR A 720 14.05 -11.64 -22.82
C THR A 720 12.71 -11.84 -23.52
N PRO A 721 12.52 -11.43 -24.77
CA PRO A 721 11.26 -11.74 -25.45
C PRO A 721 11.30 -13.20 -25.93
N THR A 722 10.13 -13.85 -25.96
CA THR A 722 9.96 -15.25 -26.40
C THR A 722 10.45 -15.38 -27.86
N PRO A 723 11.22 -16.43 -28.23
CA PRO A 723 11.86 -16.48 -29.54
C PRO A 723 11.06 -16.40 -30.85
N PHE A 724 9.85 -17.00 -30.99
CA PHE A 724 9.21 -16.92 -32.30
C PHE A 724 7.79 -16.38 -32.29
N ILE A 725 7.26 -16.12 -31.11
CA ILE A 725 5.92 -15.59 -30.94
C ILE A 725 5.85 -14.12 -31.38
N SER A 726 4.79 -13.74 -32.11
CA SER A 726 4.61 -12.38 -32.60
C SER A 726 4.16 -11.42 -31.52
N ASP A 727 4.61 -10.14 -31.62
CA ASP A 727 4.34 -9.02 -30.71
C ASP A 727 2.85 -8.82 -30.39
N LYS A 728 1.98 -9.28 -31.30
CA LYS A 728 0.52 -9.20 -31.22
C LYS A 728 0.01 -9.88 -29.96
N TYR A 729 0.69 -10.96 -29.56
CA TYR A 729 0.35 -11.78 -28.40
C TYR A 729 1.58 -12.15 -27.57
N ALA A 730 2.72 -11.48 -27.82
CA ALA A 730 3.97 -11.73 -27.09
C ALA A 730 3.98 -11.05 -25.72
N ASN A 731 2.84 -10.52 -25.28
CA ASN A 731 2.66 -9.88 -23.98
C ASN A 731 2.21 -10.92 -22.96
N SER A 732 1.76 -12.07 -23.43
CA SER A 732 1.34 -13.14 -22.54
C SER A 732 2.50 -14.11 -22.25
N VAL A 733 3.63 -14.02 -23.01
CA VAL A 733 4.77 -14.96 -22.89
C VAL A 733 6.10 -14.35 -22.38
N ARG A 734 6.63 -14.96 -21.31
CA ARG A 734 7.88 -14.59 -20.67
C ARG A 734 8.97 -15.69 -20.67
N THR A 735 10.04 -15.51 -21.46
CA THR A 735 11.23 -16.38 -21.48
C THR A 735 12.15 -15.87 -20.38
N SER A 736 13.08 -16.67 -19.88
CA SER A 736 13.95 -16.19 -18.83
C SER A 736 15.18 -17.04 -18.63
N PHE A 737 16.31 -16.41 -18.42
CA PHE A 737 17.55 -17.13 -18.16
C PHE A 737 17.99 -16.84 -16.76
N PHE A 738 17.85 -17.81 -15.89
CA PHE A 738 18.13 -17.62 -14.46
C PHE A 738 19.36 -18.33 -13.94
N TRP A 739 20.00 -17.72 -12.95
CA TRP A 739 21.14 -18.30 -12.25
C TRP A 739 20.74 -18.29 -10.80
N ASP A 740 20.45 -19.49 -10.28
CA ASP A 740 19.96 -19.72 -8.93
C ASP A 740 21.06 -20.19 -7.98
N MET A 741 20.98 -19.71 -6.75
CA MET A 741 21.91 -20.04 -5.67
C MET A 741 21.07 -20.19 -4.41
N GLY A 742 21.43 -21.14 -3.55
CA GLY A 742 20.68 -21.39 -2.33
C GLY A 742 21.29 -22.32 -1.32
N THR A 743 20.89 -22.09 -0.05
CA THR A 743 21.30 -22.90 1.10
C THR A 743 20.37 -22.68 2.28
N VAL A 744 20.28 -23.78 3.03
CA VAL A 744 19.59 -24.00 4.28
C VAL A 744 20.55 -24.78 5.18
N TRP A 745 20.56 -24.38 6.43
CA TRP A 745 21.38 -25.05 7.40
C TRP A 745 20.70 -24.93 8.77
N ASP A 746 21.33 -25.54 9.78
CA ASP A 746 20.82 -25.58 11.12
C ASP A 746 21.88 -25.13 12.10
N THR A 747 21.60 -24.04 12.76
CA THR A 747 22.48 -23.42 13.73
C THR A 747 22.58 -24.17 15.04
N ASN A 748 21.64 -25.10 15.26
CA ASN A 748 21.54 -25.92 16.46
C ASN A 748 22.08 -27.30 16.17
N TRP A 749 22.99 -27.42 15.23
CA TRP A 749 23.53 -28.74 14.94
C TRP A 749 24.77 -29.02 15.75
N ASP A 750 24.95 -30.30 16.23
CA ASP A 750 26.14 -30.69 17.01
C ASP A 750 27.17 -31.44 16.22
N SER A 751 28.07 -30.67 15.63
CA SER A 751 29.21 -31.09 14.82
C SER A 751 30.17 -32.05 15.61
N SER A 752 30.40 -31.67 16.88
CA SER A 752 31.29 -32.29 17.87
C SER A 752 30.86 -33.69 18.28
N GLN A 753 29.57 -33.86 18.64
CA GLN A 753 29.06 -35.15 19.07
C GLN A 753 28.99 -36.12 17.92
N TYR A 754 28.52 -35.65 16.76
CA TYR A 754 28.33 -36.47 15.56
C TYR A 754 29.41 -36.24 14.54
N SER A 755 30.61 -36.74 14.89
CA SER A 755 31.79 -36.58 14.06
C SER A 755 31.70 -37.32 12.73
N GLY A 756 31.13 -38.51 12.75
CA GLY A 756 30.95 -39.30 11.54
C GLY A 756 29.87 -38.77 10.59
N TYR A 757 29.30 -37.60 10.93
CA TYR A 757 28.24 -37.00 10.13
C TYR A 757 28.56 -35.60 9.69
N PRO A 758 28.04 -35.27 8.46
CA PRO A 758 28.26 -33.94 7.88
C PRO A 758 27.85 -32.81 8.79
N ASP A 759 28.51 -31.69 8.59
CA ASP A 759 28.27 -30.53 9.40
C ASP A 759 27.07 -29.79 8.87
N TYR A 760 25.88 -30.10 9.44
CA TYR A 760 24.62 -29.47 9.06
C TYR A 760 24.51 -28.04 9.60
N SER A 761 25.61 -27.53 10.16
CA SER A 761 25.77 -26.18 10.70
C SER A 761 26.55 -25.32 9.72
N ASP A 762 27.16 -25.97 8.74
CA ASP A 762 27.95 -25.29 7.74
C ASP A 762 27.07 -24.69 6.66
N PRO A 763 27.17 -23.36 6.52
CA PRO A 763 26.32 -22.67 5.53
C PRO A 763 27.04 -22.41 4.22
N SER A 764 28.35 -22.70 4.23
CA SER A 764 29.30 -22.48 3.15
C SER A 764 28.94 -23.27 1.92
N ASN A 765 28.13 -24.33 2.10
CA ASN A 765 27.75 -25.23 1.02
C ASN A 765 26.58 -24.69 0.22
N ILE A 766 26.92 -23.91 -0.83
CA ILE A 766 25.97 -23.24 -1.71
C ILE A 766 25.63 -24.02 -2.87
N ARG A 767 24.37 -24.17 -3.07
CA ARG A 767 24.05 -24.85 -4.28
C ARG A 767 23.70 -23.84 -5.36
N MET A 768 24.07 -24.17 -6.59
CA MET A 768 23.78 -23.32 -7.73
C MET A 768 23.19 -24.10 -8.90
N SER A 769 22.26 -23.47 -9.61
CA SER A 769 21.64 -24.10 -10.76
C SER A 769 21.33 -23.01 -11.77
N ALA A 770 21.65 -23.27 -13.01
CA ALA A 770 21.40 -22.30 -14.06
C ALA A 770 20.47 -22.94 -15.06
N GLY A 771 19.57 -22.16 -15.64
CA GLY A 771 18.67 -22.73 -16.63
C GLY A 771 18.02 -21.79 -17.60
N ILE A 772 16.82 -22.19 -17.95
CA ILE A 772 15.90 -21.51 -18.84
C ILE A 772 14.54 -21.70 -18.25
N ALA A 773 13.71 -20.68 -18.37
CA ALA A 773 12.36 -20.71 -17.86
C ALA A 773 11.45 -20.15 -18.89
N LEU A 774 10.25 -20.67 -18.97
CA LEU A 774 9.25 -20.17 -19.91
C LEU A 774 7.91 -20.10 -19.22
N GLN A 775 7.29 -18.93 -19.21
CA GLN A 775 5.97 -18.72 -18.63
C GLN A 775 4.98 -18.32 -19.74
N TRP A 776 3.75 -18.88 -19.74
CA TRP A 776 2.69 -18.58 -20.73
C TRP A 776 1.34 -18.42 -20.09
N MET A 777 0.48 -17.65 -20.72
CA MET A 777 -0.88 -17.50 -20.25
C MET A 777 -1.69 -18.25 -21.27
N SER A 778 -1.37 -19.55 -21.41
CA SER A 778 -2.04 -20.45 -22.34
C SER A 778 -3.56 -20.47 -22.01
N PRO A 779 -4.45 -20.87 -22.94
CA PRO A 779 -5.88 -20.86 -22.61
C PRO A 779 -6.21 -21.64 -21.33
N LEU A 780 -5.52 -22.79 -21.13
CA LEU A 780 -5.59 -23.72 -19.98
C LEU A 780 -5.52 -22.98 -18.65
N GLY A 781 -4.75 -21.89 -18.64
CA GLY A 781 -4.46 -21.07 -17.48
C GLY A 781 -2.98 -20.71 -17.41
N PRO A 782 -2.44 -20.38 -16.23
CA PRO A 782 -1.01 -20.05 -16.15
C PRO A 782 -0.02 -21.20 -16.22
N LEU A 783 1.16 -20.97 -16.80
CA LEU A 783 2.15 -22.05 -16.88
C LEU A 783 3.67 -21.73 -16.99
N VAL A 784 4.46 -22.71 -16.56
CA VAL A 784 5.91 -22.63 -16.58
C VAL A 784 6.65 -23.94 -16.91
N PHE A 785 7.72 -23.78 -17.69
CA PHE A 785 8.64 -24.81 -18.16
C PHE A 785 9.95 -24.26 -17.64
N SER A 786 10.56 -24.95 -16.69
CA SER A 786 11.81 -24.50 -16.10
C SER A 786 12.80 -25.64 -16.21
N TYR A 787 13.55 -25.65 -17.29
CA TYR A 787 14.50 -26.72 -17.49
C TYR A 787 15.81 -26.20 -17.00
N ALA A 788 16.30 -26.81 -15.92
CA ALA A 788 17.51 -26.35 -15.27
C ALA A 788 18.49 -27.41 -15.04
N GLN A 789 19.75 -27.01 -15.02
CA GLN A 789 20.80 -27.93 -14.65
C GLN A 789 21.47 -27.46 -13.34
N PRO A 790 21.36 -28.30 -12.28
CA PRO A 790 22.00 -27.95 -11.02
C PRO A 790 23.47 -28.40 -11.07
N PHE A 791 24.36 -27.51 -11.42
CA PHE A 791 25.77 -27.84 -11.57
C PHE A 791 26.43 -28.00 -10.24
N LYS A 792 26.03 -27.17 -9.26
CA LYS A 792 26.58 -27.18 -7.91
C LYS A 792 25.55 -27.83 -7.01
N LYS A 793 25.78 -29.05 -6.68
CA LYS A 793 24.86 -29.75 -5.79
C LYS A 793 25.69 -30.44 -4.73
N TYR A 794 25.16 -30.62 -3.53
CA TYR A 794 25.95 -31.31 -2.52
C TYR A 794 25.35 -32.73 -2.24
N ASP A 795 25.84 -33.44 -1.15
CA ASP A 795 25.41 -34.79 -0.69
C ASP A 795 23.89 -35.02 -0.77
N GLY A 796 23.53 -36.14 -1.40
CA GLY A 796 22.16 -36.60 -1.53
C GLY A 796 21.12 -35.64 -2.06
N ASP A 797 21.54 -34.52 -2.62
CA ASP A 797 20.63 -33.56 -3.18
C ASP A 797 20.00 -34.22 -4.41
N LYS A 798 18.67 -34.35 -4.39
CA LYS A 798 17.89 -34.97 -5.46
C LYS A 798 17.57 -33.96 -6.58
N ALA A 799 17.86 -34.32 -7.84
CA ALA A 799 17.63 -33.44 -8.98
C ALA A 799 16.25 -33.61 -9.58
N GLU A 800 15.72 -32.53 -10.15
CA GLU A 800 14.43 -32.50 -10.84
C GLU A 800 14.60 -31.43 -11.94
N GLN A 801 15.23 -31.84 -13.07
CA GLN A 801 15.59 -30.96 -14.20
C GLN A 801 14.42 -30.25 -14.84
N PHE A 802 13.35 -30.98 -15.18
CA PHE A 802 12.16 -30.37 -15.76
C PHE A 802 11.07 -30.13 -14.71
N GLN A 803 10.68 -28.87 -14.54
CA GLN A 803 9.62 -28.49 -13.62
C GLN A 803 8.46 -27.74 -14.34
N PHE A 804 7.33 -27.62 -13.65
CA PHE A 804 6.14 -26.95 -14.16
C PHE A 804 4.89 -27.02 -13.26
N ASN A 805 3.95 -26.13 -13.54
CA ASN A 805 2.66 -25.96 -12.87
C ASN A 805 1.60 -25.29 -13.75
N ILE A 806 0.34 -25.75 -13.68
CA ILE A 806 -0.80 -25.20 -14.45
C ILE A 806 -1.97 -24.86 -13.49
N GLY A 807 -2.90 -24.01 -13.97
CA GLY A 807 -4.11 -23.58 -13.25
C GLY A 807 -5.33 -23.54 -14.17
N LYS A 808 -6.46 -22.92 -13.68
CA LYS A 808 -7.78 -22.68 -14.31
C LYS A 808 -8.68 -22.01 -13.29
N THR A 809 -9.70 -21.29 -13.76
CA THR A 809 -10.68 -20.65 -12.90
C THR A 809 -12.10 -20.84 -13.43
N GLN B 265 -8.40 40.36 -5.61
CA GLN B 265 -8.44 41.40 -4.58
C GLN B 265 -8.44 42.79 -5.20
N TYR B 266 -8.70 43.79 -4.36
CA TYR B 266 -8.75 45.21 -4.68
C TYR B 266 -7.32 45.68 -4.50
N LYS B 267 -6.74 46.24 -5.57
CA LYS B 267 -5.31 46.50 -5.73
C LYS B 267 -4.84 47.97 -5.55
N LEU B 268 -3.52 48.21 -5.71
CA LEU B 268 -2.89 49.52 -5.57
C LEU B 268 -3.06 50.40 -6.80
N SER B 269 -3.35 51.71 -6.58
CA SER B 269 -3.50 52.73 -7.62
C SER B 269 -2.29 53.70 -7.69
N GLY B 270 -1.65 53.96 -6.55
CA GLY B 270 -0.51 54.86 -6.48
C GLY B 270 -0.29 55.46 -5.11
N VAL B 271 0.92 56.03 -4.89
CA VAL B 271 1.33 56.69 -3.64
C VAL B 271 1.55 58.19 -3.89
N GLU B 272 0.98 59.05 -3.04
CA GLU B 272 1.11 60.49 -3.17
C GLU B 272 1.58 61.10 -1.85
N VAL B 273 2.81 61.64 -1.84
CA VAL B 273 3.43 62.26 -0.65
C VAL B 273 3.18 63.77 -0.62
N SER B 274 2.78 64.32 0.56
CA SER B 274 2.48 65.76 0.73
C SER B 274 2.62 66.23 2.19
N GLY B 275 3.44 67.26 2.42
CA GLY B 275 3.66 67.84 3.74
C GLY B 275 4.94 68.65 3.88
N ASN B 276 5.28 69.02 5.14
CA ASN B 276 6.50 69.78 5.47
C ASN B 276 7.69 68.79 5.45
N LEU B 277 7.97 68.25 4.26
CA LEU B 277 9.01 67.25 3.96
C LEU B 277 10.42 67.52 4.52
N ALA B 278 10.69 68.77 4.97
CA ALA B 278 11.97 69.23 5.50
C ALA B 278 13.10 69.18 4.45
N GLY B 279 12.71 69.22 3.17
CA GLY B 279 13.63 69.22 2.04
C GLY B 279 14.20 67.88 1.63
N HIS B 280 13.80 66.79 2.32
CA HIS B 280 14.26 65.44 2.03
C HIS B 280 13.38 64.75 0.98
N SER B 281 12.68 65.55 0.16
CA SER B 281 11.79 65.11 -0.92
C SER B 281 12.48 64.15 -1.88
N ALA B 282 13.80 64.36 -2.08
CA ALA B 282 14.66 63.56 -2.95
C ALA B 282 14.79 62.12 -2.45
N GLU B 283 14.87 61.93 -1.12
CA GLU B 283 15.04 60.63 -0.49
C GLU B 283 13.74 59.85 -0.35
N ILE B 284 12.63 60.54 -0.01
CA ILE B 284 11.32 59.94 0.24
C ILE B 284 10.78 59.18 -0.96
N GLU B 285 11.08 59.65 -2.19
CA GLU B 285 10.64 59.00 -3.42
C GLU B 285 11.19 57.57 -3.52
N GLN B 286 12.39 57.36 -2.97
CA GLN B 286 13.06 56.06 -2.94
C GLN B 286 12.36 55.13 -1.95
N LEU B 287 11.85 55.68 -0.83
CA LEU B 287 11.13 54.91 0.18
C LEU B 287 9.74 54.50 -0.32
N THR B 288 9.07 55.37 -1.09
CA THR B 288 7.71 55.16 -1.61
C THR B 288 7.71 54.58 -3.04
N LYS B 289 8.81 53.88 -3.41
CA LYS B 289 8.95 53.21 -4.70
C LYS B 289 7.90 52.10 -4.81
N ILE B 290 7.27 52.00 -5.98
CA ILE B 290 6.23 51.01 -6.28
C ILE B 290 6.47 50.30 -7.60
N GLU B 291 6.22 48.99 -7.63
CA GLU B 291 6.34 48.12 -8.79
C GLU B 291 4.98 48.06 -9.51
N PRO B 292 4.92 48.11 -10.88
CA PRO B 292 3.62 48.03 -11.56
C PRO B 292 2.96 46.67 -11.37
N GLY B 293 1.66 46.67 -11.15
CA GLY B 293 0.88 45.46 -10.90
C GLY B 293 1.02 45.00 -9.47
N GLU B 294 1.17 45.96 -8.54
CA GLU B 294 1.31 45.67 -7.12
C GLU B 294 -0.05 45.55 -6.47
N LEU B 295 -0.28 44.39 -5.85
CA LEU B 295 -1.49 44.03 -5.12
C LEU B 295 -1.32 44.68 -3.75
N TYR B 296 -2.35 45.38 -3.29
CA TYR B 296 -2.32 46.15 -2.04
C TYR B 296 -2.01 45.34 -0.77
N ASN B 297 -1.25 45.96 0.16
CA ASN B 297 -0.87 45.40 1.46
C ASN B 297 -0.61 46.52 2.49
N GLY B 298 -1.44 46.52 3.55
CA GLY B 298 -1.42 47.54 4.61
C GLY B 298 -0.25 47.52 5.56
N THR B 299 0.49 46.41 5.64
CA THR B 299 1.64 46.28 6.53
C THR B 299 2.90 46.82 5.87
N LYS B 300 3.06 46.56 4.56
CA LYS B 300 4.19 47.03 3.74
C LYS B 300 4.16 48.57 3.72
N VAL B 301 2.94 49.14 3.66
CA VAL B 301 2.68 50.58 3.70
C VAL B 301 3.19 51.11 5.05
N THR B 302 2.77 50.47 6.15
CA THR B 302 3.17 50.85 7.51
C THR B 302 4.68 50.81 7.63
N LYS B 303 5.32 49.78 7.03
CA LYS B 303 6.79 49.62 7.00
C LYS B 303 7.42 50.90 6.39
N MET B 304 6.87 51.36 5.25
CA MET B 304 7.30 52.58 4.56
C MET B 304 7.03 53.83 5.45
N GLU B 305 5.81 53.90 6.08
CA GLU B 305 5.42 54.98 7.00
C GLU B 305 6.44 55.09 8.14
N ASP B 306 6.94 53.94 8.64
CA ASP B 306 7.96 53.86 9.71
C ASP B 306 9.34 54.18 9.17
N ASP B 307 9.62 53.81 7.92
CA ASP B 307 10.92 54.09 7.30
C ASP B 307 11.11 55.59 7.10
N ILE B 308 10.05 56.29 6.63
CA ILE B 308 10.06 57.75 6.46
C ILE B 308 10.25 58.38 7.85
N LYS B 309 9.52 57.86 8.84
CA LYS B 309 9.57 58.27 10.24
C LYS B 309 10.97 58.04 10.83
N LYS B 310 11.65 56.96 10.40
CA LYS B 310 13.00 56.63 10.86
C LYS B 310 14.01 57.60 10.23
N LEU B 311 13.88 57.88 8.92
CA LEU B 311 14.75 58.80 8.18
C LEU B 311 14.69 60.18 8.80
N LEU B 312 13.48 60.71 9.02
CA LEU B 312 13.26 62.01 9.63
C LEU B 312 13.70 62.01 11.10
N GLY B 313 13.74 60.82 11.69
CA GLY B 313 14.18 60.63 13.07
C GLY B 313 15.69 60.65 13.19
N ARG B 314 16.37 60.03 12.22
CA ARG B 314 17.82 59.99 12.22
C ARG B 314 18.42 61.34 11.87
N TYR B 315 17.64 62.22 11.20
CA TYR B 315 18.09 63.57 10.83
C TYR B 315 18.14 64.52 12.04
N GLY B 316 17.27 64.30 13.03
CA GLY B 316 17.17 65.11 14.25
C GLY B 316 15.77 65.45 14.72
N TYR B 317 14.74 65.23 13.89
CA TYR B 317 13.35 65.52 14.25
C TYR B 317 12.84 64.45 15.19
N ALA B 318 12.48 64.85 16.41
CA ALA B 318 12.02 63.97 17.49
C ALA B 318 10.70 63.25 17.21
N TYR B 319 9.68 63.98 16.76
CA TYR B 319 8.36 63.40 16.53
C TYR B 319 7.90 63.49 15.08
N PRO B 320 8.56 62.82 14.11
CA PRO B 320 8.04 62.89 12.74
C PRO B 320 6.71 62.15 12.63
N ARG B 321 5.73 62.79 12.00
CA ARG B 321 4.41 62.21 11.84
C ARG B 321 4.18 61.82 10.39
N VAL B 322 3.75 60.57 10.18
CA VAL B 322 3.41 60.08 8.84
C VAL B 322 2.05 59.42 8.92
N GLN B 323 1.07 60.00 8.23
CA GLN B 323 -0.30 59.50 8.19
C GLN B 323 -0.62 59.11 6.77
N SER B 324 -1.47 58.11 6.59
CA SER B 324 -1.87 57.70 5.26
C SER B 324 -3.35 57.39 5.23
N MET B 325 -4.06 58.02 4.28
CA MET B 325 -5.49 57.84 4.08
C MET B 325 -5.74 57.21 2.72
N PRO B 326 -6.44 56.06 2.67
CA PRO B 326 -6.67 55.41 1.39
C PRO B 326 -7.92 55.94 0.71
N GLU B 327 -7.77 56.41 -0.54
CA GLU B 327 -8.90 56.87 -1.35
C GLU B 327 -9.47 55.63 -2.04
N ILE B 328 -10.63 55.16 -1.54
CA ILE B 328 -11.29 53.95 -2.03
C ILE B 328 -11.97 54.21 -3.35
N ASN B 329 -11.57 53.45 -4.36
CA ASN B 329 -12.18 53.54 -5.67
C ASN B 329 -12.79 52.18 -5.99
N ASP B 330 -14.10 51.99 -5.70
CA ASP B 330 -14.77 50.73 -6.04
C ASP B 330 -14.99 50.65 -7.55
N ALA B 331 -15.08 51.82 -8.23
CA ALA B 331 -15.21 51.95 -9.68
C ALA B 331 -14.04 51.22 -10.35
N ASP B 332 -12.80 51.61 -10.03
CA ASP B 332 -11.59 51.00 -10.59
C ASP B 332 -11.25 49.72 -9.84
N LYS B 333 -11.82 49.56 -8.64
CA LYS B 333 -11.57 48.45 -7.72
C LYS B 333 -10.07 48.46 -7.33
N THR B 334 -9.54 49.67 -7.07
CA THR B 334 -8.14 49.94 -6.70
C THR B 334 -8.04 51.15 -5.76
N VAL B 335 -7.30 51.02 -4.65
CA VAL B 335 -7.13 52.12 -3.69
C VAL B 335 -5.94 53.01 -4.04
N LYS B 336 -6.16 54.35 -3.92
CA LYS B 336 -5.13 55.38 -4.15
C LYS B 336 -4.67 55.92 -2.81
N LEU B 337 -3.42 55.63 -2.42
CA LEU B 337 -2.88 56.02 -1.11
C LEU B 337 -2.39 57.48 -1.00
N ARG B 338 -3.07 58.29 -0.15
CA ARG B 338 -2.71 59.70 0.13
C ARG B 338 -1.91 59.75 1.44
N VAL B 339 -0.60 60.00 1.34
CA VAL B 339 0.30 60.04 2.49
C VAL B 339 0.64 61.45 2.93
N ASN B 340 0.25 61.80 4.16
CA ASN B 340 0.54 63.10 4.76
C ASN B 340 1.72 62.98 5.72
N VAL B 341 2.86 63.55 5.33
CA VAL B 341 4.05 63.60 6.18
C VAL B 341 3.93 64.93 6.96
N ASP B 342 4.46 64.98 8.20
CA ASP B 342 4.41 66.17 9.04
C ASP B 342 5.64 66.18 9.98
N ALA B 343 6.83 66.37 9.40
CA ALA B 343 8.09 66.43 10.16
C ALA B 343 8.01 67.53 11.22
N GLY B 344 8.26 67.15 12.48
CA GLY B 344 8.20 68.07 13.62
C GLY B 344 9.47 68.90 13.76
N ASN B 345 9.84 69.25 14.99
CA ASN B 345 11.10 69.99 15.19
C ASN B 345 12.01 69.25 16.15
N THR B 423 17.15 37.25 38.78
CA THR B 423 18.26 36.50 38.19
C THR B 423 18.46 35.11 38.81
N GLY B 424 17.99 34.91 40.04
CA GLY B 424 18.09 33.64 40.75
C GLY B 424 17.10 32.63 40.20
N SER B 425 17.60 31.48 39.72
CA SER B 425 16.79 30.41 39.14
C SER B 425 17.12 29.04 39.77
N PHE B 426 16.10 28.39 40.36
CA PHE B 426 16.14 27.10 41.09
C PHE B 426 15.55 25.92 40.27
N ASN B 427 16.43 25.05 39.71
CA ASN B 427 16.00 23.88 38.90
C ASN B 427 16.19 22.57 39.68
N PHE B 428 15.09 21.82 39.83
CA PHE B 428 15.08 20.62 40.65
C PHE B 428 14.42 19.42 39.96
N GLY B 429 15.11 18.28 39.98
CA GLY B 429 14.63 17.02 39.40
C GLY B 429 14.65 15.87 40.37
N ILE B 430 13.80 14.87 40.12
CA ILE B 430 13.70 13.64 40.88
C ILE B 430 13.16 12.56 39.97
N GLY B 431 13.96 11.52 39.81
CA GLY B 431 13.59 10.40 38.94
C GLY B 431 13.66 9.06 39.61
N TYR B 432 12.72 8.20 39.23
CA TYR B 432 12.56 6.82 39.66
C TYR B 432 12.91 5.98 38.44
N GLY B 433 14.02 5.27 38.52
CA GLY B 433 14.53 4.46 37.43
C GLY B 433 14.90 3.06 37.82
N THR B 434 14.94 2.17 36.83
CA THR B 434 15.38 0.81 37.08
C THR B 434 16.89 0.81 36.77
N GLU B 435 17.38 1.88 36.09
CA GLU B 435 18.76 2.11 35.62
C GLU B 435 19.52 3.17 36.44
N SER B 436 18.79 3.83 37.36
CA SER B 436 19.25 4.89 38.28
C SER B 436 18.64 4.78 39.71
N GLY B 437 17.70 3.84 39.91
CA GLY B 437 17.00 3.58 41.18
C GLY B 437 16.07 4.71 41.55
N VAL B 438 16.61 5.63 42.35
CA VAL B 438 16.01 6.89 42.76
C VAL B 438 17.11 7.90 42.59
N SER B 439 16.89 8.86 41.70
CA SER B 439 17.87 9.88 41.31
C SER B 439 17.46 11.29 41.66
N PHE B 440 18.24 11.91 42.54
CA PHE B 440 18.03 13.27 43.02
C PHE B 440 19.02 14.19 42.30
N GLN B 441 18.51 15.23 41.61
CA GLN B 441 19.26 16.21 40.82
C GLN B 441 18.78 17.64 41.12
N ALA B 442 19.70 18.57 41.39
CA ALA B 442 19.31 19.95 41.65
C ALA B 442 20.41 20.89 41.23
N GLY B 443 20.01 22.04 40.70
CA GLY B 443 20.93 23.07 40.26
C GLY B 443 20.47 24.47 40.59
N VAL B 444 21.38 25.25 41.15
CA VAL B 444 21.10 26.63 41.51
C VAL B 444 21.82 27.53 40.51
N GLN B 445 21.06 28.43 39.90
CA GLN B 445 21.56 29.33 38.88
C GLN B 445 21.41 30.80 39.25
N GLN B 446 22.46 31.58 38.98
CA GLN B 446 22.52 33.02 39.18
C GLN B 446 23.28 33.60 37.99
N ASP B 447 22.51 34.11 37.02
CA ASP B 447 22.98 34.62 35.74
C ASP B 447 23.82 35.88 35.82
N ASN B 448 23.50 36.78 36.78
CA ASN B 448 24.22 38.03 37.02
C ASN B 448 24.74 38.04 38.46
N TRP B 449 25.37 36.92 38.88
CA TRP B 449 25.85 36.74 40.25
C TRP B 449 26.85 37.78 40.66
N LEU B 450 26.39 38.66 41.56
CA LEU B 450 27.14 39.78 42.13
C LEU B 450 27.73 40.69 41.05
N GLY B 451 27.00 40.81 39.95
CA GLY B 451 27.35 41.64 38.80
C GLY B 451 28.69 41.27 38.19
N THR B 452 28.77 40.07 37.62
CA THR B 452 30.01 39.61 36.97
C THR B 452 29.75 39.27 35.49
N GLY B 453 28.49 39.08 35.14
CA GLY B 453 28.07 38.72 33.78
C GLY B 453 28.10 37.22 33.58
N TYR B 454 28.92 36.54 34.38
CA TYR B 454 29.08 35.10 34.36
C TYR B 454 27.91 34.50 35.13
N ALA B 455 27.43 33.35 34.66
CA ALA B 455 26.34 32.60 35.26
C ALA B 455 26.92 31.42 36.05
N VAL B 456 26.54 31.31 37.33
CA VAL B 456 27.04 30.27 38.22
C VAL B 456 26.01 29.18 38.49
N GLY B 457 26.34 27.95 38.13
CA GLY B 457 25.48 26.80 38.34
C GLY B 457 26.09 25.79 39.26
N ILE B 458 25.48 25.56 40.42
CA ILE B 458 25.96 24.58 41.38
C ILE B 458 24.99 23.45 41.31
N ASN B 459 25.41 22.36 40.68
CA ASN B 459 24.55 21.20 40.47
C ASN B 459 25.06 19.94 41.16
N GLY B 460 24.13 19.29 41.85
CA GLY B 460 24.34 18.05 42.59
C GLY B 460 23.43 16.96 42.10
N THR B 461 23.97 15.76 41.99
CA THR B 461 23.28 14.58 41.48
C THR B 461 23.62 13.39 42.35
N LYS B 462 22.62 12.54 42.58
CA LYS B 462 22.80 11.29 43.27
C LYS B 462 21.77 10.30 42.81
N ASN B 463 22.25 9.18 42.24
CA ASN B 463 21.45 8.02 41.81
C ASN B 463 21.88 6.82 42.66
N ASP B 464 21.68 5.60 42.19
CA ASP B 464 22.03 4.51 43.07
C ASP B 464 23.52 4.29 43.17
N TYR B 465 24.21 4.29 42.04
CA TYR B 465 25.64 3.98 42.01
C TYR B 465 26.62 5.13 42.15
N GLN B 466 26.16 6.37 42.02
CA GLN B 466 27.09 7.48 42.09
C GLN B 466 26.51 8.82 42.54
N THR B 467 27.38 9.65 43.12
CA THR B 467 27.06 11.01 43.52
C THR B 467 28.01 11.94 42.81
N TYR B 468 27.43 12.89 42.10
CA TYR B 468 28.16 13.90 41.35
C TYR B 468 27.79 15.29 41.82
N ALA B 469 28.80 16.09 42.10
CA ALA B 469 28.60 17.47 42.51
C ALA B 469 29.57 18.33 41.73
N GLU B 470 29.04 19.35 41.06
CA GLU B 470 29.83 20.27 40.24
C GLU B 470 29.46 21.73 40.43
N LEU B 471 30.45 22.60 40.28
CA LEU B 471 30.32 24.05 40.32
C LEU B 471 30.77 24.53 38.95
N SER B 472 29.88 25.24 38.26
CA SER B 472 30.11 25.72 36.91
C SER B 472 29.94 27.23 36.76
N VAL B 473 30.85 27.82 35.96
CA VAL B 473 30.85 29.24 35.61
C VAL B 473 30.86 29.30 34.09
N THR B 474 29.87 30.01 33.54
CA THR B 474 29.61 30.19 32.11
C THR B 474 29.22 31.63 31.72
N ASN B 475 29.83 32.16 30.64
CA ASN B 475 29.46 33.46 30.12
C ASN B 475 28.89 33.23 28.72
N PRO B 476 27.61 33.60 28.43
CA PRO B 476 27.04 33.33 27.09
C PRO B 476 27.85 33.90 25.91
N TYR B 477 28.64 34.98 26.12
CA TYR B 477 29.52 35.57 25.11
C TYR B 477 30.85 36.04 25.74
N PHE B 478 31.82 35.10 25.82
CA PHE B 478 33.13 35.35 26.40
C PHE B 478 33.98 36.31 25.55
N THR B 479 33.90 36.21 24.21
CA THR B 479 34.68 37.13 23.36
C THR B 479 33.81 37.80 22.29
N VAL B 480 34.47 38.55 21.38
CA VAL B 480 33.91 39.36 20.30
C VAL B 480 32.95 38.57 19.36
N ASP B 481 33.15 37.24 19.19
CA ASP B 481 32.32 36.44 18.29
C ASP B 481 31.25 35.52 18.98
N GLY B 482 30.99 35.75 20.27
CA GLY B 482 29.98 35.05 21.07
C GLY B 482 30.21 33.59 21.41
N VAL B 483 30.95 33.29 22.53
CA VAL B 483 31.30 31.93 23.02
C VAL B 483 30.81 31.69 24.46
N SER B 484 30.05 30.61 24.68
CA SER B 484 29.60 30.28 26.03
C SER B 484 30.74 29.62 26.86
N LEU B 485 31.56 30.49 27.54
CA LEU B 485 32.71 30.23 28.42
C LEU B 485 32.58 28.91 29.22
N GLY B 486 33.62 28.06 29.17
CA GLY B 486 33.61 26.77 29.86
C GLY B 486 34.49 26.67 31.08
N GLY B 487 33.88 26.38 32.22
CA GLY B 487 34.56 26.22 33.49
C GLY B 487 33.79 25.28 34.38
N ARG B 488 34.48 24.25 34.93
CA ARG B 488 33.88 23.25 35.80
C ARG B 488 34.82 22.75 36.90
N LEU B 489 34.29 22.67 38.12
CA LEU B 489 34.98 22.12 39.28
C LEU B 489 34.09 21.00 39.78
N PHE B 490 34.61 19.76 39.88
CA PHE B 490 33.76 18.61 40.21
C PHE B 490 34.24 17.65 41.28
N TYR B 491 33.31 16.80 41.73
CA TYR B 491 33.52 15.71 42.68
C TYR B 491 32.57 14.58 42.31
N ASN B 492 33.12 13.38 42.03
CA ASN B 492 32.35 12.19 41.70
C ASN B 492 32.71 11.00 42.56
N ASP B 493 31.73 10.48 43.30
CA ASP B 493 31.90 9.30 44.13
C ASP B 493 31.19 8.18 43.40
N PHE B 494 31.93 7.13 43.04
CA PHE B 494 31.38 6.00 42.30
C PHE B 494 31.52 4.67 43.04
N GLN B 495 30.38 3.93 43.16
CA GLN B 495 30.27 2.58 43.74
C GLN B 495 29.87 1.56 42.62
N ALA B 496 30.90 0.84 42.08
CA ALA B 496 30.75 -0.11 41.00
C ALA B 496 29.70 -1.16 41.27
N ASP B 497 29.63 -1.65 42.51
CA ASP B 497 28.69 -2.67 42.95
C ASP B 497 27.22 -2.34 42.64
N ASP B 498 26.82 -1.09 42.96
CA ASP B 498 25.47 -0.58 42.76
C ASP B 498 25.16 -0.39 41.28
N ALA B 499 26.24 -0.27 40.45
CA ALA B 499 26.18 -0.12 39.00
C ALA B 499 26.12 -1.51 38.32
N ASP B 500 25.73 -2.55 39.10
CA ASP B 500 25.60 -3.92 38.63
C ASP B 500 26.91 -4.48 38.04
N LEU B 501 28.06 -3.96 38.52
CA LEU B 501 29.37 -4.39 38.07
C LEU B 501 30.08 -5.18 39.18
N SER B 502 31.32 -5.59 38.89
CA SER B 502 32.18 -6.19 39.89
C SER B 502 32.56 -5.07 40.85
N ASP B 503 32.76 -5.40 42.13
CA ASP B 503 33.02 -4.42 43.16
C ASP B 503 34.34 -3.67 43.08
N TYR B 504 34.26 -2.35 43.32
CA TYR B 504 35.32 -1.37 43.51
C TYR B 504 34.71 0.00 43.83
N THR B 505 35.48 0.86 44.51
CA THR B 505 35.06 2.20 44.88
C THR B 505 35.99 3.22 44.26
N ASN B 506 35.44 4.19 43.53
CA ASN B 506 36.21 5.24 42.91
C ASN B 506 35.74 6.63 43.32
N LYS B 507 36.53 7.30 44.15
CA LYS B 507 36.26 8.66 44.57
C LYS B 507 37.19 9.54 43.75
N SER B 508 36.60 10.39 42.89
CA SER B 508 37.32 11.23 41.94
C SER B 508 36.96 12.69 42.01
N TYR B 509 37.92 13.56 41.72
CA TYR B 509 37.76 15.01 41.78
C TYR B 509 38.69 15.68 40.80
N GLY B 510 38.40 16.93 40.45
CA GLY B 510 39.20 17.71 39.52
C GLY B 510 38.49 18.91 38.90
N THR B 511 39.01 19.38 37.75
CA THR B 511 38.48 20.53 37.05
C THR B 511 38.58 20.42 35.54
N ASP B 512 37.72 21.17 34.83
CA ASP B 512 37.67 21.20 33.38
C ASP B 512 37.33 22.56 32.80
N VAL B 513 38.05 22.95 31.76
CA VAL B 513 37.80 24.17 31.01
C VAL B 513 37.61 23.75 29.57
N THR B 514 36.41 23.98 29.03
CA THR B 514 36.07 23.55 27.67
C THR B 514 35.33 24.65 26.90
N LEU B 515 35.93 25.23 25.85
CA LEU B 515 35.21 26.26 25.09
C LEU B 515 35.67 26.35 23.66
N GLY B 516 34.70 26.50 22.76
CA GLY B 516 34.96 26.59 21.33
C GLY B 516 34.18 27.69 20.66
N PHE B 517 33.02 27.33 20.10
CA PHE B 517 32.16 28.24 19.35
C PHE B 517 30.78 27.59 19.26
N PRO B 518 29.70 28.27 19.70
CA PRO B 518 28.37 27.67 19.63
C PRO B 518 27.50 28.22 18.48
N ILE B 519 28.14 28.84 17.46
CA ILE B 519 27.46 29.44 16.30
C ILE B 519 27.02 28.35 15.30
N ASN B 520 26.71 28.73 14.03
CA ASN B 520 26.21 27.86 12.94
C ASN B 520 24.75 27.44 13.17
N GLU B 521 24.20 27.78 14.36
CA GLU B 521 22.82 27.57 14.80
C GLU B 521 22.49 26.10 15.12
N TYR B 522 22.81 25.15 14.23
CA TYR B 522 22.51 23.74 14.45
C TYR B 522 23.63 22.98 15.18
N ASN B 523 24.87 23.27 14.77
CA ASN B 523 26.13 22.69 15.20
C ASN B 523 26.64 23.23 16.55
N SER B 524 27.65 22.56 17.14
CA SER B 524 28.30 22.94 18.41
C SER B 524 29.79 22.55 18.39
N LEU B 525 30.69 23.47 18.74
CA LEU B 525 32.13 23.19 18.76
C LEU B 525 32.66 23.23 20.19
N ARG B 526 33.43 22.18 20.58
CA ARG B 526 34.01 21.99 21.92
C ARG B 526 35.38 21.27 21.93
N ALA B 527 36.35 21.86 22.68
CA ALA B 527 37.71 21.39 22.95
C ALA B 527 38.17 22.01 24.28
N GLY B 528 38.83 21.23 25.13
CA GLY B 528 39.25 21.75 26.42
C GLY B 528 40.24 20.92 27.21
N LEU B 529 40.70 21.48 28.32
CA LEU B 529 41.66 20.81 29.19
C LEU B 529 41.08 20.46 30.53
N GLY B 530 41.35 19.23 30.97
CA GLY B 530 40.83 18.70 32.21
C GLY B 530 41.84 18.00 33.08
N TYR B 531 41.76 18.29 34.37
CA TYR B 531 42.67 17.77 35.36
C TYR B 531 41.86 16.96 36.35
N VAL B 532 42.28 15.71 36.56
CA VAL B 532 41.56 14.77 37.41
C VAL B 532 42.46 14.03 38.41
N HIS B 533 41.86 13.64 39.55
CA HIS B 533 42.46 12.86 40.62
C HIS B 533 41.47 11.74 41.02
N ASN B 534 41.86 10.48 40.78
CA ASN B 534 41.04 9.31 41.13
C ASN B 534 41.71 8.54 42.25
N SER B 535 40.93 8.11 43.25
CA SER B 535 41.42 7.32 44.36
C SER B 535 40.65 6.01 44.49
N LEU B 536 41.08 5.00 43.74
CA LEU B 536 40.48 3.67 43.76
C LEU B 536 40.67 2.99 45.09
N SER B 537 39.66 2.23 45.56
CA SER B 537 39.72 1.47 46.82
C SER B 537 38.67 0.36 46.88
N ASN B 538 38.87 -0.63 47.79
CA ASN B 538 37.94 -1.74 48.04
C ASN B 538 37.61 -2.56 46.78
N MET B 539 38.63 -3.01 46.07
CA MET B 539 38.42 -3.77 44.85
C MET B 539 38.46 -5.27 45.10
N GLN B 540 37.38 -6.00 44.78
CA GLN B 540 37.37 -7.45 44.95
C GLN B 540 38.25 -8.05 43.83
N PRO B 541 39.38 -8.75 44.18
CA PRO B 541 40.32 -9.24 43.15
C PRO B 541 39.77 -10.13 42.06
N GLN B 542 39.94 -9.68 40.82
CA GLN B 542 39.58 -10.38 39.59
C GLN B 542 40.69 -10.20 38.57
N VAL B 543 40.80 -11.12 37.62
CA VAL B 543 41.86 -11.13 36.62
C VAL B 543 41.94 -9.80 35.91
N ALA B 544 40.85 -9.51 35.22
CA ALA B 544 40.65 -8.34 34.40
C ALA B 544 41.16 -7.04 35.02
N MET B 545 40.66 -6.72 36.20
CA MET B 545 41.01 -5.50 36.93
C MET B 545 42.48 -5.45 37.25
N TRP B 546 43.01 -6.56 37.77
CA TRP B 546 44.41 -6.72 38.14
C TRP B 546 45.33 -6.53 36.99
N ARG B 547 44.94 -7.06 35.83
CA ARG B 547 45.70 -6.97 34.59
C ARG B 547 46.05 -5.51 34.31
N TYR B 548 45.12 -4.58 34.60
CA TYR B 548 45.35 -3.14 34.43
C TYR B 548 46.28 -2.61 35.50
N LEU B 549 46.12 -3.09 36.75
CA LEU B 549 46.95 -2.65 37.86
C LEU B 549 48.41 -3.00 37.58
N TYR B 550 48.66 -4.19 37.01
CA TYR B 550 50.01 -4.63 36.62
C TYR B 550 50.59 -3.78 35.50
N SER B 551 49.72 -3.27 34.62
CA SER B 551 50.12 -2.38 33.53
C SER B 551 50.65 -1.07 34.10
N MET B 552 50.06 -0.61 35.19
CA MET B 552 50.43 0.63 35.83
C MET B 552 51.73 0.54 36.61
N GLY B 553 52.10 -0.67 37.01
CA GLY B 553 53.27 -0.96 37.83
C GLY B 553 52.91 -1.24 39.28
N GLU B 554 51.59 -1.28 39.58
CA GLU B 554 51.04 -1.55 40.92
C GLU B 554 50.67 -3.01 41.08
N HIS B 555 51.10 -3.62 42.19
CA HIS B 555 50.91 -5.05 42.43
C HIS B 555 50.34 -5.32 43.81
N PRO B 556 49.02 -5.52 43.91
CA PRO B 556 48.42 -5.75 45.23
C PRO B 556 48.12 -7.22 45.53
N SER B 557 47.55 -7.46 46.72
CA SER B 557 47.16 -8.78 47.21
C SER B 557 45.96 -9.30 46.44
N THR B 558 46.02 -10.57 45.97
CA THR B 558 44.96 -11.24 45.20
C THR B 558 43.99 -12.01 46.10
N SER B 559 44.25 -12.00 47.39
CA SER B 559 43.45 -12.71 48.37
C SER B 559 42.86 -11.75 49.41
N ASP B 560 43.17 -10.45 49.28
CA ASP B 560 42.73 -9.45 50.23
C ASP B 560 42.24 -8.20 49.52
N GLN B 561 40.97 -7.83 49.78
CA GLN B 561 40.30 -6.63 49.26
C GLN B 561 40.89 -5.32 49.82
N ASP B 562 41.89 -5.45 50.73
CA ASP B 562 42.63 -4.33 51.28
C ASP B 562 43.53 -3.79 50.17
N ASN B 563 43.03 -2.76 49.49
CA ASN B 563 43.79 -2.13 48.42
C ASN B 563 43.36 -0.71 48.18
N SER B 564 44.28 0.09 47.65
CA SER B 564 44.07 1.51 47.35
C SER B 564 45.04 2.00 46.29
N PHE B 565 44.50 2.68 45.28
CA PHE B 565 45.27 3.23 44.19
C PHE B 565 44.84 4.65 43.91
N LYS B 566 45.80 5.58 43.88
CA LYS B 566 45.53 6.99 43.63
C LYS B 566 46.34 7.51 42.44
N THR B 567 45.64 8.15 41.47
CA THR B 567 46.27 8.71 40.27
C THR B 567 46.02 10.20 40.11
N ASP B 568 46.86 10.84 39.29
CA ASP B 568 46.77 12.25 38.92
C ASP B 568 46.89 12.32 37.40
N ASP B 569 45.79 12.69 36.72
CA ASP B 569 45.79 12.70 35.26
C ASP B 569 45.38 14.00 34.65
N PHE B 570 46.08 14.38 33.60
CA PHE B 570 45.78 15.57 32.82
C PHE B 570 45.36 15.10 31.45
N THR B 571 44.23 15.63 30.95
CA THR B 571 43.68 15.20 29.67
C THR B 571 43.25 16.32 28.76
N PHE B 572 43.40 16.08 27.45
CA PHE B 572 42.93 16.99 26.41
C PHE B 572 41.67 16.36 25.83
N ASN B 573 40.53 17.03 26.02
CA ASN B 573 39.22 16.57 25.55
C ASN B 573 38.78 17.33 24.31
N TYR B 574 38.17 16.62 23.36
CA TYR B 574 37.61 17.21 22.15
C TYR B 574 36.24 16.59 21.87
N GLY B 575 35.39 17.35 21.21
CA GLY B 575 34.04 16.90 20.91
C GLY B 575 33.40 17.60 19.75
N TRP B 576 33.03 16.83 18.74
CA TRP B 576 32.36 17.38 17.57
C TRP B 576 30.89 17.00 17.52
N THR B 577 30.03 18.03 17.57
CA THR B 577 28.57 17.91 17.49
C THR B 577 28.12 18.50 16.14
N TYR B 578 27.33 17.72 15.38
CA TYR B 578 26.69 18.08 14.11
C TYR B 578 25.32 17.36 14.05
N ASN B 579 24.26 18.17 14.24
CA ASN B 579 22.86 17.82 14.36
C ASN B 579 22.06 18.43 13.22
N LYS B 580 21.31 17.58 12.52
CA LYS B 580 20.44 17.95 11.42
C LYS B 580 18.98 17.62 11.82
N LEU B 581 18.69 17.52 13.15
CA LEU B 581 17.35 17.13 13.61
C LEU B 581 16.34 18.20 13.39
N ASP B 582 15.18 17.79 12.90
CA ASP B 582 14.08 18.70 12.68
C ASP B 582 13.53 19.24 14.01
N ARG B 583 13.63 18.46 15.09
CA ARG B 583 13.11 18.83 16.41
C ARG B 583 13.90 18.15 17.49
N GLY B 584 14.21 18.89 18.55
CA GLY B 584 14.94 18.39 19.70
C GLY B 584 14.16 17.34 20.47
N TYR B 585 12.83 17.53 20.57
CA TYR B 585 11.91 16.62 21.25
C TYR B 585 11.09 15.83 20.24
N PHE B 586 11.02 14.50 20.39
CA PHE B 586 10.30 13.62 19.46
C PHE B 586 10.67 13.91 18.00
N PRO B 587 11.98 13.87 17.67
CA PRO B 587 12.39 14.16 16.28
C PRO B 587 11.70 13.23 15.29
N THR B 588 11.45 13.70 14.03
CA THR B 588 10.79 12.91 12.98
C THR B 588 11.64 12.81 11.72
N ASP B 589 12.78 13.52 11.69
CA ASP B 589 13.68 13.55 10.56
C ASP B 589 14.99 14.22 10.93
N GLY B 590 16.04 13.80 10.23
CA GLY B 590 17.38 14.31 10.41
C GLY B 590 18.26 13.31 11.11
N SER B 591 19.47 13.73 11.49
CA SER B 591 20.43 12.87 12.14
C SER B 591 21.40 13.64 13.03
N ARG B 592 21.77 13.05 14.18
CA ARG B 592 22.75 13.65 15.06
C ARG B 592 23.94 12.76 15.21
N VAL B 593 25.09 13.31 14.84
CA VAL B 593 26.38 12.64 14.90
C VAL B 593 27.19 13.32 16.00
N ASN B 594 27.51 12.56 17.05
CA ASN B 594 28.30 13.07 18.16
C ASN B 594 29.63 12.34 18.30
N LEU B 595 30.71 13.11 18.37
CA LEU B 595 32.03 12.57 18.56
C LEU B 595 32.58 13.16 19.85
N THR B 596 32.98 12.29 20.81
CA THR B 596 33.61 12.68 22.08
C THR B 596 34.89 11.86 22.22
N GLY B 597 36.00 12.59 22.41
CA GLY B 597 37.31 11.98 22.54
C GLY B 597 38.12 12.53 23.70
N LYS B 598 38.88 11.63 24.34
CA LYS B 598 39.75 11.96 25.43
C LYS B 598 41.13 11.44 25.08
N VAL B 599 42.16 12.14 25.54
CA VAL B 599 43.55 11.72 25.36
C VAL B 599 44.38 12.24 26.53
N THR B 600 45.24 11.38 27.07
CA THR B 600 46.11 11.76 28.17
C THR B 600 47.29 12.53 27.63
N ILE B 601 47.51 13.71 28.21
CA ILE B 601 48.64 14.56 27.87
C ILE B 601 49.80 14.24 28.83
N PRO B 602 51.01 14.03 28.29
CA PRO B 602 52.18 13.66 29.12
C PRO B 602 52.30 14.31 30.49
N GLY B 603 52.65 13.49 31.48
CA GLY B 603 52.77 13.89 32.88
C GLY B 603 51.79 13.14 33.74
N SER B 604 50.65 12.75 33.11
CA SER B 604 49.59 12.00 33.77
C SER B 604 50.11 10.60 34.11
N ASP B 605 49.69 10.07 35.27
CA ASP B 605 50.10 8.73 35.72
C ASP B 605 49.59 7.71 34.70
N ASN B 606 48.33 7.84 34.27
CA ASN B 606 47.74 6.98 33.26
C ASN B 606 48.16 7.43 31.89
N GLU B 607 48.09 6.53 30.92
CA GLU B 607 48.47 6.82 29.55
C GLU B 607 47.52 6.07 28.63
N TYR B 608 46.43 6.75 28.22
CA TYR B 608 45.41 6.15 27.35
C TYR B 608 44.67 7.19 26.53
N TYR B 609 43.86 6.71 25.59
CA TYR B 609 43.00 7.53 24.76
C TYR B 609 41.66 6.84 24.75
N LYS B 610 40.59 7.61 24.56
CA LYS B 610 39.24 7.07 24.46
C LYS B 610 38.51 7.82 23.37
N VAL B 611 37.72 7.08 22.56
CA VAL B 611 36.94 7.64 21.45
C VAL B 611 35.53 7.04 21.46
N THR B 612 34.54 7.92 21.49
CA THR B 612 33.13 7.54 21.48
C THR B 612 32.47 8.14 20.24
N LEU B 613 31.87 7.28 19.38
CA LEU B 613 31.17 7.60 18.12
C LEU B 613 29.66 7.37 18.30
N ASP B 614 28.87 8.43 18.27
CA ASP B 614 27.45 8.26 18.49
C ASP B 614 26.64 8.62 17.27
N THR B 615 25.50 7.92 17.04
CA THR B 615 24.64 8.17 15.89
C THR B 615 23.20 8.01 16.22
N ALA B 616 22.41 8.97 15.78
CA ALA B 616 20.95 8.92 15.87
C ALA B 616 20.42 9.39 14.52
N THR B 617 19.53 8.63 13.87
CA THR B 617 19.03 9.03 12.54
C THR B 617 17.56 8.72 12.39
N TYR B 618 16.78 9.73 12.04
CA TYR B 618 15.35 9.59 11.89
C TYR B 618 15.01 9.71 10.46
N VAL B 619 14.22 8.79 9.98
CA VAL B 619 13.81 8.88 8.60
C VAL B 619 12.27 8.73 8.50
N PRO B 620 11.59 9.82 8.08
CA PRO B 620 10.13 9.77 7.99
C PRO B 620 9.66 8.94 6.80
N ILE B 621 8.50 8.30 6.94
CA ILE B 621 7.94 7.40 5.95
C ILE B 621 6.70 7.98 5.31
N ASP B 622 5.91 8.72 6.06
CA ASP B 622 4.72 9.34 5.48
C ASP B 622 4.92 10.85 5.40
N ASP B 623 4.18 11.47 4.49
CA ASP B 623 4.22 12.90 4.25
C ASP B 623 3.84 13.73 5.51
N ASP B 624 3.06 13.14 6.43
CA ASP B 624 2.64 13.78 7.67
C ASP B 624 3.58 13.53 8.85
N HIS B 625 4.67 12.75 8.64
CA HIS B 625 5.70 12.45 9.64
C HIS B 625 5.16 11.81 10.91
N LYS B 626 4.25 10.86 10.75
CA LYS B 626 3.60 10.11 11.82
C LYS B 626 4.20 8.70 11.93
N TRP B 627 4.91 8.27 10.89
CA TRP B 627 5.54 6.96 10.76
C TRP B 627 7.00 7.20 10.48
N VAL B 628 7.86 6.83 11.42
CA VAL B 628 9.27 7.15 11.27
C VAL B 628 10.14 5.90 11.49
N VAL B 629 11.33 5.86 10.88
CA VAL B 629 12.31 4.81 11.05
C VAL B 629 13.53 5.40 11.76
N LEU B 630 13.92 4.79 12.89
CA LEU B 630 15.05 5.27 13.67
C LEU B 630 16.24 4.37 13.59
N GLY B 631 17.42 4.98 13.61
CA GLY B 631 18.66 4.26 13.57
C GLY B 631 19.63 4.85 14.56
N ARG B 632 19.93 4.10 15.64
CA ARG B 632 20.85 4.52 16.71
C ARG B 632 22.09 3.65 16.69
N THR B 633 23.28 4.23 16.81
CA THR B 633 24.50 3.43 16.87
C THR B 633 25.48 4.04 17.86
N ARG B 634 26.17 3.21 18.63
CA ARG B 634 27.16 3.70 19.55
C ARG B 634 28.36 2.84 19.46
N TRP B 635 29.45 3.49 19.17
CA TRP B 635 30.74 2.83 19.07
C TRP B 635 31.62 3.43 20.16
N GLY B 636 32.49 2.62 20.73
CA GLY B 636 33.39 3.05 21.78
C GLY B 636 34.70 2.31 21.77
N TYR B 637 35.78 3.05 21.51
CA TYR B 637 37.10 2.44 21.50
C TYR B 637 38.11 3.30 22.18
N GLY B 638 38.75 2.68 23.16
CA GLY B 638 39.81 3.27 23.95
C GLY B 638 40.89 2.25 24.21
N ASP B 639 42.13 2.72 24.48
CA ASP B 639 43.26 1.84 24.76
C ASP B 639 44.39 2.60 25.42
N GLY B 640 45.26 1.84 26.07
CA GLY B 640 46.45 2.35 26.73
C GLY B 640 47.54 2.68 25.72
N LEU B 641 48.50 3.48 26.14
CA LEU B 641 49.56 3.98 25.28
C LEU B 641 50.97 3.55 25.65
N GLY B 642 51.36 3.74 26.91
CA GLY B 642 52.71 3.44 27.37
C GLY B 642 52.96 1.98 27.70
N GLY B 643 52.30 1.09 26.96
CA GLY B 643 52.32 -0.35 27.19
C GLY B 643 51.30 -0.67 28.26
N LYS B 644 50.74 0.41 28.84
CA LYS B 644 49.74 0.44 29.90
C LYS B 644 48.36 0.04 29.36
N GLU B 645 47.35 0.12 30.23
CA GLU B 645 45.97 -0.18 29.87
C GLU B 645 45.08 0.96 30.30
N MET B 646 43.93 1.08 29.60
CA MET B 646 42.92 2.08 29.91
C MET B 646 42.29 1.70 31.27
N PRO B 647 42.08 2.68 32.20
CA PRO B 647 41.51 2.33 33.50
C PRO B 647 40.13 1.72 33.42
N PHE B 648 39.82 0.83 34.37
CA PHE B 648 38.57 0.12 34.48
C PHE B 648 37.35 0.97 34.71
N TYR B 649 37.55 2.13 35.35
CA TYR B 649 36.48 3.08 35.63
C TYR B 649 36.01 3.80 34.35
N GLU B 650 36.88 3.76 33.30
CA GLU B 650 36.71 4.34 31.97
C GLU B 650 36.29 3.30 30.93
N ASN B 651 35.87 2.08 31.37
CA ASN B 651 35.42 0.99 30.49
C ASN B 651 34.08 1.31 29.86
N PHE B 652 33.78 0.60 28.77
CA PHE B 652 32.54 0.72 28.03
C PHE B 652 31.58 -0.39 28.48
N TYR B 653 30.26 -0.10 28.58
CA TYR B 653 29.26 -1.10 28.98
C TYR B 653 27.95 -0.90 28.23
N ALA B 654 27.33 -2.03 27.91
CA ALA B 654 26.11 -2.08 27.16
C ALA B 654 25.01 -2.76 27.93
N GLY B 655 23.80 -2.76 27.39
CA GLY B 655 22.63 -3.34 28.02
C GLY B 655 22.04 -2.33 28.98
N GLY B 656 20.72 -2.36 29.14
CA GLY B 656 19.95 -1.42 29.98
C GLY B 656 18.89 -0.70 29.17
N SER B 657 18.15 0.27 29.77
CA SER B 657 17.12 1.03 29.00
C SER B 657 17.81 1.94 27.95
N SER B 658 18.97 2.49 28.39
CA SER B 658 19.90 3.43 27.76
C SER B 658 20.28 3.02 26.35
N THR B 659 20.58 1.73 26.15
CA THR B 659 20.95 1.25 24.80
C THR B 659 20.48 -0.13 24.20
N VAL B 660 20.50 -1.22 24.97
CA VAL B 660 20.17 -2.52 24.47
C VAL B 660 19.17 -2.95 25.56
N ARG B 661 17.88 -2.68 25.30
CA ARG B 661 16.73 -3.00 26.16
C ARG B 661 16.47 -4.49 26.19
N GLY B 662 15.86 -4.97 27.27
CA GLY B 662 15.60 -6.39 27.52
C GLY B 662 16.64 -6.98 28.44
N PHE B 663 17.81 -6.32 28.51
CA PHE B 663 18.96 -6.68 29.31
C PHE B 663 19.14 -5.76 30.50
N GLN B 664 19.68 -6.30 31.61
CA GLN B 664 19.99 -5.56 32.82
C GLN B 664 21.15 -4.62 32.51
N SER B 665 21.15 -3.44 33.12
CA SER B 665 22.16 -2.40 32.90
C SER B 665 23.56 -2.93 33.03
N ASN B 666 24.41 -2.59 32.07
CA ASN B 666 25.83 -2.91 32.04
C ASN B 666 26.17 -4.39 31.99
N THR B 667 25.16 -5.30 32.04
CA THR B 667 25.35 -6.78 32.04
C THR B 667 26.10 -7.33 30.81
N ILE B 668 26.03 -6.62 29.67
CA ILE B 668 26.70 -7.03 28.43
C ILE B 668 28.21 -6.83 28.57
N GLY B 669 28.95 -7.77 27.99
CA GLY B 669 30.40 -7.73 27.94
C GLY B 669 31.08 -8.77 28.78
N PRO B 670 32.38 -8.55 29.04
CA PRO B 670 33.14 -9.51 29.85
C PRO B 670 32.64 -9.59 31.27
N LYS B 671 32.76 -10.76 31.87
CA LYS B 671 32.34 -11.01 33.24
C LYS B 671 33.59 -11.15 34.05
N ALA B 672 33.47 -11.03 35.34
CA ALA B 672 34.64 -11.13 36.19
C ALA B 672 35.18 -12.56 36.28
N VAL B 673 36.48 -12.67 36.55
CA VAL B 673 37.09 -13.93 36.85
C VAL B 673 37.81 -13.67 38.15
N TYR B 674 37.11 -13.94 39.26
CA TYR B 674 37.61 -13.69 40.62
C TYR B 674 38.74 -14.61 41.04
N PHE B 675 39.59 -14.10 41.92
CA PHE B 675 40.68 -14.89 42.50
C PHE B 675 40.20 -15.41 43.85
N PRO B 676 40.73 -16.55 44.36
CA PRO B 676 40.35 -16.99 45.70
C PRO B 676 40.83 -15.95 46.72
N HIS B 677 39.90 -15.43 47.55
CA HIS B 677 40.20 -14.37 48.53
C HIS B 677 39.48 -14.54 49.85
N GLN B 678 39.99 -13.89 50.91
CA GLN B 678 39.32 -13.91 52.22
C GLN B 678 38.47 -12.65 52.32
N ALA B 679 37.15 -12.84 52.46
CA ALA B 679 36.16 -11.76 52.60
C ALA B 679 36.34 -11.13 53.99
N SER B 680 36.22 -9.80 54.06
CA SER B 680 36.33 -9.05 55.32
C SER B 680 35.20 -9.32 56.31
N ASN B 681 33.95 -8.98 55.94
CA ASN B 681 32.75 -9.19 56.75
C ASN B 681 32.20 -10.53 56.32
N TYR B 682 32.91 -11.63 56.66
CA TYR B 682 32.43 -12.94 56.29
C TYR B 682 31.39 -13.45 57.26
N ASP B 683 30.26 -13.89 56.71
CA ASP B 683 29.13 -14.48 57.43
C ASP B 683 28.66 -15.64 56.61
N PRO B 684 28.46 -16.84 57.20
CA PRO B 684 27.92 -17.95 56.39
C PRO B 684 26.44 -17.70 56.13
N ASP B 685 25.81 -18.60 55.34
CA ASP B 685 24.40 -18.52 54.94
C ASP B 685 24.09 -17.13 54.34
N TYR B 686 25.11 -16.65 53.59
CA TYR B 686 25.23 -15.42 52.83
C TYR B 686 26.15 -15.76 51.64
N ASP B 687 25.84 -15.24 50.45
CA ASP B 687 26.61 -15.54 49.25
C ASP B 687 27.70 -14.53 48.97
N TYR B 688 28.90 -15.06 48.64
CA TYR B 688 30.13 -14.31 48.33
C TYR B 688 30.69 -14.81 47.04
N GLU B 689 31.63 -14.05 46.48
CA GLU B 689 32.21 -14.48 45.23
C GLU B 689 33.64 -14.92 45.41
N CYS B 690 33.90 -16.22 45.20
CA CYS B 690 35.21 -16.86 45.25
C CYS B 690 35.91 -16.67 46.57
N ALA B 691 35.16 -16.78 47.66
CA ALA B 691 35.67 -16.61 49.01
C ALA B 691 36.31 -17.90 49.48
N THR B 692 37.59 -17.85 49.90
CA THR B 692 38.33 -19.02 50.40
C THR B 692 37.59 -19.64 51.57
N GLN B 693 36.95 -18.79 52.38
CA GLN B 693 36.16 -19.15 53.55
C GLN B 693 34.87 -19.92 53.19
N ASP B 694 34.51 -19.95 51.89
CA ASP B 694 33.33 -20.66 51.38
C ASP B 694 33.82 -21.94 50.69
N GLY B 695 35.13 -22.14 50.67
CA GLY B 695 35.77 -23.30 50.03
C GLY B 695 36.22 -22.98 48.62
N ALA B 696 36.98 -21.89 48.47
CA ALA B 696 37.51 -21.48 47.17
C ALA B 696 39.01 -21.64 47.15
N LYS B 697 39.48 -22.46 46.20
CA LYS B 697 40.90 -22.77 46.03
C LYS B 697 41.45 -22.42 44.66
N ASP B 698 40.58 -22.05 43.70
CA ASP B 698 40.99 -21.66 42.34
C ASP B 698 40.06 -20.59 41.78
N LEU B 699 40.43 -20.00 40.64
CA LEU B 699 39.69 -18.93 39.99
C LEU B 699 38.22 -19.28 39.72
N CYS B 700 37.35 -18.27 39.79
CA CYS B 700 35.91 -18.44 39.66
C CYS B 700 35.34 -17.69 38.48
N LYS B 701 34.58 -18.41 37.65
CA LYS B 701 33.84 -17.82 36.54
C LYS B 701 32.63 -17.14 37.20
N SER B 702 32.15 -16.00 36.66
CA SER B 702 31.03 -15.28 37.29
C SER B 702 30.00 -14.73 36.30
N ASP B 703 28.99 -14.03 36.85
CA ASP B 703 27.90 -13.39 36.11
C ASP B 703 27.98 -11.88 36.14
N ASP B 704 28.71 -11.34 37.13
CA ASP B 704 28.93 -9.90 37.34
C ASP B 704 29.73 -9.30 36.19
N ALA B 705 29.19 -8.24 35.59
CA ALA B 705 29.86 -7.57 34.48
C ALA B 705 31.02 -6.69 34.95
N VAL B 706 31.99 -6.48 34.07
CA VAL B 706 33.20 -5.68 34.32
C VAL B 706 33.43 -4.65 33.20
N GLY B 707 32.74 -4.85 32.07
CA GLY B 707 32.87 -4.03 30.89
C GLY B 707 34.18 -4.26 30.16
N GLY B 708 34.40 -3.46 29.11
CA GLY B 708 35.56 -3.61 28.26
C GLY B 708 36.07 -2.32 27.63
N ASN B 709 37.16 -2.46 26.88
CA ASN B 709 37.78 -1.35 26.20
C ASN B 709 37.22 -1.18 24.77
N ALA B 710 36.39 -2.13 24.31
CA ALA B 710 35.81 -2.09 22.97
C ALA B 710 34.34 -2.42 23.02
N MET B 711 33.50 -1.48 22.55
CA MET B 711 32.04 -1.59 22.60
C MET B 711 31.39 -1.18 21.29
N ALA B 712 30.33 -1.91 20.91
CA ALA B 712 29.56 -1.62 19.71
C ALA B 712 28.10 -1.94 19.94
N VAL B 713 27.21 -0.95 19.70
CA VAL B 713 25.78 -1.10 19.88
C VAL B 713 25.05 -0.45 18.73
N ALA B 714 23.89 -0.98 18.39
CA ALA B 714 23.06 -0.42 17.37
C ALA B 714 21.64 -0.78 17.64
N SER B 715 20.73 0.06 17.17
CA SER B 715 19.31 -0.15 17.28
C SER B 715 18.57 0.37 16.06
N LEU B 716 17.58 -0.38 15.66
CA LEU B 716 16.76 -0.02 14.52
C LEU B 716 15.30 0.04 14.97
N GLU B 717 14.85 1.22 15.31
CA GLU B 717 13.49 1.40 15.79
C GLU B 717 12.54 1.96 14.76
N PHE B 718 11.28 1.55 14.86
CA PHE B 718 10.19 2.00 14.02
C PHE B 718 9.07 2.66 14.76
N ILE B 719 9.08 3.98 14.72
CA ILE B 719 8.10 4.84 15.36
C ILE B 719 6.79 4.80 14.59
N THR B 720 5.68 4.71 15.30
CA THR B 720 4.36 4.72 14.69
C THR B 720 3.46 5.64 15.53
N PRO B 721 2.22 5.92 15.12
CA PRO B 721 1.35 6.71 16.00
C PRO B 721 0.80 5.78 17.09
N THR B 722 0.58 6.34 18.32
CA THR B 722 0.04 5.61 19.48
C THR B 722 -1.34 5.03 19.13
N PRO B 723 -1.65 3.76 19.48
CA PRO B 723 -2.87 3.09 18.98
C PRO B 723 -4.27 3.66 19.22
N PHE B 724 -4.60 4.23 20.40
CA PHE B 724 -5.99 4.67 20.60
C PHE B 724 -6.15 6.10 21.03
N ILE B 725 -5.04 6.78 21.27
CA ILE B 725 -5.02 8.18 21.69
C ILE B 725 -5.40 9.08 20.52
N SER B 726 -6.24 10.10 20.79
CA SER B 726 -6.73 11.03 19.79
C SER B 726 -5.67 12.03 19.35
N ASP B 727 -5.70 12.38 18.05
CA ASP B 727 -4.79 13.32 17.35
C ASP B 727 -4.64 14.65 18.08
N LYS B 728 -5.68 15.04 18.87
CA LYS B 728 -5.77 16.26 19.69
C LYS B 728 -4.52 16.42 20.58
N TYR B 729 -4.04 15.30 21.16
CA TYR B 729 -2.85 15.28 22.01
C TYR B 729 -1.97 14.07 21.72
N ALA B 730 -2.14 13.47 20.54
CA ALA B 730 -1.29 12.36 20.13
C ALA B 730 0.11 12.84 19.68
N ASN B 731 0.44 14.13 19.93
CA ASN B 731 1.75 14.72 19.63
C ASN B 731 2.66 14.57 20.85
N SER B 732 2.07 14.25 21.99
CA SER B 732 2.82 14.05 23.22
C SER B 732 2.96 12.57 23.55
N VAL B 733 2.85 11.66 22.54
CA VAL B 733 2.84 10.20 22.74
C VAL B 733 3.57 9.51 21.57
N ARG B 734 4.67 8.83 21.89
CA ARG B 734 5.50 8.09 20.95
C ARG B 734 5.58 6.57 21.21
N THR B 735 4.93 5.76 20.32
CA THR B 735 5.00 4.28 20.33
C THR B 735 6.04 3.67 19.42
N SER B 736 7.03 2.97 19.94
CA SER B 736 8.06 2.43 19.04
C SER B 736 8.32 0.92 19.08
N PHE B 737 8.75 0.39 17.95
CA PHE B 737 9.10 -1.02 17.81
C PHE B 737 10.57 -1.10 17.47
N PHE B 738 11.37 -1.51 18.44
CA PHE B 738 12.82 -1.51 18.30
C PHE B 738 13.45 -2.88 18.20
N TRP B 739 14.58 -2.95 17.47
CA TRP B 739 15.42 -4.13 17.37
C TRP B 739 16.75 -3.58 17.82
N ASP B 740 17.23 -4.08 18.98
CA ASP B 740 18.46 -3.61 19.62
C ASP B 740 19.52 -4.66 19.57
N MET B 741 20.75 -4.26 19.23
CA MET B 741 21.90 -5.14 19.13
C MET B 741 23.05 -4.54 19.88
N GLY B 742 23.87 -5.39 20.50
CA GLY B 742 25.02 -4.87 21.22
C GLY B 742 26.09 -5.86 21.61
N THR B 743 27.34 -5.36 21.74
CA THR B 743 28.49 -6.15 22.12
C THR B 743 29.57 -5.32 22.77
N VAL B 744 30.24 -5.95 23.76
CA VAL B 744 31.39 -5.44 24.51
C VAL B 744 32.45 -6.55 24.67
N TRP B 745 33.76 -6.17 24.55
CA TRP B 745 34.88 -7.11 24.68
C TRP B 745 36.17 -6.44 25.14
N ASP B 746 37.16 -7.29 25.48
CA ASP B 746 38.47 -6.89 25.97
C ASP B 746 39.60 -7.40 25.09
N THR B 747 40.34 -6.47 24.45
CA THR B 747 41.45 -6.78 23.52
C THR B 747 42.71 -7.22 24.25
N ASN B 748 42.79 -6.92 25.56
CA ASN B 748 43.91 -7.25 26.43
C ASN B 748 43.49 -8.48 27.27
N TRP B 749 43.04 -9.52 26.58
CA TRP B 749 42.63 -10.78 27.20
C TRP B 749 43.39 -11.94 26.59
N ASP B 750 43.95 -12.81 27.44
CA ASP B 750 44.74 -13.95 27.02
C ASP B 750 44.00 -15.27 27.20
N SER B 751 43.43 -15.78 26.11
CA SER B 751 42.70 -17.05 26.11
C SER B 751 43.62 -18.26 26.32
N SER B 752 44.92 -18.14 25.94
CA SER B 752 45.89 -19.23 26.11
C SER B 752 46.14 -19.54 27.60
N GLN B 753 46.30 -18.49 28.42
CA GLN B 753 46.56 -18.59 29.86
C GLN B 753 45.34 -19.12 30.62
N TYR B 754 44.14 -18.71 30.18
CA TYR B 754 42.86 -19.04 30.81
C TYR B 754 41.99 -19.86 29.87
N SER B 755 42.40 -21.10 29.63
CA SER B 755 41.73 -22.02 28.73
C SER B 755 40.33 -22.41 29.22
N GLY B 756 40.20 -22.66 30.52
CA GLY B 756 38.93 -23.02 31.14
C GLY B 756 37.95 -21.88 31.24
N TYR B 757 38.29 -20.72 30.65
CA TYR B 757 37.44 -19.54 30.69
C TYR B 757 37.11 -19.00 29.33
N PRO B 758 35.88 -18.44 29.21
CA PRO B 758 35.44 -17.86 27.93
C PRO B 758 36.38 -16.83 27.35
N ASP B 759 36.36 -16.72 26.03
CA ASP B 759 37.19 -15.79 25.31
C ASP B 759 36.58 -14.41 25.34
N TYR B 760 36.99 -13.61 26.34
CA TYR B 760 36.51 -12.23 26.52
C TYR B 760 37.13 -11.26 25.51
N SER B 761 37.89 -11.81 24.55
CA SER B 761 38.47 -11.03 23.46
C SER B 761 37.59 -11.21 22.21
N ASP B 762 36.69 -12.23 22.20
CA ASP B 762 35.78 -12.51 21.08
C ASP B 762 34.67 -11.48 20.97
N PRO B 763 34.63 -10.77 19.82
CA PRO B 763 33.61 -9.72 19.63
C PRO B 763 32.40 -10.22 18.83
N SER B 764 32.51 -11.44 18.33
CA SER B 764 31.54 -12.13 17.49
C SER B 764 30.23 -12.37 18.22
N ASN B 765 30.26 -12.29 19.53
CA ASN B 765 29.10 -12.55 20.35
C ASN B 765 28.22 -11.32 20.50
N ILE B 766 27.25 -11.22 19.59
CA ILE B 766 26.29 -10.12 19.52
C ILE B 766 25.02 -10.44 20.24
N ARG B 767 24.63 -9.57 21.18
CA ARG B 767 23.40 -9.70 21.97
C ARG B 767 22.30 -8.92 21.24
N MET B 768 21.17 -9.58 20.89
CA MET B 768 20.07 -8.96 20.11
C MET B 768 18.68 -9.11 20.70
N SER B 769 17.94 -8.01 20.78
CA SER B 769 16.61 -7.97 21.38
C SER B 769 15.61 -7.18 20.54
N ALA B 770 14.27 -7.35 20.80
CA ALA B 770 13.14 -6.71 20.09
C ALA B 770 11.97 -6.38 21.07
N GLY B 771 10.74 -6.30 20.56
CA GLY B 771 9.57 -5.97 21.37
C GLY B 771 9.20 -4.53 21.08
N ILE B 772 8.57 -3.85 22.11
CA ILE B 772 7.92 -2.52 22.15
C ILE B 772 8.41 -1.51 23.19
N ALA B 773 8.56 -0.25 22.75
CA ALA B 773 8.88 0.90 23.63
C ALA B 773 7.87 2.09 23.50
N LEU B 774 7.46 2.70 24.63
CA LEU B 774 6.52 3.85 24.71
C LEU B 774 7.00 5.05 25.48
N GLN B 775 6.64 6.21 24.99
CA GLN B 775 7.02 7.43 25.65
C GLN B 775 5.82 8.34 25.75
N TRP B 776 5.54 8.87 26.97
CA TRP B 776 4.39 9.76 27.28
C TRP B 776 4.80 11.01 28.08
N MET B 777 4.34 12.19 27.61
CA MET B 777 4.62 13.46 28.24
C MET B 777 4.00 13.53 29.61
N SER B 778 4.83 13.25 30.62
CA SER B 778 4.47 13.37 32.02
C SER B 778 5.14 14.63 32.57
N PRO B 779 4.45 15.41 33.44
CA PRO B 779 5.02 16.69 33.92
C PRO B 779 6.37 16.57 34.61
N LEU B 780 6.55 15.47 35.39
CA LEU B 780 7.73 15.07 36.18
C LEU B 780 9.04 15.32 35.43
N GLY B 781 8.97 15.22 34.12
CA GLY B 781 10.09 15.42 33.21
C GLY B 781 10.10 14.38 32.12
N PRO B 782 11.30 13.94 31.67
CA PRO B 782 11.36 12.96 30.58
C PRO B 782 10.89 11.63 31.16
N LEU B 783 9.75 11.08 30.66
CA LEU B 783 9.24 9.75 31.11
C LEU B 783 9.73 8.85 29.97
N VAL B 784 10.21 7.62 30.29
CA VAL B 784 10.70 6.65 29.32
C VAL B 784 10.32 5.19 29.74
N PHE B 785 9.29 4.58 29.15
CA PHE B 785 8.93 3.20 29.49
C PHE B 785 9.14 2.14 28.38
N SER B 786 9.98 1.14 28.63
CA SER B 786 10.19 0.08 27.63
C SER B 786 10.05 -1.38 28.12
N TYR B 787 9.30 -2.18 27.35
CA TYR B 787 9.09 -3.61 27.62
C TYR B 787 9.65 -4.48 26.47
N ALA B 788 10.80 -5.17 26.67
CA ALA B 788 11.48 -5.96 25.63
C ALA B 788 11.67 -7.45 25.96
N GLN B 789 11.65 -8.35 24.95
CA GLN B 789 11.94 -9.78 25.18
C GLN B 789 13.25 -10.04 24.40
N PRO B 790 14.34 -10.67 24.99
CA PRO B 790 15.62 -10.79 24.25
C PRO B 790 15.64 -12.03 23.38
N PHE B 791 15.94 -11.77 22.09
CA PHE B 791 16.01 -12.73 20.99
C PHE B 791 17.31 -13.62 21.08
N LYS B 792 18.49 -13.00 21.37
CA LYS B 792 19.83 -13.62 21.46
C LYS B 792 20.60 -13.03 22.65
N LYS B 793 21.03 -13.87 23.60
CA LYS B 793 21.81 -13.49 24.78
C LYS B 793 23.00 -14.45 24.94
N TYR B 794 24.02 -14.09 25.72
CA TYR B 794 25.13 -15.02 25.93
C TYR B 794 25.30 -15.39 27.43
N ASP B 795 26.38 -16.12 27.80
CA ASP B 795 26.70 -16.56 29.17
C ASP B 795 26.41 -15.49 30.23
N GLY B 796 25.66 -15.90 31.27
CA GLY B 796 25.34 -15.08 32.43
C GLY B 796 24.78 -13.69 32.19
N ASP B 797 24.32 -13.40 30.96
CA ASP B 797 23.72 -12.12 30.65
C ASP B 797 22.38 -12.09 31.40
N LYS B 798 22.24 -11.10 32.29
CA LYS B 798 21.05 -10.92 33.13
C LYS B 798 19.97 -10.13 32.40
N ALA B 799 18.73 -10.67 32.38
CA ALA B 799 17.58 -10.02 31.72
C ALA B 799 16.83 -9.05 32.63
N GLU B 800 16.27 -8.01 32.03
CA GLU B 800 15.47 -6.98 32.70
C GLU B 800 14.46 -6.51 31.66
N GLN B 801 13.37 -7.24 31.54
CA GLN B 801 12.36 -7.02 30.53
C GLN B 801 11.70 -5.63 30.59
N PHE B 802 10.96 -5.32 31.65
CA PHE B 802 10.39 -4.00 31.65
C PHE B 802 11.32 -3.02 32.36
N GLN B 803 11.58 -1.88 31.72
CA GLN B 803 12.43 -0.80 32.23
C GLN B 803 11.63 0.52 32.27
N PHE B 804 11.91 1.43 33.24
CA PHE B 804 11.18 2.70 33.38
C PHE B 804 12.09 3.78 33.98
N ASN B 805 12.11 5.03 33.44
CA ASN B 805 12.95 6.12 33.96
C ASN B 805 12.31 7.52 33.90
N ILE B 806 12.31 8.26 35.03
CA ILE B 806 11.78 9.63 35.13
C ILE B 806 12.93 10.61 35.44
N GLY B 807 12.79 11.87 35.03
CA GLY B 807 13.77 12.93 35.25
C GLY B 807 15.07 12.72 34.49
N ILE C 51 -18.61 -3.91 -13.51
CA ILE C 51 -17.66 -4.78 -14.19
C ILE C 51 -18.37 -5.69 -15.23
N TYR C 52 -17.84 -5.73 -16.48
CA TYR C 52 -18.35 -6.55 -17.59
C TYR C 52 -17.54 -7.83 -17.78
N THR C 53 -18.20 -8.97 -18.04
CA THR C 53 -17.54 -10.27 -18.24
C THR C 53 -17.16 -10.49 -19.71
N ASN C 54 -18.15 -10.62 -20.61
CA ASN C 54 -17.94 -10.86 -22.04
C ASN C 54 -18.06 -9.59 -22.90
N ALA C 55 -17.71 -9.72 -24.19
CA ALA C 55 -17.77 -8.68 -25.20
C ALA C 55 -19.20 -8.48 -25.75
N GLU C 56 -20.03 -9.56 -25.72
CA GLU C 56 -21.44 -9.56 -26.18
C GLU C 56 -22.33 -8.57 -25.42
N GLU C 57 -21.99 -8.31 -24.15
CA GLU C 57 -22.69 -7.39 -23.23
C GLU C 57 -22.66 -5.93 -23.69
N LEU C 58 -21.63 -5.57 -24.48
CA LEU C 58 -21.42 -4.21 -24.98
C LEU C 58 -21.61 -4.06 -26.51
N VAL C 59 -22.17 -5.10 -27.19
CA VAL C 59 -22.44 -5.13 -28.64
C VAL C 59 -23.33 -3.95 -29.06
N GLY C 60 -22.71 -2.98 -29.74
CA GLY C 60 -23.34 -1.77 -30.24
C GLY C 60 -23.42 -0.65 -29.21
N LYS C 61 -22.30 -0.34 -28.55
CA LYS C 61 -22.28 0.72 -27.54
C LYS C 61 -21.08 1.65 -27.69
N PRO C 62 -21.25 2.98 -27.48
CA PRO C 62 -20.09 3.89 -27.60
C PRO C 62 -19.26 3.89 -26.32
N PHE C 63 -18.05 3.34 -26.41
CA PHE C 63 -17.10 3.18 -25.29
C PHE C 63 -15.72 3.71 -25.66
N ARG C 64 -14.95 4.17 -24.64
CA ARG C 64 -13.55 4.62 -24.81
C ARG C 64 -12.65 3.67 -24.01
N ASP C 65 -11.78 2.91 -24.73
CA ASP C 65 -10.87 1.93 -24.13
C ASP C 65 -9.58 2.62 -23.68
N LEU C 66 -9.49 2.94 -22.37
CA LEU C 66 -8.35 3.63 -21.74
C LEU C 66 -7.04 2.87 -21.86
N GLY C 67 -7.12 1.56 -21.95
CA GLY C 67 -5.97 0.67 -22.08
C GLY C 67 -6.14 -0.63 -21.36
N GLU C 68 -5.12 -1.03 -20.58
CA GLU C 68 -5.11 -2.26 -19.79
C GLU C 68 -4.86 -1.97 -18.32
N VAL C 69 -5.53 -2.73 -17.44
CA VAL C 69 -5.41 -2.66 -15.97
C VAL C 69 -5.32 -4.06 -15.37
N SER C 70 -4.55 -4.20 -14.27
CA SER C 70 -4.38 -5.48 -13.60
C SER C 70 -4.57 -5.33 -12.11
N GLY C 71 -4.94 -6.44 -11.47
CA GLY C 71 -5.14 -6.54 -10.03
C GLY C 71 -4.80 -7.94 -9.54
N ASP C 72 -3.99 -8.07 -8.47
CA ASP C 72 -3.58 -9.38 -7.96
C ASP C 72 -3.46 -9.51 -6.44
N SER C 73 -3.45 -10.77 -5.95
CA SER C 73 -3.30 -11.15 -4.54
C SER C 73 -2.22 -12.22 -4.44
N CYS C 74 -1.23 -12.01 -3.56
CA CYS C 74 -0.06 -12.87 -3.40
C CYS C 74 -0.11 -13.80 -2.13
N GLN C 75 0.35 -15.08 -2.29
CA GLN C 75 0.49 -16.12 -1.25
C GLN C 75 1.96 -16.59 -1.32
N ALA C 76 2.78 -16.21 -0.31
CA ALA C 76 4.22 -16.50 -0.27
C ALA C 76 4.61 -17.96 0.07
N SER C 77 3.85 -18.64 0.93
CA SER C 77 4.12 -20.02 1.35
C SER C 77 2.83 -20.84 1.49
N ASN C 78 2.97 -22.15 1.74
CA ASN C 78 1.88 -23.09 1.92
C ASN C 78 1.07 -22.73 3.14
N GLN C 79 1.76 -22.37 4.24
CA GLN C 79 1.15 -22.06 5.53
C GLN C 79 0.74 -20.56 5.66
N ASP C 80 0.46 -19.91 4.50
CA ASP C 80 0.00 -18.50 4.38
C ASP C 80 -1.43 -18.42 3.83
N SER C 81 -2.07 -17.22 3.93
CA SER C 81 -3.42 -16.96 3.42
C SER C 81 -3.59 -17.36 1.93
N PRO C 82 -4.78 -17.83 1.50
CA PRO C 82 -4.94 -18.29 0.11
C PRO C 82 -4.97 -17.18 -0.94
N PRO C 83 -4.85 -17.51 -2.26
CA PRO C 83 -4.93 -16.46 -3.29
C PRO C 83 -6.35 -15.89 -3.36
N SER C 84 -6.52 -14.59 -3.04
CA SER C 84 -7.84 -13.94 -3.02
C SER C 84 -8.22 -13.31 -4.37
N ILE C 85 -9.01 -14.04 -5.19
CA ILE C 85 -9.52 -13.61 -6.51
C ILE C 85 -10.43 -12.36 -6.37
N PRO C 86 -11.31 -12.24 -5.35
CA PRO C 86 -12.14 -11.02 -5.23
C PRO C 86 -11.34 -9.75 -4.89
N THR C 87 -10.19 -9.92 -4.21
CA THR C 87 -9.30 -8.82 -3.87
C THR C 87 -8.52 -8.40 -5.16
N ALA C 88 -8.34 -9.36 -6.10
CA ALA C 88 -7.68 -9.19 -7.41
C ALA C 88 -8.58 -8.53 -8.45
N ARG C 89 -9.89 -8.68 -8.28
CA ARG C 89 -10.91 -8.08 -9.13
C ARG C 89 -11.10 -6.60 -8.73
N LYS C 90 -10.93 -6.30 -7.42
CA LYS C 90 -11.03 -4.96 -6.84
C LYS C 90 -9.77 -4.15 -7.16
N ARG C 91 -8.56 -4.74 -6.95
CA ARG C 91 -7.27 -4.10 -7.23
C ARG C 91 -7.08 -3.77 -8.72
N MET C 92 -7.90 -4.40 -9.60
CA MET C 92 -7.96 -4.18 -11.04
C MET C 92 -8.88 -2.98 -11.31
N GLN C 93 -9.95 -2.83 -10.50
CA GLN C 93 -10.90 -1.73 -10.60
C GLN C 93 -10.31 -0.41 -10.09
N ILE C 94 -9.52 -0.44 -8.98
CA ILE C 94 -8.85 0.76 -8.43
C ILE C 94 -7.82 1.26 -9.47
N ASN C 95 -7.22 0.32 -10.23
CA ASN C 95 -6.28 0.58 -11.31
C ASN C 95 -7.02 1.29 -12.46
N ALA C 96 -8.26 0.83 -12.73
CA ALA C 96 -9.13 1.40 -13.76
C ALA C 96 -9.76 2.70 -13.30
N SER C 97 -9.81 2.97 -11.97
CA SER C 97 -10.38 4.19 -11.39
C SER C 97 -9.31 5.26 -11.18
N LYS C 98 -8.01 4.90 -11.37
CA LYS C 98 -6.84 5.79 -11.36
C LYS C 98 -6.63 6.16 -12.82
N MET C 99 -7.23 5.33 -13.70
CA MET C 99 -7.34 5.42 -15.15
C MET C 99 -8.71 6.13 -15.41
N LYS C 100 -9.55 6.19 -14.36
CA LYS C 100 -10.89 6.78 -14.24
C LYS C 100 -11.89 6.16 -15.23
N ALA C 101 -12.63 5.15 -14.73
CA ALA C 101 -13.65 4.38 -15.44
C ALA C 101 -14.74 3.91 -14.45
N ASN C 102 -15.96 3.65 -14.94
CA ASN C 102 -17.09 3.20 -14.12
C ASN C 102 -17.04 1.69 -13.86
N ALA C 103 -16.94 0.90 -14.94
CA ALA C 103 -16.87 -0.57 -14.93
C ALA C 103 -15.69 -1.02 -15.78
N VAL C 104 -15.15 -2.21 -15.48
CA VAL C 104 -13.98 -2.78 -16.18
C VAL C 104 -14.36 -4.03 -17.00
N LEU C 105 -13.73 -4.20 -18.19
CA LEU C 105 -13.94 -5.36 -19.06
C LEU C 105 -12.93 -6.46 -18.71
N LEU C 106 -13.34 -7.39 -17.84
CA LEU C 106 -12.58 -8.54 -17.32
C LEU C 106 -12.23 -9.54 -18.45
N HIS C 107 -10.93 -9.76 -18.69
CA HIS C 107 -10.48 -10.70 -19.72
C HIS C 107 -10.51 -12.13 -19.20
N SER C 108 -9.59 -12.48 -18.27
CA SER C 108 -9.51 -13.82 -17.67
C SER C 108 -8.79 -13.82 -16.31
N CYS C 109 -9.50 -14.21 -15.24
CA CYS C 109 -8.94 -14.32 -13.88
C CYS C 109 -8.31 -15.71 -13.75
N GLU C 110 -6.96 -15.76 -13.61
CA GLU C 110 -6.22 -17.02 -13.46
C GLU C 110 -5.21 -16.94 -12.29
N VAL C 111 -4.94 -18.09 -11.63
CA VAL C 111 -4.08 -18.20 -10.45
C VAL C 111 -2.69 -18.73 -10.83
N THR C 112 -1.72 -17.82 -10.91
CA THR C 112 -0.32 -18.07 -11.30
C THR C 112 0.42 -19.00 -10.36
N SER C 113 1.24 -19.86 -10.98
CA SER C 113 2.08 -20.84 -10.33
C SER C 113 3.49 -20.30 -10.17
N GLY C 114 4.00 -19.62 -11.19
CA GLY C 114 5.35 -19.08 -11.20
C GLY C 114 5.54 -17.58 -11.09
N THR C 115 5.33 -17.02 -9.89
CA THR C 115 5.53 -15.60 -9.64
C THR C 115 6.83 -15.40 -8.84
N PRO C 116 7.79 -14.58 -9.34
CA PRO C 116 9.06 -14.38 -8.65
C PRO C 116 9.02 -13.47 -7.41
N GLY C 117 8.10 -13.77 -6.52
CA GLY C 117 7.94 -13.06 -5.25
C GLY C 117 7.07 -13.84 -4.28
N CYS C 118 6.36 -14.85 -4.79
CA CYS C 118 5.40 -15.66 -4.02
C CYS C 118 5.47 -17.16 -4.43
N TYR C 119 4.42 -17.93 -4.04
CA TYR C 119 4.17 -19.36 -4.31
C TYR C 119 2.96 -19.44 -5.28
N ARG C 120 1.84 -18.77 -4.93
CA ARG C 120 0.65 -18.68 -5.75
C ARG C 120 0.14 -17.26 -5.71
N GLN C 121 -0.22 -16.71 -6.89
CA GLN C 121 -0.72 -15.35 -7.03
C GLN C 121 -1.91 -15.32 -8.01
N ALA C 122 -3.10 -14.86 -7.56
CA ALA C 122 -4.28 -14.78 -8.42
C ALA C 122 -4.31 -13.40 -9.09
N VAL C 123 -4.18 -13.33 -10.44
CA VAL C 123 -4.15 -12.06 -11.19
C VAL C 123 -5.33 -11.95 -12.17
N CYS C 124 -6.10 -10.83 -12.05
CA CYS C 124 -7.25 -10.51 -12.89
C CYS C 124 -6.88 -9.37 -13.88
N ILE C 125 -6.85 -9.70 -15.19
CA ILE C 125 -6.54 -8.79 -16.31
C ILE C 125 -7.83 -8.21 -16.90
N GLY C 126 -7.87 -6.88 -17.08
CA GLY C 126 -9.05 -6.18 -17.60
C GLY C 126 -8.81 -4.88 -18.36
N SER C 127 -9.85 -4.40 -19.08
CA SER C 127 -9.83 -3.17 -19.89
C SER C 127 -10.75 -2.07 -19.29
N ALA C 128 -10.15 -0.90 -18.93
CA ALA C 128 -10.87 0.25 -18.35
C ALA C 128 -11.73 0.95 -19.40
N LEU C 129 -13.04 1.09 -19.11
CA LEU C 129 -13.97 1.67 -20.06
C LEU C 129 -14.76 2.85 -19.52
N ASN C 130 -15.02 3.83 -20.39
CA ASN C 130 -15.84 5.00 -20.11
C ASN C 130 -17.06 4.96 -21.04
N ILE D 51 13.95 37.26 26.08
CA ILE D 51 13.27 35.96 26.20
C ILE D 51 12.06 36.06 27.16
N TYR D 52 10.88 35.58 26.72
CA TYR D 52 9.62 35.56 27.49
C TYR D 52 9.37 34.18 28.11
N THR D 53 8.92 34.14 29.37
CA THR D 53 8.62 32.90 30.08
C THR D 53 7.18 32.43 29.85
N ASN D 54 6.18 33.20 30.34
CA ASN D 54 4.76 32.87 30.22
C ASN D 54 4.06 33.63 29.10
N ALA D 55 2.79 33.25 28.83
CA ALA D 55 1.92 33.85 27.82
C ALA D 55 1.28 35.15 28.32
N GLU D 56 1.10 35.29 29.67
CA GLU D 56 0.50 36.47 30.32
C GLU D 56 1.30 37.75 30.08
N GLU D 57 2.62 37.63 29.88
CA GLU D 57 3.57 38.73 29.62
C GLU D 57 3.30 39.48 28.32
N LEU D 58 2.64 38.81 27.36
CA LEU D 58 2.33 39.37 26.04
C LEU D 58 0.81 39.58 25.78
N VAL D 59 -0.03 39.47 26.85
CA VAL D 59 -1.50 39.62 26.79
C VAL D 59 -1.89 40.98 26.20
N GLY D 60 -2.40 40.91 24.97
CA GLY D 60 -2.86 42.06 24.18
C GLY D 60 -1.75 42.76 23.42
N LYS D 61 -0.93 42.00 22.69
CA LYS D 61 0.14 42.57 21.89
C LYS D 61 0.18 42.01 20.48
N PRO D 62 0.47 42.85 19.45
CA PRO D 62 0.56 42.33 18.08
C PRO D 62 1.94 41.70 17.83
N PHE D 63 1.96 40.36 17.69
CA PHE D 63 3.16 39.54 17.52
C PHE D 63 3.04 38.63 16.28
N ARG D 64 4.19 38.29 15.68
CA ARG D 64 4.25 37.37 14.54
C ARG D 64 5.02 36.11 15.00
N ASP D 65 4.32 34.95 15.05
CA ASP D 65 4.90 33.67 15.47
C ASP D 65 5.55 32.99 14.27
N LEU D 66 6.89 33.13 14.16
CA LEU D 66 7.72 32.58 13.08
C LEU D 66 7.66 31.07 12.97
N GLY D 67 7.40 30.40 14.10
CA GLY D 67 7.29 28.96 14.20
C GLY D 67 7.82 28.41 15.51
N GLU D 68 8.64 27.35 15.41
CA GLU D 68 9.26 26.69 16.56
C GLU D 68 10.78 26.66 16.40
N VAL D 69 11.49 26.85 17.53
CA VAL D 69 12.96 26.82 17.63
C VAL D 69 13.39 25.98 18.83
N SER D 70 14.53 25.28 18.69
CA SER D 70 15.05 24.45 19.77
C SER D 70 16.52 24.71 19.97
N GLY D 71 16.98 24.42 21.18
CA GLY D 71 18.38 24.54 21.60
C GLY D 71 18.70 23.50 22.65
N ASP D 72 19.81 22.74 22.46
CA ASP D 72 20.18 21.68 23.41
C ASP D 72 21.69 21.54 23.66
N SER D 73 22.03 20.85 24.77
CA SER D 73 23.38 20.53 25.21
C SER D 73 23.44 19.04 25.52
N CYS D 74 24.39 18.31 24.91
CA CYS D 74 24.56 16.85 25.03
C CYS D 74 25.72 16.42 25.98
N GLN D 75 25.47 15.34 26.78
CA GLN D 75 26.40 14.68 27.71
C GLN D 75 26.41 13.19 27.33
N ALA D 76 27.50 12.71 26.68
CA ALA D 76 27.63 11.34 26.18
C ALA D 76 27.86 10.25 27.24
N SER D 77 28.62 10.57 28.31
CA SER D 77 28.94 9.61 29.39
C SER D 77 28.92 10.28 30.76
N ASN D 78 29.07 9.48 31.83
CA ASN D 78 29.10 9.93 33.22
C ASN D 78 30.30 10.81 33.46
N GLN D 79 31.47 10.43 32.90
CA GLN D 79 32.73 11.16 33.09
C GLN D 79 32.95 12.32 32.06
N ASP D 80 31.81 12.87 31.52
CA ASP D 80 31.76 13.99 30.56
C ASP D 80 31.10 15.23 31.18
N SER D 81 31.20 16.40 30.48
CA SER D 81 30.60 17.69 30.88
C SER D 81 29.11 17.56 31.22
N PRO D 82 28.56 18.31 32.21
CA PRO D 82 27.14 18.14 32.57
C PRO D 82 26.15 18.74 31.56
N PRO D 83 24.84 18.44 31.64
CA PRO D 83 23.90 19.06 30.68
C PRO D 83 23.77 20.56 30.97
N SER D 84 24.21 21.42 30.02
CA SER D 84 24.19 22.87 30.20
C SER D 84 22.90 23.51 29.68
N ILE D 85 21.95 23.77 30.62
CA ILE D 85 20.65 24.41 30.34
C ILE D 85 20.84 25.87 29.81
N PRO D 86 21.80 26.70 30.33
CA PRO D 86 21.98 28.06 29.77
C PRO D 86 22.51 28.07 28.34
N THR D 87 23.27 27.02 27.95
CA THR D 87 23.81 26.87 26.60
C THR D 87 22.65 26.43 25.66
N ALA D 88 21.62 25.73 26.22
CA ALA D 88 20.41 25.25 25.54
C ALA D 88 19.39 26.37 25.32
N ARG D 89 19.42 27.39 26.19
CA ARG D 89 18.55 28.58 26.11
C ARG D 89 19.10 29.54 25.04
N LYS D 90 20.44 29.57 24.89
CA LYS D 90 21.17 30.39 23.93
C LYS D 90 21.05 29.78 22.52
N ARG D 91 21.30 28.45 22.39
CA ARG D 91 21.22 27.71 21.12
C ARG D 91 19.80 27.72 20.53
N MET D 92 18.79 28.05 21.36
CA MET D 92 17.39 28.20 20.99
C MET D 92 17.17 29.63 20.46
N GLN D 93 17.89 30.61 21.04
CA GLN D 93 17.82 32.02 20.62
C GLN D 93 18.54 32.25 19.30
N ILE D 94 19.70 31.60 19.05
CA ILE D 94 20.46 31.71 17.78
C ILE D 94 19.59 31.12 16.65
N ASN D 95 18.79 30.09 16.99
CA ASN D 95 17.84 29.43 16.09
C ASN D 95 16.73 30.42 15.74
N ALA D 96 16.27 31.19 16.73
CA ALA D 96 15.24 32.21 16.59
C ALA D 96 15.78 33.48 15.92
N SER D 97 17.11 33.69 15.96
CA SER D 97 17.78 34.86 15.34
C SER D 97 18.23 34.57 13.91
N LYS D 98 18.14 33.28 13.48
CA LYS D 98 18.38 32.81 12.12
C LYS D 98 16.99 32.79 11.46
N MET D 99 15.97 32.81 12.33
CA MET D 99 14.54 32.92 12.08
C MET D 99 14.22 34.44 12.19
N LYS D 100 15.18 35.21 12.76
CA LYS D 100 15.22 36.65 13.01
C LYS D 100 14.05 37.12 13.90
N ALA D 101 14.34 37.20 15.21
CA ALA D 101 13.44 37.60 16.29
C ALA D 101 14.26 38.30 17.40
N ASN D 102 13.60 39.16 18.21
CA ASN D 102 14.25 39.89 19.31
C ASN D 102 14.37 39.00 20.57
N ALA D 103 13.22 38.45 21.01
CA ALA D 103 13.10 37.58 22.17
C ALA D 103 12.31 36.32 21.78
N VAL D 104 12.53 35.22 22.52
CA VAL D 104 11.89 33.91 22.27
C VAL D 104 10.89 33.54 23.38
N LEU D 105 9.77 32.90 23.01
CA LEU D 105 8.75 32.44 23.96
C LEU D 105 9.06 31.00 24.39
N LEU D 106 9.77 30.87 25.52
CA LEU D 106 10.22 29.61 26.15
C LEU D 106 9.02 28.75 26.61
N HIS D 107 8.88 27.54 26.07
CA HIS D 107 7.80 26.63 26.43
C HIS D 107 8.14 25.88 27.71
N SER D 108 9.11 24.92 27.66
CA SER D 108 9.54 24.12 28.82
C SER D 108 10.95 23.55 28.65
N CYS D 109 11.89 23.95 29.53
CA CYS D 109 13.27 23.45 29.54
C CYS D 109 13.28 22.15 30.36
N GLU D 110 13.58 21.01 29.72
CA GLU D 110 13.63 19.68 30.36
C GLU D 110 14.93 18.93 29.99
N VAL D 111 15.48 18.11 30.93
CA VAL D 111 16.72 17.35 30.74
C VAL D 111 16.41 15.87 30.42
N THR D 112 16.51 15.52 29.12
CA THR D 112 16.21 14.20 28.58
C THR D 112 17.10 13.09 29.10
N SER D 113 16.47 11.94 29.34
CA SER D 113 17.10 10.72 29.80
C SER D 113 17.41 9.79 28.63
N GLY D 114 16.48 9.72 27.66
CA GLY D 114 16.57 8.84 26.50
C GLY D 114 16.83 9.49 25.15
N THR D 115 18.07 9.97 24.94
CA THR D 115 18.50 10.54 23.66
C THR D 115 19.42 9.52 22.96
N PRO D 116 19.08 9.08 21.72
CA PRO D 116 19.87 8.06 21.04
C PRO D 116 21.22 8.49 20.45
N GLY D 117 21.96 9.29 21.20
CA GLY D 117 23.28 9.79 20.81
C GLY D 117 24.09 10.22 22.01
N CYS D 118 23.45 10.29 23.19
CA CYS D 118 24.06 10.71 24.45
C CYS D 118 23.54 9.87 25.64
N TYR D 119 23.78 10.36 26.87
CA TYR D 119 23.37 9.82 28.18
C TYR D 119 22.31 10.78 28.76
N ARG D 120 22.63 12.08 28.81
CA ARG D 120 21.72 13.14 29.26
C ARG D 120 21.85 14.33 28.35
N GLN D 121 20.72 14.91 27.93
CA GLN D 121 20.68 16.06 27.02
C GLN D 121 19.62 17.07 27.50
N ALA D 122 20.01 18.33 27.80
CA ALA D 122 19.07 19.36 28.23
C ALA D 122 18.56 20.12 27.01
N VAL D 123 17.25 20.02 26.69
CA VAL D 123 16.65 20.68 25.52
C VAL D 123 15.59 21.74 25.89
N CYS D 124 15.78 22.98 25.40
CA CYS D 124 14.87 24.12 25.60
C CYS D 124 14.07 24.43 24.31
N ILE D 125 12.73 24.20 24.36
CA ILE D 125 11.78 24.43 23.26
C ILE D 125 11.14 25.81 23.39
N GLY D 126 11.12 26.56 22.27
CA GLY D 126 10.57 27.92 22.24
C GLY D 126 10.00 28.41 20.92
N SER D 127 9.25 29.53 20.97
CA SER D 127 8.60 30.16 19.81
C SER D 127 9.22 31.53 19.48
N ALA D 128 9.77 31.69 18.25
CA ALA D 128 10.40 32.93 17.75
C ALA D 128 9.35 34.00 17.49
N LEU D 129 9.51 35.18 18.12
CA LEU D 129 8.53 36.25 17.98
C LEU D 129 9.12 37.56 17.52
N ASN D 130 8.34 38.31 16.72
CA ASN D 130 8.66 39.65 16.25
C ASN D 130 7.58 40.58 16.80
N ILE D 131 7.89 41.29 17.90
CA ILE D 131 6.90 42.16 18.54
C ILE D 131 7.22 43.62 18.24
#